data_2A9G
#
_entry.id   2A9G
#
_cell.length_a   91.1
_cell.length_b   120.7
_cell.length_c   151.0
_cell.angle_alpha   90
_cell.angle_beta   90
_cell.angle_gamma   90
#
_symmetry.space_group_name_H-M   'P 21 21 21'
#
loop_
_entity.id
_entity.type
_entity.pdbx_description
1 polymer 'Arginine deiminase'
2 non-polymer ARGININE
3 water water
#
_entity_poly.entity_id   1
_entity_poly.type   'polypeptide(L)'
_entity_poly.pdbx_seq_one_letter_code
;MSTEKTKLGVHSEAGKLRKVMVCSPGLAHQRLTPSNCDELLFDDVIWVNQAKRDHFDFVTKMRERGIDVLEMHNLLTETI
QNPEALKWILDRKITADSVGLGLTSELRSWLESLEPRKLAEYLIGGVAADDLPASEGANILKMYREYLGHSSFLLPPLPN
TQFTRDTTCWIYGGVTLNPMYWPARRQETLLTTAIYKFHPEFANAEFEIWYGDPDKDHGSSTLEGGDVMPIGNGVVLIGM
GERSSRQAIGQVAQSLFAKGAAERVIVAGLPKSRAAMHLDTVFSFCDRDLVTVFPEVVKEIVPFSLRPDPSSPYGMNIRR
EEKTFLEVVAESLGLKKLRVVETGGNSFAAEREQWDDGNNVVCLEPGVVVGYDRNTYTNTLLRKAGVEVITISASELGRG
RGGGHAMTCPIVRDPIDY
;
_entity_poly.pdbx_strand_id   A,B,C,D
#
# COMPACT_ATOMS: atom_id res chain seq x y z
N THR A 6 -29.31 23.29 -33.86
CA THR A 6 -28.10 24.13 -33.57
C THR A 6 -26.77 23.39 -33.78
N LYS A 7 -25.75 24.14 -34.20
CA LYS A 7 -24.44 23.57 -34.42
C LYS A 7 -23.87 23.07 -33.11
N LEU A 8 -23.35 21.85 -33.11
CA LEU A 8 -22.78 21.27 -31.89
C LEU A 8 -21.76 22.22 -31.26
N GLY A 9 -21.71 22.23 -29.94
CA GLY A 9 -20.69 23.02 -29.27
C GLY A 9 -21.11 23.38 -27.86
N VAL A 10 -20.10 23.51 -26.99
CA VAL A 10 -20.29 23.83 -25.56
C VAL A 10 -19.65 25.20 -25.26
N HIS A 11 -20.48 26.17 -24.87
CA HIS A 11 -19.98 27.52 -24.64
C HIS A 11 -19.92 28.06 -23.21
N SER A 12 -19.91 27.17 -22.20
CA SER A 12 -19.87 27.60 -20.80
C SER A 12 -20.09 26.39 -19.93
N GLU A 13 -20.16 26.59 -18.61
CA GLU A 13 -20.39 25.50 -17.66
C GLU A 13 -21.80 25.63 -17.06
N ALA A 14 -22.43 26.79 -17.25
CA ALA A 14 -23.72 27.05 -16.61
C ALA A 14 -24.93 27.38 -17.46
N GLY A 15 -24.72 27.58 -18.76
CA GLY A 15 -25.85 27.93 -19.61
C GLY A 15 -26.77 26.75 -19.92
N LYS A 16 -27.94 27.04 -20.49
CA LYS A 16 -28.86 25.98 -20.81
C LYS A 16 -28.17 24.89 -21.62
N LEU A 17 -28.28 23.66 -21.10
CA LEU A 17 -27.70 22.46 -21.59
C LEU A 17 -28.74 21.85 -22.56
N ARG A 18 -28.40 21.83 -23.85
CA ARG A 18 -29.32 21.30 -24.86
C ARG A 18 -29.15 19.81 -25.12
N LYS A 19 -27.87 19.40 -25.24
CA LYS A 19 -27.53 18.01 -25.57
C LYS A 19 -26.33 17.51 -24.73
N VAL A 20 -26.54 16.38 -24.03
CA VAL A 20 -25.54 15.71 -23.17
C VAL A 20 -25.39 14.24 -23.49
N MET A 21 -24.19 13.73 -23.27
CA MET A 21 -23.97 12.31 -23.46
C MET A 21 -23.64 11.64 -22.11
N VAL A 22 -24.39 10.61 -21.79
CA VAL A 22 -24.19 9.89 -20.53
C VAL A 22 -24.04 8.44 -20.88
N CYS A 23 -23.44 7.67 -20.00
CA CYS A 23 -23.29 6.26 -20.29
C CYS A 23 -23.72 5.46 -19.11
N SER A 24 -24.77 4.69 -19.30
CA SER A 24 -25.30 3.88 -18.22
C SER A 24 -24.43 2.71 -17.77
N PRO A 25 -24.52 2.37 -16.49
CA PRO A 25 -23.74 1.24 -15.99
C PRO A 25 -24.12 0.06 -16.89
N GLY A 26 -23.21 -0.89 -17.09
CA GLY A 26 -23.58 -2.02 -17.90
C GLY A 26 -22.83 -3.28 -17.52
N LEU A 27 -22.53 -4.07 -18.55
CA LEU A 27 -21.79 -5.31 -18.43
C LEU A 27 -20.40 -5.08 -17.80
N ALA A 28 -19.79 -3.93 -18.07
CA ALA A 28 -18.48 -3.63 -17.52
C ALA A 28 -18.48 -3.73 -16.02
N HIS A 29 -19.52 -3.15 -15.41
CA HIS A 29 -19.64 -3.14 -13.97
C HIS A 29 -20.03 -4.52 -13.45
N GLN A 30 -20.61 -5.35 -14.31
CA GLN A 30 -21.00 -6.67 -13.89
C GLN A 30 -19.68 -7.43 -13.76
N ARG A 31 -18.65 -6.91 -14.40
CA ARG A 31 -17.37 -7.58 -14.36
C ARG A 31 -16.47 -7.09 -13.24
N LEU A 32 -16.96 -6.18 -12.41
CA LEU A 32 -16.16 -5.71 -11.30
C LEU A 32 -16.06 -6.84 -10.27
N THR A 33 -14.92 -6.95 -9.63
CA THR A 33 -14.69 -7.97 -8.63
C THR A 33 -13.92 -7.30 -7.49
N PRO A 34 -13.95 -7.88 -6.29
CA PRO A 34 -13.21 -7.23 -5.21
C PRO A 34 -11.74 -7.06 -5.48
N SER A 35 -11.13 -8.09 -6.07
CA SER A 35 -9.72 -7.99 -6.32
C SER A 35 -9.38 -7.18 -7.57
N ASN A 36 -10.38 -6.72 -8.32
CA ASN A 36 -10.06 -5.90 -9.49
C ASN A 36 -10.67 -4.51 -9.55
N CYS A 37 -11.59 -4.20 -8.65
CA CYS A 37 -12.23 -2.90 -8.74
C CYS A 37 -11.30 -1.68 -8.71
N ASP A 38 -10.27 -1.73 -7.88
CA ASP A 38 -9.31 -0.65 -7.73
C ASP A 38 -8.54 -0.39 -9.00
N GLU A 39 -8.13 -1.48 -9.61
CA GLU A 39 -7.39 -1.36 -10.84
C GLU A 39 -8.37 -0.84 -11.91
N LEU A 40 -9.65 -1.15 -11.76
CA LEU A 40 -10.68 -0.70 -12.70
C LEU A 40 -11.20 0.70 -12.27
N LEU A 41 -10.48 1.31 -11.32
CA LEU A 41 -10.78 2.65 -10.81
C LEU A 41 -12.07 2.83 -10.04
N PHE A 42 -12.48 1.79 -9.30
CA PHE A 42 -13.70 1.86 -8.46
C PHE A 42 -13.44 1.53 -7.00
N ASP A 43 -14.11 2.27 -6.11
CA ASP A 43 -13.97 2.09 -4.66
C ASP A 43 -14.45 0.75 -4.21
N ASP A 44 -15.23 0.08 -5.04
CA ASP A 44 -15.75 -1.20 -4.62
C ASP A 44 -16.69 -1.70 -5.72
N VAL A 45 -17.14 -2.95 -5.58
CA VAL A 45 -18.09 -3.49 -6.52
C VAL A 45 -19.36 -2.66 -6.24
N ILE A 46 -20.26 -2.63 -7.21
CA ILE A 46 -21.53 -1.94 -7.05
C ILE A 46 -22.65 -2.95 -7.33
N TRP A 47 -23.87 -2.56 -6.95
CA TRP A 47 -25.05 -3.35 -7.21
C TRP A 47 -25.49 -2.80 -8.57
N VAL A 48 -25.09 -3.46 -9.66
CA VAL A 48 -25.38 -2.97 -11.01
C VAL A 48 -26.81 -2.64 -11.33
N ASN A 49 -27.76 -3.54 -11.03
CA ASN A 49 -29.16 -3.22 -11.37
C ASN A 49 -29.69 -1.96 -10.77
N GLN A 50 -29.43 -1.81 -9.47
CA GLN A 50 -29.86 -0.60 -8.80
C GLN A 50 -29.13 0.59 -9.44
N ALA A 51 -27.86 0.42 -9.76
CA ALA A 51 -27.13 1.52 -10.40
C ALA A 51 -27.78 1.87 -11.74
N LYS A 52 -28.31 0.90 -12.50
CA LYS A 52 -28.94 1.27 -13.76
C LYS A 52 -30.18 2.09 -13.46
N ARG A 53 -30.89 1.69 -12.40
CA ARG A 53 -32.08 2.43 -12.01
C ARG A 53 -31.71 3.88 -11.61
N ASP A 54 -30.67 4.03 -10.79
CA ASP A 54 -30.19 5.36 -10.34
C ASP A 54 -29.71 6.24 -11.52
N HIS A 55 -29.07 5.60 -12.49
CA HIS A 55 -28.63 6.29 -13.66
C HIS A 55 -29.80 6.68 -14.57
N PHE A 56 -30.79 5.80 -14.69
CA PHE A 56 -31.95 6.10 -15.53
C PHE A 56 -32.74 7.29 -14.93
N ASP A 57 -32.99 7.23 -13.63
CA ASP A 57 -33.69 8.29 -12.92
C ASP A 57 -32.98 9.58 -13.24
N PHE A 58 -31.65 9.50 -13.32
CA PHE A 58 -30.81 10.65 -13.60
C PHE A 58 -31.09 11.09 -15.06
N VAL A 59 -31.11 10.12 -15.96
CA VAL A 59 -31.35 10.41 -17.35
C VAL A 59 -32.65 11.16 -17.44
N THR A 60 -33.62 10.58 -16.76
CA THR A 60 -34.99 11.08 -16.72
C THR A 60 -35.15 12.49 -16.19
N LYS A 61 -34.47 12.77 -15.07
CA LYS A 61 -34.56 14.09 -14.50
C LYS A 61 -34.03 15.15 -15.45
N MET A 62 -33.25 14.77 -16.44
CA MET A 62 -32.79 15.76 -17.39
C MET A 62 -33.63 15.68 -18.67
N ARG A 63 -34.08 14.47 -19.02
CA ARG A 63 -34.88 14.26 -20.24
C ARG A 63 -36.33 14.56 -19.95
N GLU A 64 -36.55 15.46 -19.00
CA GLU A 64 -37.89 15.85 -18.65
C GLU A 64 -37.77 17.36 -18.46
N ARG A 65 -36.56 17.85 -18.67
CA ARG A 65 -36.27 19.27 -18.59
C ARG A 65 -36.07 19.79 -19.99
N GLY A 66 -36.32 18.92 -20.97
CA GLY A 66 -36.17 19.27 -22.37
C GLY A 66 -34.76 19.04 -22.93
N ILE A 67 -33.88 18.53 -22.08
CA ILE A 67 -32.50 18.28 -22.49
C ILE A 67 -32.45 16.96 -23.25
N ASP A 68 -31.82 16.96 -24.42
CA ASP A 68 -31.72 15.73 -25.21
C ASP A 68 -30.48 15.01 -24.70
N VAL A 69 -30.73 13.99 -23.89
CA VAL A 69 -29.73 13.14 -23.28
C VAL A 69 -29.45 11.97 -24.21
N LEU A 70 -28.19 11.86 -24.62
CA LEU A 70 -27.75 10.77 -25.49
C LEU A 70 -27.03 9.72 -24.64
N GLU A 71 -27.44 8.47 -24.78
CA GLU A 71 -26.84 7.37 -24.02
C GLU A 71 -25.82 6.67 -24.92
N MET A 72 -24.62 6.53 -24.39
CA MET A 72 -23.53 5.90 -25.12
C MET A 72 -23.82 4.48 -25.68
N HIS A 73 -24.44 3.58 -24.93
CA HIS A 73 -24.72 2.25 -25.52
C HIS A 73 -25.63 2.34 -26.75
N ASN A 74 -26.69 3.12 -26.65
CA ASN A 74 -27.62 3.29 -27.77
C ASN A 74 -26.90 3.93 -28.96
N LEU A 75 -25.93 4.80 -28.70
CA LEU A 75 -25.20 5.41 -29.79
C LEU A 75 -24.22 4.42 -30.45
N LEU A 76 -23.46 3.67 -29.64
CA LEU A 76 -22.56 2.72 -30.23
C LEU A 76 -23.44 1.81 -31.08
N THR A 77 -24.43 1.21 -30.44
CA THR A 77 -25.36 0.30 -31.10
C THR A 77 -25.82 0.74 -32.49
N GLU A 78 -26.27 1.97 -32.62
CA GLU A 78 -26.71 2.51 -33.90
C GLU A 78 -25.54 2.75 -34.81
N THR A 79 -24.41 2.97 -34.19
CA THR A 79 -23.21 3.26 -34.90
C THR A 79 -22.62 2.00 -35.53
N ILE A 80 -22.69 0.87 -34.82
CA ILE A 80 -22.17 -0.36 -35.42
C ILE A 80 -23.18 -1.02 -36.35
N GLN A 81 -24.44 -0.65 -36.28
CA GLN A 81 -25.37 -1.25 -37.21
C GLN A 81 -24.85 -0.96 -38.64
N ASN A 82 -24.03 0.09 -38.76
CA ASN A 82 -23.40 0.52 -40.02
C ASN A 82 -22.18 -0.32 -40.29
N PRO A 83 -22.23 -1.19 -41.30
CA PRO A 83 -21.12 -2.09 -41.67
C PRO A 83 -19.72 -1.50 -41.70
N GLU A 84 -19.63 -0.34 -42.33
CA GLU A 84 -18.39 0.38 -42.46
C GLU A 84 -17.85 0.76 -41.07
N ALA A 85 -18.72 1.40 -40.30
CA ALA A 85 -18.44 1.85 -38.96
C ALA A 85 -17.97 0.72 -38.02
N LEU A 86 -18.54 -0.47 -38.19
CA LEU A 86 -18.17 -1.59 -37.36
C LEU A 86 -16.82 -2.15 -37.84
N LYS A 87 -16.54 -1.97 -39.13
CA LYS A 87 -15.29 -2.43 -39.70
C LYS A 87 -14.15 -1.58 -39.10
N TRP A 88 -14.42 -0.29 -38.96
CA TRP A 88 -13.46 0.71 -38.45
C TRP A 88 -12.94 0.51 -37.02
N ILE A 89 -13.79 0.01 -36.14
CA ILE A 89 -13.48 -0.19 -34.74
C ILE A 89 -12.72 -1.48 -34.53
N LEU A 90 -13.29 -2.59 -34.99
CA LEU A 90 -12.66 -3.89 -34.82
C LEU A 90 -11.28 -3.92 -35.51
N ASP A 91 -11.18 -3.29 -36.68
CA ASP A 91 -9.91 -3.23 -37.42
C ASP A 91 -8.81 -2.65 -36.50
N ARG A 92 -9.20 -1.75 -35.61
CA ARG A 92 -8.25 -1.11 -34.70
C ARG A 92 -8.30 -1.66 -33.29
N LYS A 93 -9.37 -2.39 -32.94
CA LYS A 93 -9.46 -2.88 -31.58
C LYS A 93 -8.96 -4.32 -31.45
N ILE A 94 -9.41 -5.18 -32.34
CA ILE A 94 -9.02 -6.58 -32.35
C ILE A 94 -7.70 -6.74 -33.13
N THR A 95 -6.60 -6.98 -32.45
CA THR A 95 -5.32 -7.08 -33.16
C THR A 95 -4.30 -8.01 -32.49
N ALA A 96 -3.19 -8.25 -33.18
CA ALA A 96 -2.13 -9.10 -32.66
C ALA A 96 -1.55 -8.61 -31.32
N ASP A 97 -1.63 -7.30 -31.07
CA ASP A 97 -1.07 -6.80 -29.83
C ASP A 97 -2.07 -6.66 -28.68
N SER A 98 -3.37 -6.80 -28.97
CA SER A 98 -4.40 -6.67 -27.91
C SER A 98 -5.06 -8.00 -27.49
N VAL A 99 -5.49 -8.74 -28.50
CA VAL A 99 -6.20 -10.00 -28.37
C VAL A 99 -5.35 -11.26 -28.42
N GLY A 100 -4.44 -11.33 -29.40
CA GLY A 100 -3.61 -12.52 -29.54
C GLY A 100 -3.82 -13.10 -30.93
N LEU A 101 -2.74 -13.47 -31.61
CA LEU A 101 -2.87 -13.97 -32.97
C LEU A 101 -3.61 -15.29 -33.08
N GLY A 102 -3.80 -15.94 -31.93
CA GLY A 102 -4.52 -17.19 -31.92
C GLY A 102 -6.00 -16.97 -31.62
N LEU A 103 -6.42 -15.73 -31.42
CA LEU A 103 -7.81 -15.46 -31.10
C LEU A 103 -8.49 -14.37 -31.96
N THR A 104 -7.72 -13.42 -32.46
CA THR A 104 -8.30 -12.36 -33.25
C THR A 104 -9.38 -12.77 -34.26
N SER A 105 -9.14 -13.88 -34.94
CA SER A 105 -10.08 -14.38 -35.98
C SER A 105 -11.44 -14.76 -35.43
N GLU A 106 -11.45 -15.65 -34.43
CA GLU A 106 -12.70 -16.10 -33.82
C GLU A 106 -13.45 -15.03 -33.02
N LEU A 107 -12.70 -14.28 -32.22
CA LEU A 107 -13.30 -13.21 -31.42
C LEU A 107 -14.09 -12.34 -32.40
N ARG A 108 -13.43 -11.82 -33.43
CA ARG A 108 -14.10 -11.00 -34.42
C ARG A 108 -15.27 -11.69 -35.14
N SER A 109 -15.11 -12.98 -35.43
CA SER A 109 -16.16 -13.74 -36.08
C SER A 109 -17.41 -13.70 -35.20
N TRP A 110 -17.32 -14.27 -34.01
CA TRP A 110 -18.43 -14.30 -33.07
C TRP A 110 -19.05 -12.91 -32.87
N LEU A 111 -18.22 -11.90 -32.58
CA LEU A 111 -18.74 -10.55 -32.41
C LEU A 111 -19.55 -10.10 -33.65
N GLU A 112 -18.99 -10.30 -34.86
CA GLU A 112 -19.68 -9.90 -36.10
C GLU A 112 -20.95 -10.70 -36.32
N SER A 113 -21.11 -11.75 -35.53
CA SER A 113 -22.28 -12.60 -35.61
C SER A 113 -23.38 -12.00 -34.76
N LEU A 114 -23.00 -11.39 -33.63
CA LEU A 114 -23.90 -10.77 -32.65
C LEU A 114 -24.89 -9.68 -33.11
N GLU A 115 -26.03 -9.59 -32.43
CA GLU A 115 -27.01 -8.57 -32.75
C GLU A 115 -26.34 -7.26 -32.32
N PRO A 116 -26.46 -6.21 -33.15
CA PRO A 116 -25.85 -4.90 -32.83
C PRO A 116 -25.81 -4.49 -31.37
N ARG A 117 -26.94 -4.62 -30.68
CA ARG A 117 -27.00 -4.22 -29.29
C ARG A 117 -26.20 -5.08 -28.29
N LYS A 118 -25.95 -6.35 -28.60
CA LYS A 118 -25.16 -7.15 -27.65
C LYS A 118 -23.69 -6.96 -28.01
N LEU A 119 -23.45 -6.66 -29.29
CA LEU A 119 -22.10 -6.44 -29.74
C LEU A 119 -21.61 -5.21 -28.98
N ALA A 120 -22.39 -4.12 -29.09
CA ALA A 120 -22.09 -2.87 -28.39
C ALA A 120 -21.98 -3.08 -26.88
N GLU A 121 -22.70 -4.05 -26.36
CA GLU A 121 -22.63 -4.33 -24.93
C GLU A 121 -21.29 -4.95 -24.57
N TYR A 122 -20.74 -5.70 -25.52
CA TYR A 122 -19.45 -6.38 -25.33
C TYR A 122 -18.27 -5.48 -25.63
N LEU A 123 -18.47 -4.44 -26.44
CA LEU A 123 -17.37 -3.53 -26.75
C LEU A 123 -17.11 -2.63 -25.55
N ILE A 124 -18.08 -2.55 -24.68
CA ILE A 124 -17.90 -1.72 -23.50
C ILE A 124 -17.66 -2.60 -22.28
N GLY A 125 -18.37 -3.73 -22.21
CA GLY A 125 -18.26 -4.63 -21.07
C GLY A 125 -17.03 -5.50 -21.10
N GLY A 126 -16.49 -5.74 -22.29
CA GLY A 126 -15.31 -6.55 -22.36
C GLY A 126 -15.72 -7.97 -22.61
N VAL A 127 -14.83 -8.76 -23.18
CA VAL A 127 -15.11 -10.15 -23.53
C VAL A 127 -14.18 -11.13 -22.85
N ALA A 128 -14.80 -12.15 -22.27
CA ALA A 128 -14.08 -13.18 -21.56
C ALA A 128 -13.95 -14.40 -22.43
N ALA A 129 -12.92 -15.18 -22.16
CA ALA A 129 -12.67 -16.39 -22.92
C ALA A 129 -13.93 -17.24 -22.95
N ASP A 130 -14.57 -17.37 -21.79
CA ASP A 130 -15.77 -18.17 -21.69
C ASP A 130 -16.96 -17.61 -22.45
N ASP A 131 -16.80 -16.46 -23.08
CA ASP A 131 -17.93 -15.95 -23.84
C ASP A 131 -17.87 -16.34 -25.33
N LEU A 132 -16.72 -16.81 -25.79
CA LEU A 132 -16.64 -17.21 -27.18
C LEU A 132 -17.04 -18.66 -27.32
N PRO A 133 -17.30 -19.09 -28.55
CA PRO A 133 -17.67 -20.49 -28.79
C PRO A 133 -16.41 -21.33 -28.41
N ALA A 134 -16.52 -22.64 -28.32
CA ALA A 134 -15.35 -23.44 -27.96
C ALA A 134 -14.23 -23.49 -29.02
N SER A 135 -13.00 -23.34 -28.53
CA SER A 135 -11.81 -23.37 -29.37
C SER A 135 -10.71 -23.71 -28.38
N GLU A 136 -9.55 -24.17 -28.84
CA GLU A 136 -8.49 -24.50 -27.91
C GLU A 136 -7.76 -23.21 -27.56
N GLY A 137 -7.85 -22.24 -28.46
CA GLY A 137 -7.22 -20.96 -28.21
C GLY A 137 -7.86 -20.29 -27.00
N ALA A 138 -9.19 -20.36 -26.95
CA ALA A 138 -9.97 -19.77 -25.86
C ALA A 138 -10.01 -20.65 -24.61
N ASN A 139 -9.72 -21.94 -24.74
CA ASN A 139 -9.73 -22.80 -23.56
C ASN A 139 -8.47 -22.66 -22.70
N ILE A 140 -7.33 -22.44 -23.33
CA ILE A 140 -6.10 -22.26 -22.58
C ILE A 140 -6.19 -20.99 -21.72
N LEU A 141 -6.89 -19.96 -22.20
CA LEU A 141 -7.03 -18.72 -21.43
C LEU A 141 -7.74 -19.08 -20.14
N LYS A 142 -8.91 -19.69 -20.30
CA LYS A 142 -9.72 -20.15 -19.16
C LYS A 142 -8.74 -20.83 -18.21
N MET A 143 -7.79 -21.55 -18.81
CA MET A 143 -6.75 -22.29 -18.09
C MET A 143 -5.68 -21.38 -17.46
N TYR A 144 -5.22 -20.35 -18.18
CA TYR A 144 -4.18 -19.45 -17.65
C TYR A 144 -4.73 -18.72 -16.44
N ARG A 145 -5.98 -18.30 -16.58
CA ARG A 145 -6.67 -17.55 -15.54
C ARG A 145 -6.89 -18.31 -14.23
N GLU A 146 -7.32 -19.55 -14.34
CA GLU A 146 -7.57 -20.35 -13.15
C GLU A 146 -6.29 -20.87 -12.59
N TYR A 147 -5.61 -21.62 -13.45
CA TYR A 147 -4.35 -22.23 -13.13
C TYR A 147 -3.31 -21.26 -12.61
N LEU A 148 -3.26 -20.04 -13.15
CA LEU A 148 -2.22 -19.09 -12.71
C LEU A 148 -2.73 -17.73 -12.21
N GLY A 149 -3.95 -17.39 -12.57
CA GLY A 149 -4.48 -16.12 -12.13
C GLY A 149 -4.16 -14.97 -13.06
N HIS A 150 -4.23 -15.24 -14.36
CA HIS A 150 -3.98 -14.25 -15.40
C HIS A 150 -5.32 -13.76 -15.87
N SER A 151 -5.34 -12.62 -16.55
CA SER A 151 -6.58 -12.10 -17.07
C SER A 151 -6.95 -12.92 -18.34
N SER A 152 -8.26 -13.14 -18.52
CA SER A 152 -8.77 -13.89 -19.64
C SER A 152 -9.49 -12.96 -20.61
N PHE A 153 -9.49 -11.68 -20.28
CA PHE A 153 -10.18 -10.73 -21.12
C PHE A 153 -9.56 -10.52 -22.51
N LEU A 154 -10.30 -10.89 -23.55
CA LEU A 154 -9.85 -10.69 -24.93
C LEU A 154 -9.93 -9.17 -25.05
N LEU A 155 -11.08 -8.64 -24.65
CA LEU A 155 -11.35 -7.22 -24.61
C LEU A 155 -11.62 -6.94 -23.14
N PRO A 156 -11.14 -5.81 -22.65
CA PRO A 156 -11.35 -5.46 -21.25
C PRO A 156 -12.66 -4.73 -20.97
N PRO A 157 -13.04 -4.64 -19.69
CA PRO A 157 -14.24 -3.99 -19.15
C PRO A 157 -13.88 -2.52 -19.05
N LEU A 158 -14.71 -1.65 -19.60
CA LEU A 158 -14.45 -0.20 -19.54
C LEU A 158 -15.55 0.46 -18.73
N PRO A 159 -15.66 0.12 -17.43
CA PRO A 159 -16.67 0.65 -16.52
C PRO A 159 -16.74 2.18 -16.41
N ASN A 160 -15.59 2.86 -16.57
CA ASN A 160 -15.58 4.31 -16.44
C ASN A 160 -16.14 5.03 -17.64
N THR A 161 -16.69 4.27 -18.60
CA THR A 161 -17.33 4.95 -19.77
C THR A 161 -18.55 5.64 -19.11
N GLN A 162 -18.94 5.13 -17.94
CA GLN A 162 -20.01 5.70 -17.19
C GLN A 162 -19.67 7.19 -17.00
N PHE A 163 -18.37 7.51 -17.00
CA PHE A 163 -17.86 8.88 -16.85
C PHE A 163 -17.52 9.53 -18.18
N THR A 164 -18.57 9.93 -18.86
CA THR A 164 -18.44 10.53 -20.17
C THR A 164 -17.76 11.87 -20.13
N ARG A 165 -17.76 12.48 -18.97
CA ARG A 165 -17.10 13.77 -18.83
C ARG A 165 -15.66 13.74 -19.29
N ASP A 166 -15.02 12.60 -19.05
CA ASP A 166 -13.57 12.43 -19.30
C ASP A 166 -13.02 11.87 -20.62
N THR A 167 -13.79 11.07 -21.34
CA THR A 167 -13.29 10.42 -22.54
C THR A 167 -13.11 11.41 -23.68
N THR A 168 -13.99 12.40 -23.75
CA THR A 168 -13.89 13.44 -24.78
C THR A 168 -14.51 14.68 -24.16
N CYS A 169 -14.14 15.86 -24.62
CA CYS A 169 -14.82 17.01 -24.07
C CYS A 169 -14.95 17.96 -25.20
N TRP A 170 -16.01 18.79 -25.14
CA TRP A 170 -16.30 19.77 -26.17
C TRP A 170 -15.85 21.17 -25.76
N ILE A 171 -15.11 21.84 -26.66
CA ILE A 171 -14.64 23.17 -26.35
C ILE A 171 -15.08 24.17 -27.39
N TYR A 172 -16.24 24.78 -27.15
CA TYR A 172 -16.80 25.70 -28.12
C TYR A 172 -16.83 25.08 -29.52
N GLY A 173 -17.85 24.31 -29.84
CA GLY A 173 -17.91 23.77 -31.19
C GLY A 173 -16.67 23.04 -31.71
N GLY A 174 -16.03 22.32 -30.82
CA GLY A 174 -14.88 21.53 -31.19
C GLY A 174 -14.82 20.46 -30.13
N VAL A 175 -14.16 19.36 -30.36
CA VAL A 175 -14.10 18.35 -29.32
C VAL A 175 -12.71 17.72 -29.33
N THR A 176 -12.28 17.21 -28.18
CA THR A 176 -10.99 16.56 -28.12
C THR A 176 -11.24 15.10 -27.80
N LEU A 177 -10.54 14.23 -28.48
CA LEU A 177 -10.63 12.84 -28.23
C LEU A 177 -9.46 12.58 -27.32
N ASN A 178 -9.70 12.53 -26.01
CA ASN A 178 -8.56 12.47 -25.05
C ASN A 178 -7.80 11.17 -24.79
N PRO A 179 -6.47 11.28 -24.72
CA PRO A 179 -5.56 10.18 -24.45
C PRO A 179 -5.67 9.99 -22.94
N MET A 180 -6.34 8.93 -22.49
CA MET A 180 -6.56 8.69 -21.05
C MET A 180 -5.28 8.42 -20.28
N TYR A 181 -5.24 8.83 -19.01
CA TYR A 181 -4.05 8.65 -18.17
C TYR A 181 -3.87 7.19 -17.70
N TRP A 182 -4.87 6.63 -17.04
CA TRP A 182 -4.75 5.25 -16.62
C TRP A 182 -4.96 4.29 -17.80
N PRO A 183 -4.05 3.32 -17.98
CA PRO A 183 -4.36 2.47 -19.14
C PRO A 183 -5.77 1.86 -19.05
N ALA A 184 -6.28 1.68 -17.83
CA ALA A 184 -7.60 1.11 -17.66
C ALA A 184 -8.71 1.84 -18.41
N ARG A 185 -8.58 3.15 -18.61
CA ARG A 185 -9.61 3.91 -19.36
C ARG A 185 -9.22 4.28 -20.79
N ARG A 186 -8.01 3.91 -21.19
CA ARG A 186 -7.46 4.26 -22.51
C ARG A 186 -8.16 3.73 -23.74
N GLN A 187 -8.85 2.61 -23.62
CA GLN A 187 -9.55 2.07 -24.77
C GLN A 187 -10.89 2.74 -25.06
N GLU A 188 -11.33 3.62 -24.15
CA GLU A 188 -12.62 4.29 -24.26
C GLU A 188 -12.75 5.23 -25.46
N THR A 189 -11.73 6.05 -25.65
CA THR A 189 -11.69 7.01 -26.74
C THR A 189 -12.02 6.38 -28.11
N LEU A 190 -11.46 5.23 -28.41
CA LEU A 190 -11.75 4.61 -29.70
C LEU A 190 -13.26 4.60 -29.93
N LEU A 191 -13.97 3.93 -29.03
CA LEU A 191 -15.41 3.84 -29.14
C LEU A 191 -16.14 5.18 -29.34
N THR A 192 -15.99 6.10 -28.41
CA THR A 192 -16.63 7.40 -28.53
C THR A 192 -16.21 8.05 -29.85
N THR A 193 -14.95 7.85 -30.24
CA THR A 193 -14.49 8.45 -31.49
C THR A 193 -15.25 7.93 -32.72
N ALA A 194 -15.57 6.64 -32.71
CA ALA A 194 -16.33 5.98 -33.78
C ALA A 194 -17.72 6.60 -33.91
N ILE A 195 -18.26 6.98 -32.76
CA ILE A 195 -19.58 7.58 -32.63
C ILE A 195 -19.58 8.94 -33.30
N TYR A 196 -18.66 9.80 -32.91
CA TYR A 196 -18.58 11.12 -33.52
C TYR A 196 -18.30 10.98 -35.02
N LYS A 197 -17.54 9.94 -35.36
CA LYS A 197 -17.15 9.63 -36.72
C LYS A 197 -18.29 9.20 -37.65
N PHE A 198 -19.07 8.22 -37.19
CA PHE A 198 -20.13 7.62 -37.99
C PHE A 198 -21.60 7.81 -37.64
N HIS A 199 -21.91 8.11 -36.37
CA HIS A 199 -23.30 8.26 -35.98
C HIS A 199 -24.01 9.44 -36.63
N PRO A 200 -25.23 9.20 -37.14
CA PRO A 200 -26.03 10.25 -37.80
C PRO A 200 -26.08 11.57 -37.05
N GLU A 201 -25.97 11.52 -35.73
CA GLU A 201 -26.01 12.72 -34.88
C GLU A 201 -24.75 13.54 -34.95
N PHE A 202 -23.72 12.98 -35.58
CA PHE A 202 -22.44 13.65 -35.69
C PHE A 202 -21.84 13.80 -37.08
N ALA A 203 -21.86 12.73 -37.86
CA ALA A 203 -21.29 12.67 -39.20
C ALA A 203 -21.41 13.86 -40.16
N ASN A 204 -22.60 14.37 -40.38
CA ASN A 204 -22.74 15.49 -41.30
C ASN A 204 -22.86 16.80 -40.51
N ALA A 205 -22.29 16.77 -39.32
CA ALA A 205 -22.33 17.91 -38.43
C ALA A 205 -21.07 18.76 -38.53
N GLU A 206 -21.24 20.06 -38.37
CA GLU A 206 -20.12 21.00 -38.41
C GLU A 206 -19.48 21.12 -37.02
N PHE A 207 -18.18 20.87 -36.97
CA PHE A 207 -17.40 20.94 -35.75
C PHE A 207 -15.97 20.44 -35.89
N GLU A 208 -15.09 21.03 -35.12
CA GLU A 208 -13.68 20.69 -35.17
C GLU A 208 -13.21 19.58 -34.20
N ILE A 209 -12.06 19.00 -34.55
CA ILE A 209 -11.42 18.00 -33.72
C ILE A 209 -10.13 18.73 -33.31
N TRP A 210 -10.23 19.49 -32.22
CA TRP A 210 -9.10 20.27 -31.71
C TRP A 210 -7.81 19.48 -31.46
N TYR A 211 -7.93 18.31 -30.85
CA TYR A 211 -6.73 17.57 -30.50
C TYR A 211 -7.15 16.15 -30.16
N GLY A 212 -6.26 15.19 -30.40
CA GLY A 212 -6.58 13.80 -30.13
C GLY A 212 -6.62 12.88 -31.35
N ASP A 213 -6.40 11.59 -31.12
CA ASP A 213 -6.42 10.59 -32.20
C ASP A 213 -6.15 9.18 -31.65
N PRO A 214 -7.21 8.42 -31.40
CA PRO A 214 -7.21 7.06 -30.87
C PRO A 214 -6.24 6.17 -31.64
N ASP A 215 -5.90 6.58 -32.84
CA ASP A 215 -4.96 5.81 -33.66
C ASP A 215 -3.53 6.14 -33.24
N LYS A 216 -3.25 7.42 -33.01
CA LYS A 216 -1.90 7.85 -32.61
C LYS A 216 -1.51 7.45 -31.18
N ASP A 217 -0.22 7.24 -30.95
CA ASP A 217 0.33 6.90 -29.62
C ASP A 217 0.80 8.24 -29.04
N HIS A 218 0.29 8.58 -27.87
CA HIS A 218 0.60 9.86 -27.28
C HIS A 218 1.69 9.95 -26.25
N GLY A 219 2.10 8.79 -25.72
CA GLY A 219 3.14 8.80 -24.73
C GLY A 219 2.77 9.59 -23.49
N SER A 220 3.49 10.70 -23.24
CA SER A 220 3.26 11.50 -22.04
C SER A 220 2.22 12.60 -22.06
N SER A 221 1.64 12.89 -23.24
CA SER A 221 0.58 13.91 -23.37
C SER A 221 -0.76 13.26 -23.01
N THR A 222 -1.35 13.64 -21.88
CA THR A 222 -2.60 13.04 -21.50
C THR A 222 -3.51 14.14 -21.06
N LEU A 223 -4.77 14.06 -21.50
CA LEU A 223 -5.78 15.07 -21.21
C LEU A 223 -7.07 14.34 -20.88
N GLU A 224 -7.79 14.81 -19.86
CA GLU A 224 -9.08 14.22 -19.52
C GLU A 224 -10.09 15.33 -19.25
N GLY A 225 -11.21 15.27 -19.98
CA GLY A 225 -12.31 16.23 -19.89
C GLY A 225 -12.65 16.84 -18.53
N GLY A 226 -12.58 16.04 -17.48
CA GLY A 226 -12.89 16.55 -16.14
C GLY A 226 -12.01 17.73 -15.73
N ASP A 227 -10.88 17.91 -16.45
CA ASP A 227 -9.91 19.00 -16.21
C ASP A 227 -10.18 20.17 -17.15
N VAL A 228 -11.15 19.99 -18.06
CA VAL A 228 -11.49 21.03 -19.05
C VAL A 228 -12.84 21.72 -18.80
N MET A 229 -12.82 23.04 -18.90
CA MET A 229 -13.98 23.86 -18.73
C MET A 229 -13.98 25.05 -19.68
N PRO A 230 -14.90 25.07 -20.65
CA PRO A 230 -14.87 26.18 -21.61
C PRO A 230 -15.90 27.13 -20.99
N ILE A 231 -15.44 28.05 -20.11
CA ILE A 231 -16.35 28.94 -19.32
C ILE A 231 -17.03 30.09 -20.03
N GLY A 232 -16.69 30.45 -21.27
CA GLY A 232 -17.51 31.49 -21.92
C GLY A 232 -16.87 32.80 -22.45
N ASN A 233 -15.58 33.07 -22.29
CA ASN A 233 -15.06 34.34 -22.78
C ASN A 233 -14.09 34.10 -23.92
N GLY A 234 -14.00 32.89 -24.37
CA GLY A 234 -12.99 32.57 -25.34
C GLY A 234 -11.89 32.12 -24.43
N VAL A 235 -12.27 31.99 -23.18
CA VAL A 235 -11.39 31.51 -22.12
C VAL A 235 -11.67 30.02 -21.86
N VAL A 236 -10.62 29.26 -21.60
CA VAL A 236 -10.78 27.85 -21.28
C VAL A 236 -9.97 27.51 -20.02
N LEU A 237 -10.58 26.86 -19.04
CA LEU A 237 -9.86 26.47 -17.82
C LEU A 237 -9.40 25.03 -18.02
N ILE A 238 -8.17 24.71 -17.65
CA ILE A 238 -7.64 23.36 -17.79
C ILE A 238 -6.75 23.00 -16.61
N GLY A 239 -7.13 21.97 -15.88
CA GLY A 239 -6.31 21.54 -14.74
C GLY A 239 -5.07 20.81 -15.23
N MET A 240 -3.97 20.93 -14.50
CA MET A 240 -2.72 20.26 -14.88
C MET A 240 -2.03 19.46 -13.78
N GLY A 241 -1.23 18.47 -14.20
CA GLY A 241 -0.44 17.67 -13.28
C GLY A 241 -1.18 16.64 -12.46
N GLU A 242 -1.66 15.61 -13.13
CA GLU A 242 -2.38 14.56 -12.46
C GLU A 242 -2.95 13.77 -13.65
N ARG A 243 -4.14 14.11 -14.14
CA ARG A 243 -4.66 13.41 -15.31
C ARG A 243 -4.22 14.09 -16.60
N SER A 244 -4.14 15.42 -16.60
CA SER A 244 -3.76 16.20 -17.78
C SER A 244 -2.32 16.72 -17.69
N SER A 245 -1.46 16.37 -18.64
CA SER A 245 -0.05 16.78 -18.63
C SER A 245 0.25 18.06 -19.43
N ARG A 246 1.38 18.69 -19.14
CA ARG A 246 1.68 19.92 -19.86
C ARG A 246 1.87 19.63 -21.34
N GLN A 247 2.41 18.46 -21.65
CA GLN A 247 2.61 18.09 -23.07
C GLN A 247 1.27 18.17 -23.77
N ALA A 248 0.24 17.67 -23.10
CA ALA A 248 -1.11 17.68 -23.64
C ALA A 248 -1.73 19.10 -23.73
N ILE A 249 -1.78 19.79 -22.60
CA ILE A 249 -2.37 21.12 -22.59
C ILE A 249 -1.71 22.09 -23.58
N GLY A 250 -0.40 21.93 -23.78
CA GLY A 250 0.33 22.78 -24.69
C GLY A 250 -0.10 22.61 -26.14
N GLN A 251 -0.42 21.38 -26.51
CA GLN A 251 -0.84 21.09 -27.88
C GLN A 251 -2.29 21.43 -28.17
N VAL A 252 -3.15 21.37 -27.13
CA VAL A 252 -4.57 21.70 -27.22
C VAL A 252 -4.70 23.23 -27.30
N ALA A 253 -3.91 23.88 -26.45
CA ALA A 253 -3.90 25.31 -26.40
C ALA A 253 -3.44 25.86 -27.75
N GLN A 254 -2.38 25.28 -28.29
CA GLN A 254 -1.84 25.74 -29.55
C GLN A 254 -2.85 25.53 -30.67
N SER A 255 -3.61 24.45 -30.60
CA SER A 255 -4.58 24.22 -31.66
C SER A 255 -5.69 25.23 -31.55
N LEU A 256 -6.23 25.36 -30.35
CA LEU A 256 -7.32 26.30 -30.10
C LEU A 256 -6.99 27.73 -30.48
N PHE A 257 -5.73 28.12 -30.30
CA PHE A 257 -5.29 29.46 -30.63
C PHE A 257 -5.18 29.56 -32.18
N ALA A 258 -4.68 28.49 -32.79
CA ALA A 258 -4.50 28.44 -34.23
C ALA A 258 -5.80 28.52 -35.04
N LYS A 259 -6.95 28.16 -34.43
CA LYS A 259 -8.22 28.24 -35.14
C LYS A 259 -9.12 29.33 -34.58
N GLY A 260 -8.58 30.05 -33.62
CA GLY A 260 -9.31 31.15 -33.01
C GLY A 260 -10.42 30.71 -32.10
N ALA A 261 -10.42 29.45 -31.70
CA ALA A 261 -11.47 28.92 -30.82
C ALA A 261 -11.44 29.55 -29.44
N ALA A 262 -10.24 29.84 -28.95
CA ALA A 262 -10.03 30.44 -27.62
C ALA A 262 -8.98 31.54 -27.67
N GLU A 263 -9.16 32.50 -26.77
CA GLU A 263 -8.29 33.65 -26.65
C GLU A 263 -7.30 33.50 -25.51
N ARG A 264 -7.65 32.61 -24.59
CA ARG A 264 -6.84 32.40 -23.41
C ARG A 264 -7.21 31.14 -22.68
N VAL A 265 -6.17 30.47 -22.19
CA VAL A 265 -6.34 29.25 -21.43
C VAL A 265 -5.73 29.45 -20.08
N ILE A 266 -6.52 29.26 -19.04
CA ILE A 266 -6.02 29.40 -17.69
C ILE A 266 -5.68 28.01 -17.16
N VAL A 267 -4.39 27.74 -17.08
CA VAL A 267 -3.91 26.45 -16.60
C VAL A 267 -4.00 26.40 -15.09
N ALA A 268 -4.63 25.35 -14.58
CA ALA A 268 -4.74 25.21 -13.13
C ALA A 268 -3.76 24.15 -12.68
N GLY A 269 -2.71 24.62 -12.02
CA GLY A 269 -1.70 23.74 -11.50
C GLY A 269 -2.25 23.09 -10.25
N LEU A 270 -2.45 21.79 -10.31
CA LEU A 270 -2.96 21.11 -9.14
C LEU A 270 -1.76 20.51 -8.46
N PRO A 271 -1.61 20.74 -7.13
CA PRO A 271 -0.47 20.16 -6.43
C PRO A 271 -0.48 18.66 -6.64
N LYS A 272 0.70 18.07 -6.79
CA LYS A 272 0.76 16.64 -7.02
C LYS A 272 0.16 15.82 -5.88
N SER A 273 -0.07 14.49 -6.13
CA SER A 273 -0.76 13.47 -5.29
C SER A 273 -1.01 12.12 -5.98
N ARG A 274 -0.67 10.98 -5.49
CA ARG A 274 -1.12 9.87 -6.31
C ARG A 274 -2.66 9.84 -6.38
N ALA A 275 -3.29 10.56 -5.44
CA ALA A 275 -4.75 10.65 -5.33
C ALA A 275 -5.20 11.51 -6.49
N ALA A 276 -5.33 10.90 -7.67
CA ALA A 276 -5.71 11.58 -8.88
C ALA A 276 -7.11 12.22 -8.76
N MET A 277 -7.15 13.52 -9.03
CA MET A 277 -8.39 14.23 -8.97
C MET A 277 -8.45 15.25 -10.10
N HIS A 278 -9.63 15.33 -10.73
CA HIS A 278 -9.89 16.23 -11.84
C HIS A 278 -10.31 17.57 -11.28
N LEU A 279 -10.17 18.59 -12.11
CA LEU A 279 -10.58 19.91 -11.69
C LEU A 279 -12.00 19.90 -11.16
N ASP A 280 -12.89 19.22 -11.88
CA ASP A 280 -14.30 19.24 -11.48
C ASP A 280 -14.63 18.55 -10.19
N THR A 281 -13.60 17.93 -9.59
CA THR A 281 -13.78 17.23 -8.31
C THR A 281 -13.55 18.21 -7.15
N VAL A 282 -12.73 19.24 -7.37
CA VAL A 282 -12.46 20.18 -6.30
C VAL A 282 -12.98 21.57 -6.60
N PHE A 283 -13.80 21.70 -7.64
CA PHE A 283 -14.28 23.03 -8.02
C PHE A 283 -15.36 22.95 -9.09
N SER A 284 -16.59 23.36 -8.78
CA SER A 284 -17.67 23.31 -9.76
C SER A 284 -18.42 24.63 -9.92
N PHE A 285 -19.19 24.76 -10.98
CA PHE A 285 -19.95 25.97 -11.18
C PHE A 285 -21.41 25.64 -10.84
N CYS A 286 -22.14 26.54 -10.17
CA CYS A 286 -23.54 26.25 -9.91
C CYS A 286 -24.36 27.35 -10.52
N ASP A 287 -23.70 28.39 -10.96
CA ASP A 287 -24.38 29.54 -11.52
C ASP A 287 -23.39 30.61 -11.98
N ARG A 288 -23.92 31.61 -12.71
CA ARG A 288 -23.12 32.70 -13.25
C ARG A 288 -21.92 33.08 -12.39
N ASP A 289 -22.22 33.43 -11.15
CA ASP A 289 -21.20 33.87 -10.20
C ASP A 289 -21.15 32.99 -8.96
N LEU A 290 -21.34 31.69 -9.12
CA LEU A 290 -21.39 30.83 -7.95
C LEU A 290 -20.68 29.50 -8.18
N VAL A 291 -19.78 29.16 -7.29
CA VAL A 291 -19.02 27.94 -7.41
C VAL A 291 -18.86 27.28 -6.09
N THR A 292 -18.82 25.94 -6.10
CA THR A 292 -18.52 25.21 -4.86
C THR A 292 -17.04 24.84 -5.05
N VAL A 293 -16.31 24.72 -3.94
CA VAL A 293 -14.88 24.40 -4.01
C VAL A 293 -14.42 23.59 -2.84
N PHE A 294 -13.33 22.90 -3.00
CA PHE A 294 -12.70 22.19 -1.92
C PHE A 294 -11.52 23.09 -1.61
N PRO A 295 -11.69 23.98 -0.61
CA PRO A 295 -10.73 24.96 -0.11
C PRO A 295 -9.32 24.44 0.04
N GLU A 296 -9.20 23.34 0.78
CA GLU A 296 -7.93 22.70 1.02
C GLU A 296 -7.15 22.51 -0.27
N VAL A 297 -7.83 22.21 -1.37
CA VAL A 297 -7.13 22.03 -2.64
C VAL A 297 -7.17 23.23 -3.59
N VAL A 298 -8.18 24.07 -3.50
CA VAL A 298 -8.26 25.17 -4.41
C VAL A 298 -7.37 26.38 -4.07
N LYS A 299 -6.90 26.44 -2.84
CA LYS A 299 -6.06 27.55 -2.40
C LYS A 299 -4.61 27.19 -2.69
N GLU A 300 -4.35 25.98 -3.13
CA GLU A 300 -2.97 25.61 -3.41
C GLU A 300 -2.70 25.70 -4.87
N ILE A 301 -3.76 25.78 -5.65
CA ILE A 301 -3.61 25.82 -7.08
C ILE A 301 -3.01 27.11 -7.59
N VAL A 302 -2.01 26.96 -8.46
CA VAL A 302 -1.35 28.11 -9.07
C VAL A 302 -1.80 28.34 -10.53
N PRO A 303 -2.53 29.43 -10.77
CA PRO A 303 -2.94 29.62 -12.17
C PRO A 303 -1.87 30.25 -13.06
N PHE A 304 -1.78 29.77 -14.30
CA PHE A 304 -0.87 30.34 -15.30
C PHE A 304 -1.77 30.66 -16.51
N SER A 305 -1.78 31.91 -16.95
CA SER A 305 -2.56 32.28 -18.14
C SER A 305 -1.67 31.97 -19.33
N LEU A 306 -2.25 31.32 -20.32
CA LEU A 306 -1.53 30.94 -21.52
C LEU A 306 -2.29 31.61 -22.67
N ARG A 307 -1.63 32.51 -23.39
CA ARG A 307 -2.26 33.23 -24.48
C ARG A 307 -1.44 33.14 -25.79
N PRO A 308 -2.10 33.31 -26.95
CA PRO A 308 -1.35 33.24 -28.21
C PRO A 308 -0.28 34.36 -28.28
N ASP A 309 0.77 34.14 -29.05
CA ASP A 309 1.88 35.09 -29.13
C ASP A 309 2.55 35.03 -30.49
N PRO A 310 2.29 36.02 -31.36
CA PRO A 310 2.97 35.91 -32.65
C PRO A 310 4.48 36.04 -32.47
N SER A 311 4.91 36.71 -31.42
CA SER A 311 6.34 36.91 -31.13
C SER A 311 7.01 35.78 -30.33
N SER A 312 6.59 34.54 -30.60
CA SER A 312 7.11 33.36 -29.94
C SER A 312 7.14 32.24 -30.96
N PRO A 313 8.24 31.49 -31.04
CA PRO A 313 8.33 30.40 -32.01
C PRO A 313 7.17 29.40 -31.88
N TYR A 314 6.85 29.00 -30.66
CA TYR A 314 5.75 28.06 -30.46
C TYR A 314 4.38 28.78 -30.41
N GLY A 315 4.38 30.03 -30.89
CA GLY A 315 3.19 30.85 -30.97
C GLY A 315 2.27 31.09 -29.79
N MET A 316 2.84 31.13 -28.58
CA MET A 316 2.08 31.35 -27.33
C MET A 316 2.96 31.97 -26.25
N ASN A 317 2.33 32.42 -25.17
CA ASN A 317 3.06 32.99 -24.05
C ASN A 317 2.48 32.62 -22.69
N ILE A 318 3.31 32.01 -21.84
CA ILE A 318 2.83 31.67 -20.51
C ILE A 318 3.04 32.92 -19.66
N ARG A 319 2.41 32.92 -18.49
CA ARG A 319 2.50 34.04 -17.56
C ARG A 319 1.87 33.46 -16.33
N ARG A 320 2.48 33.67 -15.17
CA ARG A 320 1.90 33.14 -13.94
C ARG A 320 1.01 34.21 -13.33
N GLU A 321 -0.15 33.82 -12.85
CA GLU A 321 -1.09 34.76 -12.24
C GLU A 321 -0.85 34.91 -10.74
N GLU A 322 -0.63 36.15 -10.30
CA GLU A 322 -0.34 36.45 -8.89
C GLU A 322 -1.49 36.31 -7.91
N LYS A 323 -2.71 36.54 -8.36
CA LYS A 323 -3.82 36.37 -7.46
C LYS A 323 -4.17 34.89 -7.38
N THR A 324 -5.34 34.61 -6.82
CA THR A 324 -5.80 33.24 -6.64
C THR A 324 -6.70 32.76 -7.74
N PHE A 325 -6.66 31.45 -7.94
CA PHE A 325 -7.45 30.81 -8.97
C PHE A 325 -8.85 31.43 -9.00
N LEU A 326 -9.57 31.39 -7.87
CA LEU A 326 -10.91 31.97 -7.81
C LEU A 326 -10.94 33.46 -8.20
N GLU A 327 -9.82 34.16 -7.92
CA GLU A 327 -9.70 35.57 -8.26
C GLU A 327 -9.55 35.68 -9.78
N VAL A 328 -8.57 34.96 -10.32
CA VAL A 328 -8.32 34.89 -11.76
C VAL A 328 -9.57 34.52 -12.55
N VAL A 329 -10.16 33.35 -12.25
CA VAL A 329 -11.39 32.95 -12.94
C VAL A 329 -12.40 34.10 -12.86
N ALA A 330 -12.53 34.71 -11.68
CA ALA A 330 -13.42 35.82 -11.52
C ALA A 330 -13.24 36.92 -12.61
N GLU A 331 -12.08 37.55 -12.68
CA GLU A 331 -11.90 38.59 -13.70
C GLU A 331 -12.14 38.02 -15.11
N SER A 332 -11.52 36.87 -15.41
CA SER A 332 -11.64 36.23 -16.71
C SER A 332 -13.08 36.07 -17.10
N LEU A 333 -13.97 36.18 -16.11
CA LEU A 333 -15.41 36.22 -16.42
C LEU A 333 -16.07 37.57 -16.27
N GLY A 334 -15.28 38.58 -15.90
CA GLY A 334 -15.81 39.92 -15.74
C GLY A 334 -16.55 40.16 -14.43
N LEU A 335 -16.04 39.55 -13.36
CA LEU A 335 -16.67 39.65 -12.05
C LEU A 335 -15.89 40.30 -10.89
N LYS A 336 -16.62 40.96 -10.01
CA LYS A 336 -16.02 41.60 -8.83
C LYS A 336 -15.51 40.48 -7.92
N LYS A 337 -16.21 39.35 -7.96
CA LYS A 337 -15.82 38.17 -7.18
C LYS A 337 -16.70 36.98 -7.51
N LEU A 338 -16.38 35.84 -6.92
CA LEU A 338 -17.15 34.62 -7.12
C LEU A 338 -17.81 34.21 -5.82
N ARG A 339 -19.13 34.02 -5.83
CA ARG A 339 -19.81 33.58 -4.59
C ARG A 339 -19.30 32.15 -4.39
N VAL A 340 -19.18 31.76 -3.12
CA VAL A 340 -18.58 30.48 -2.81
C VAL A 340 -19.15 29.59 -1.71
N VAL A 341 -19.22 28.32 -2.04
CA VAL A 341 -19.70 27.32 -1.10
C VAL A 341 -18.53 26.37 -0.99
N GLU A 342 -18.00 26.19 0.22
CA GLU A 342 -16.89 25.28 0.44
C GLU A 342 -17.46 23.92 0.87
N THR A 343 -16.83 22.85 0.38
CA THR A 343 -17.26 21.47 0.64
C THR A 343 -16.18 20.75 1.42
N GLY A 344 -16.00 21.20 2.66
CA GLY A 344 -14.98 20.62 3.54
C GLY A 344 -13.85 21.61 3.76
N ARG A 352 -21.18 21.49 9.27
CA ARG A 352 -21.52 21.02 10.60
C ARG A 352 -22.10 19.63 10.38
N GLU A 353 -22.00 18.76 11.37
CA GLU A 353 -22.44 17.37 11.26
C GLU A 353 -21.34 16.65 10.49
N GLN A 354 -21.67 15.72 9.61
CA GLN A 354 -20.62 14.99 8.90
C GLN A 354 -19.85 15.68 7.77
N TRP A 355 -18.84 14.97 7.27
CA TRP A 355 -18.01 15.41 6.17
C TRP A 355 -18.88 15.37 4.94
N ASP A 356 -18.60 16.25 4.00
CA ASP A 356 -19.43 16.26 2.81
C ASP A 356 -18.66 16.82 1.64
N ASP A 357 -18.91 16.27 0.46
CA ASP A 357 -18.25 16.79 -0.72
C ASP A 357 -19.23 16.92 -1.85
N GLY A 358 -19.82 18.12 -1.90
CA GLY A 358 -20.82 18.43 -2.91
C GLY A 358 -20.24 19.12 -4.12
N ASN A 359 -19.03 18.75 -4.51
CA ASN A 359 -18.46 19.32 -5.72
C ASN A 359 -18.87 18.36 -6.84
N ASN A 360 -18.86 18.79 -8.10
CA ASN A 360 -19.20 17.88 -9.22
C ASN A 360 -20.67 17.83 -9.60
N VAL A 361 -21.41 18.85 -9.23
CA VAL A 361 -22.78 18.91 -9.64
C VAL A 361 -22.66 19.44 -11.06
N VAL A 362 -23.68 19.20 -11.87
CA VAL A 362 -23.69 19.68 -13.23
C VAL A 362 -24.81 20.73 -13.37
N CYS A 363 -24.57 21.84 -14.06
CA CYS A 363 -25.66 22.80 -14.26
C CYS A 363 -26.54 22.30 -15.42
N LEU A 364 -27.85 22.54 -15.33
CA LEU A 364 -28.76 22.17 -16.38
C LEU A 364 -29.12 23.51 -17.03
N GLU A 365 -29.23 24.54 -16.20
CA GLU A 365 -29.56 25.87 -16.67
C GLU A 365 -28.97 26.72 -15.57
N PRO A 366 -28.78 28.02 -15.81
CA PRO A 366 -28.24 28.85 -14.74
C PRO A 366 -29.24 28.82 -13.59
N GLY A 367 -28.79 28.46 -12.39
CA GLY A 367 -29.67 28.40 -11.22
C GLY A 367 -30.21 27.01 -10.88
N VAL A 368 -30.10 26.07 -11.82
CA VAL A 368 -30.56 24.69 -11.64
C VAL A 368 -29.34 23.75 -11.76
N VAL A 369 -29.18 22.88 -10.77
CA VAL A 369 -28.05 21.98 -10.73
C VAL A 369 -28.53 20.59 -10.33
N VAL A 370 -27.76 19.55 -10.68
CA VAL A 370 -28.10 18.17 -10.32
C VAL A 370 -26.89 17.66 -9.49
N GLY A 371 -27.16 17.16 -8.29
CA GLY A 371 -26.10 16.63 -7.45
C GLY A 371 -26.54 15.34 -6.76
N TYR A 372 -25.82 14.96 -5.70
CA TYR A 372 -26.11 13.75 -4.94
C TYR A 372 -26.94 13.97 -3.68
N ASP A 373 -27.86 13.04 -3.41
CA ASP A 373 -28.72 13.19 -2.25
C ASP A 373 -28.01 13.31 -0.92
N ARG A 374 -26.92 12.57 -0.77
CA ARG A 374 -26.14 12.53 0.48
C ARG A 374 -25.37 13.75 0.92
N ASN A 375 -25.33 14.81 0.13
CA ASN A 375 -24.56 15.98 0.55
C ASN A 375 -25.55 17.09 0.89
N THR A 376 -26.38 16.74 1.87
CA THR A 376 -27.44 17.59 2.41
C THR A 376 -26.96 18.97 2.87
N TYR A 377 -25.77 19.03 3.44
CA TYR A 377 -25.22 20.28 3.93
C TYR A 377 -24.74 21.15 2.80
N THR A 378 -24.02 20.58 1.83
CA THR A 378 -23.56 21.42 0.72
C THR A 378 -24.77 21.81 -0.14
N ASN A 379 -25.77 20.94 -0.20
CA ASN A 379 -26.94 21.23 -1.01
C ASN A 379 -27.89 22.27 -0.41
N THR A 380 -27.98 22.34 0.92
CA THR A 380 -28.85 23.33 1.55
C THR A 380 -28.26 24.69 1.29
N LEU A 381 -26.93 24.77 1.42
CA LEU A 381 -26.20 26.00 1.18
C LEU A 381 -26.44 26.45 -0.27
N LEU A 382 -26.21 25.54 -1.21
CA LEU A 382 -26.45 25.85 -2.62
C LEU A 382 -27.82 26.47 -2.75
N ARG A 383 -28.81 25.87 -2.09
CA ARG A 383 -30.18 26.37 -2.12
C ARG A 383 -30.40 27.72 -1.44
N LYS A 384 -29.81 27.90 -0.25
CA LYS A 384 -29.93 29.17 0.41
C LYS A 384 -29.26 30.21 -0.50
N ALA A 385 -28.45 29.73 -1.46
CA ALA A 385 -27.75 30.58 -2.41
C ALA A 385 -28.53 30.69 -3.72
N GLY A 386 -29.82 30.36 -3.66
CA GLY A 386 -30.71 30.46 -4.81
C GLY A 386 -30.64 29.39 -5.89
N VAL A 387 -29.88 28.33 -5.65
CA VAL A 387 -29.77 27.27 -6.63
C VAL A 387 -30.78 26.20 -6.36
N GLU A 388 -31.44 25.73 -7.42
CA GLU A 388 -32.40 24.65 -7.31
C GLU A 388 -31.53 23.40 -7.44
N VAL A 389 -31.57 22.51 -6.47
CA VAL A 389 -30.74 21.33 -6.56
C VAL A 389 -31.56 20.07 -6.69
N ILE A 390 -31.34 19.36 -7.79
CA ILE A 390 -31.99 18.10 -8.04
C ILE A 390 -30.99 17.04 -7.57
N THR A 391 -31.45 16.13 -6.72
CA THR A 391 -30.57 15.08 -6.22
C THR A 391 -30.86 13.70 -6.81
N ILE A 392 -29.80 12.97 -7.06
CA ILE A 392 -29.94 11.60 -7.54
C ILE A 392 -29.10 10.81 -6.54
N SER A 393 -29.39 9.52 -6.40
CA SER A 393 -28.71 8.67 -5.45
C SER A 393 -27.31 8.25 -5.77
N ALA A 394 -26.40 8.57 -4.86
CA ALA A 394 -25.01 8.17 -5.04
C ALA A 394 -24.65 6.79 -4.44
N SER A 395 -25.62 6.06 -3.87
CA SER A 395 -25.30 4.75 -3.26
C SER A 395 -24.42 3.85 -4.13
N GLU A 396 -24.86 3.58 -5.34
CA GLU A 396 -24.10 2.74 -6.27
C GLU A 396 -23.29 3.57 -7.27
N LEU A 397 -23.96 4.54 -7.90
CA LEU A 397 -23.31 5.34 -8.93
C LEU A 397 -22.02 5.99 -8.46
N GLY A 398 -22.05 6.55 -7.26
CA GLY A 398 -20.89 7.22 -6.69
C GLY A 398 -19.70 6.36 -6.34
N ARG A 399 -19.88 5.05 -6.32
CA ARG A 399 -18.79 4.13 -5.98
C ARG A 399 -17.68 4.23 -7.01
N GLY A 400 -18.01 4.79 -8.16
CA GLY A 400 -17.04 4.98 -9.22
C GLY A 400 -16.28 6.29 -9.08
N ARG A 401 -16.41 6.93 -7.93
CA ARG A 401 -15.70 8.19 -7.62
C ARG A 401 -16.00 9.40 -8.49
N GLY A 402 -17.26 9.59 -8.87
CA GLY A 402 -17.61 10.72 -9.69
C GLY A 402 -19.08 11.03 -9.57
N GLY A 403 -19.44 12.28 -9.84
CA GLY A 403 -20.84 12.62 -9.72
C GLY A 403 -21.44 13.09 -11.02
N GLY A 404 -22.43 13.94 -10.87
CA GLY A 404 -23.13 14.50 -12.01
C GLY A 404 -22.23 15.07 -13.09
N HIS A 405 -21.31 15.95 -12.71
CA HIS A 405 -20.43 16.56 -13.69
C HIS A 405 -19.66 15.47 -14.44
N ALA A 406 -19.10 14.52 -13.67
CA ALA A 406 -18.35 13.41 -14.23
C ALA A 406 -19.21 12.48 -15.07
N MET A 407 -20.51 12.47 -14.86
CA MET A 407 -21.34 11.55 -15.62
C MET A 407 -21.98 12.16 -16.88
N THR A 408 -21.57 13.41 -17.15
CA THR A 408 -22.06 14.12 -18.29
C THR A 408 -20.93 14.63 -19.18
N CYS A 409 -21.27 14.68 -20.47
CA CYS A 409 -20.44 15.19 -21.55
C CYS A 409 -21.35 16.15 -22.33
N PRO A 410 -21.19 17.43 -22.06
CA PRO A 410 -22.00 18.44 -22.77
C PRO A 410 -21.53 18.47 -24.23
N ILE A 411 -22.50 18.51 -25.15
CA ILE A 411 -22.16 18.60 -26.56
C ILE A 411 -22.75 19.91 -27.08
N VAL A 412 -23.92 20.29 -26.57
CA VAL A 412 -24.60 21.53 -26.95
C VAL A 412 -25.07 22.27 -25.69
N ARG A 413 -24.42 23.38 -25.37
CA ARG A 413 -24.76 24.20 -24.22
C ARG A 413 -24.55 25.69 -24.55
N ASP A 414 -25.59 26.45 -24.31
CA ASP A 414 -25.62 27.86 -24.58
C ASP A 414 -24.65 28.69 -23.76
N PRO A 415 -24.25 29.87 -24.29
CA PRO A 415 -23.34 30.85 -23.69
C PRO A 415 -24.08 31.47 -22.52
N ILE A 416 -23.44 32.36 -21.77
CA ILE A 416 -24.16 32.98 -20.67
C ILE A 416 -24.30 34.50 -20.80
N ASP A 417 -23.19 35.24 -20.75
CA ASP A 417 -23.17 36.72 -20.85
C ASP A 417 -23.98 37.30 -22.03
N THR B 6 -34.96 -14.95 34.39
CA THR B 6 -34.21 -14.33 33.25
C THR B 6 -32.96 -15.14 32.95
N LYS B 7 -33.06 -16.05 31.98
CA LYS B 7 -31.89 -16.86 31.68
C LYS B 7 -31.34 -16.51 30.32
N LEU B 8 -30.28 -15.70 30.36
CA LEU B 8 -29.62 -15.23 29.18
C LEU B 8 -28.75 -16.39 28.66
N GLY B 9 -28.45 -16.41 27.36
CA GLY B 9 -27.64 -17.47 26.79
C GLY B 9 -28.03 -17.64 25.34
N VAL B 10 -27.07 -17.91 24.49
CA VAL B 10 -27.27 -18.14 23.06
C VAL B 10 -26.86 -19.62 22.83
N HIS B 11 -27.79 -20.52 22.49
CA HIS B 11 -27.53 -22.00 22.45
C HIS B 11 -27.62 -22.60 21.12
N SER B 12 -27.55 -21.66 20.18
CA SER B 12 -27.61 -21.94 18.76
C SER B 12 -27.23 -20.70 17.91
N GLU B 13 -27.13 -20.89 16.55
CA GLU B 13 -27.14 -19.81 15.48
C GLU B 13 -28.45 -19.64 14.71
N ALA B 14 -29.13 -20.76 14.50
CA ALA B 14 -30.39 -20.87 13.77
C ALA B 14 -31.73 -20.71 14.54
N GLY B 15 -31.71 -21.03 15.82
CA GLY B 15 -32.89 -20.95 16.65
C GLY B 15 -33.50 -19.58 16.89
N LYS B 16 -34.63 -19.58 17.61
CA LYS B 16 -35.41 -18.39 17.89
C LYS B 16 -34.84 -17.31 18.81
N LEU B 17 -34.50 -16.25 18.03
CA LEU B 17 -33.89 -15.01 18.46
C LEU B 17 -34.85 -14.28 19.37
N ARG B 18 -34.51 -14.22 20.65
CA ARG B 18 -35.38 -13.56 21.61
C ARG B 18 -34.81 -12.24 22.15
N LYS B 19 -33.48 -12.08 22.11
CA LYS B 19 -32.88 -10.85 22.60
C LYS B 19 -31.52 -10.57 21.93
N VAL B 20 -31.39 -9.42 21.29
CA VAL B 20 -30.15 -9.06 20.62
C VAL B 20 -29.82 -7.66 20.96
N MET B 21 -28.54 -7.38 20.93
CA MET B 21 -28.17 -6.01 21.14
C MET B 21 -27.68 -5.49 19.79
N VAL B 22 -27.96 -4.22 19.52
CA VAL B 22 -27.49 -3.59 18.29
C VAL B 22 -26.89 -2.25 18.73
N CYS B 23 -26.33 -1.52 17.79
CA CYS B 23 -25.78 -0.22 18.05
C CYS B 23 -25.94 0.59 16.75
N SER B 24 -26.81 1.58 16.82
CA SER B 24 -27.11 2.46 15.72
C SER B 24 -25.93 3.32 15.30
N PRO B 25 -25.89 3.75 14.02
CA PRO B 25 -24.74 4.61 13.67
C PRO B 25 -24.90 5.96 14.39
N GLY B 26 -23.80 6.66 14.63
CA GLY B 26 -23.94 7.92 15.34
C GLY B 26 -22.83 8.93 15.17
N LEU B 27 -22.59 9.64 16.26
CA LEU B 27 -21.55 10.66 16.36
C LEU B 27 -20.23 10.08 15.89
N ALA B 28 -19.95 8.84 16.30
CA ALA B 28 -18.72 8.19 15.91
C ALA B 28 -18.58 8.32 14.41
N HIS B 29 -19.61 7.89 13.68
CA HIS B 29 -19.64 7.95 12.21
C HIS B 29 -19.65 9.33 11.60
N GLN B 30 -19.93 10.34 12.41
CA GLN B 30 -19.98 11.71 11.90
C GLN B 30 -18.57 12.21 11.80
N ARG B 31 -17.72 11.52 12.52
CA ARG B 31 -16.32 11.86 12.58
C ARG B 31 -15.48 11.15 11.50
N LEU B 32 -16.09 10.24 10.75
CA LEU B 32 -15.40 9.56 9.66
C LEU B 32 -15.02 10.61 8.61
N THR B 33 -13.80 10.54 8.07
CA THR B 33 -13.37 11.47 7.01
C THR B 33 -12.71 10.59 5.98
N PRO B 34 -12.40 11.12 4.78
CA PRO B 34 -11.76 10.21 3.82
C PRO B 34 -10.32 9.86 4.23
N SER B 35 -9.72 10.68 5.06
CA SER B 35 -8.36 10.38 5.47
C SER B 35 -8.33 9.57 6.76
N ASN B 36 -9.50 9.30 7.34
CA ASN B 36 -9.44 8.52 8.55
C ASN B 36 -10.27 7.24 8.54
N CYS B 37 -11.17 7.11 7.58
CA CYS B 37 -12.00 5.93 7.52
C CYS B 37 -11.17 4.65 7.39
N ASP B 38 -10.08 4.73 6.61
CA ASP B 38 -9.18 3.62 6.39
C ASP B 38 -8.92 2.96 7.75
N GLU B 39 -8.30 3.70 8.67
CA GLU B 39 -7.99 3.13 9.97
C GLU B 39 -9.15 3.00 10.93
N LEU B 40 -10.35 3.48 10.58
CA LEU B 40 -11.50 3.28 11.47
C LEU B 40 -12.25 2.02 11.00
N LEU B 41 -11.64 1.32 10.04
CA LEU B 41 -12.18 0.09 9.49
C LEU B 41 -13.41 0.27 8.63
N PHE B 42 -13.59 1.46 8.07
CA PHE B 42 -14.73 1.73 7.17
C PHE B 42 -14.21 1.87 5.71
N ASP B 43 -15.03 1.52 4.71
CA ASP B 43 -14.62 1.65 3.30
C ASP B 43 -14.67 3.09 2.82
N ASP B 44 -15.50 3.86 3.49
CA ASP B 44 -15.61 5.27 3.14
C ASP B 44 -16.43 5.93 4.23
N VAL B 45 -16.63 7.23 4.08
CA VAL B 45 -17.53 7.99 4.93
C VAL B 45 -18.93 7.48 4.58
N ILE B 46 -19.89 7.56 5.50
CA ILE B 46 -21.26 7.12 5.21
C ILE B 46 -22.29 8.21 5.47
N TRP B 47 -23.38 8.22 4.72
CA TRP B 47 -24.39 9.25 4.92
C TRP B 47 -25.07 8.91 6.24
N VAL B 48 -24.53 9.46 7.33
CA VAL B 48 -25.03 9.16 8.69
C VAL B 48 -26.53 9.25 8.94
N ASN B 49 -27.19 10.35 8.58
CA ASN B 49 -28.63 10.44 8.81
C ASN B 49 -29.32 9.26 8.06
N GLN B 50 -28.93 8.98 6.81
CA GLN B 50 -29.54 7.85 6.06
C GLN B 50 -29.29 6.51 6.76
N ALA B 51 -28.03 6.30 7.11
CA ALA B 51 -27.61 5.13 7.82
C ALA B 51 -28.48 4.89 9.06
N LYS B 52 -28.86 5.98 9.74
CA LYS B 52 -29.69 5.90 10.94
C LYS B 52 -31.08 5.37 10.65
N ARG B 53 -31.67 5.88 9.57
CA ARG B 53 -32.98 5.41 9.14
C ARG B 53 -32.86 3.93 8.75
N ASP B 54 -31.75 3.56 8.10
CA ASP B 54 -31.57 2.16 7.69
C ASP B 54 -31.46 1.19 8.86
N HIS B 55 -30.74 1.64 9.89
CA HIS B 55 -30.56 0.82 11.06
C HIS B 55 -31.93 0.66 11.72
N PHE B 56 -32.67 1.76 11.81
CA PHE B 56 -34.01 1.72 12.41
C PHE B 56 -34.96 0.75 11.70
N ASP B 57 -34.87 0.72 10.39
CA ASP B 57 -35.64 -0.20 9.58
C ASP B 57 -35.31 -1.68 10.00
N PHE B 58 -34.01 -1.98 10.13
CA PHE B 58 -33.46 -3.26 10.52
C PHE B 58 -33.99 -3.59 11.90
N VAL B 59 -33.90 -2.60 12.78
CA VAL B 59 -34.33 -2.74 14.17
C VAL B 59 -35.85 -2.97 14.22
N THR B 60 -36.61 -2.13 13.52
CA THR B 60 -38.05 -2.27 13.52
C THR B 60 -38.48 -3.60 12.94
N LYS B 61 -37.84 -4.00 11.86
CA LYS B 61 -38.21 -5.24 11.28
C LYS B 61 -37.99 -6.38 12.26
N MET B 62 -36.99 -6.28 13.12
CA MET B 62 -36.80 -7.38 14.04
C MET B 62 -37.82 -7.36 15.16
N ARG B 63 -38.18 -6.14 15.61
CA ARG B 63 -39.16 -5.93 16.67
C ARG B 63 -40.58 -6.33 16.24
N GLU B 64 -40.92 -5.99 15.01
CA GLU B 64 -42.22 -6.32 14.52
C GLU B 64 -42.38 -7.86 14.59
N ARG B 65 -41.28 -8.56 14.82
CA ARG B 65 -41.39 -10.00 14.87
C ARG B 65 -41.22 -10.61 16.24
N GLY B 66 -41.41 -9.77 17.24
CA GLY B 66 -41.36 -10.23 18.62
C GLY B 66 -40.04 -10.22 19.35
N ILE B 67 -38.93 -10.12 18.63
CA ILE B 67 -37.62 -10.11 19.22
C ILE B 67 -37.41 -8.88 20.08
N ASP B 68 -36.77 -9.06 21.22
CA ASP B 68 -36.48 -7.90 22.05
C ASP B 68 -35.17 -7.28 21.48
N VAL B 69 -35.23 -6.03 21.04
CA VAL B 69 -34.04 -5.39 20.52
C VAL B 69 -33.68 -4.23 21.38
N LEU B 70 -32.42 -4.26 21.84
CA LEU B 70 -31.85 -3.25 22.74
C LEU B 70 -30.79 -2.37 22.02
N GLU B 71 -30.96 -1.06 22.08
CA GLU B 71 -30.04 -0.14 21.42
C GLU B 71 -28.90 0.14 22.36
N MET B 72 -27.68 -0.09 21.88
CA MET B 72 -26.51 0.12 22.75
C MET B 72 -26.48 1.56 23.30
N HIS B 73 -26.83 2.57 22.52
CA HIS B 73 -26.78 3.92 23.10
C HIS B 73 -27.76 4.01 24.28
N ASN B 74 -28.97 3.51 24.09
CA ASN B 74 -29.95 3.54 25.17
C ASN B 74 -29.45 2.83 26.43
N LEU B 75 -28.86 1.65 26.25
CA LEU B 75 -28.34 0.89 27.39
C LEU B 75 -27.25 1.70 28.05
N LEU B 76 -26.37 2.28 27.25
CA LEU B 76 -25.29 3.06 27.82
C LEU B 76 -25.87 4.17 28.65
N THR B 77 -26.79 4.93 28.04
CA THR B 77 -27.45 6.08 28.65
C THR B 77 -28.03 5.75 30.01
N GLU B 78 -28.77 4.65 30.06
CA GLU B 78 -29.38 4.23 31.30
C GLU B 78 -28.31 3.83 32.33
N THR B 79 -27.23 3.21 31.83
CA THR B 79 -26.12 2.78 32.67
C THR B 79 -25.43 4.02 33.25
N ILE B 80 -25.23 5.02 32.40
CA ILE B 80 -24.61 6.26 32.83
C ILE B 80 -25.32 6.97 34.00
N GLN B 81 -26.64 6.83 34.09
CA GLN B 81 -27.40 7.52 35.15
C GLN B 81 -27.07 7.05 36.56
N ASN B 82 -26.60 5.80 36.67
CA ASN B 82 -26.18 5.23 37.93
C ASN B 82 -24.79 5.81 38.15
N PRO B 83 -24.62 6.71 39.13
CA PRO B 83 -23.33 7.34 39.41
C PRO B 83 -22.11 6.39 39.44
N GLU B 84 -22.28 5.26 40.16
CA GLU B 84 -21.27 4.22 40.31
C GLU B 84 -20.74 3.77 38.96
N ALA B 85 -21.64 3.33 38.10
CA ALA B 85 -21.31 2.85 36.76
C ALA B 85 -20.54 3.92 36.01
N LEU B 86 -21.08 5.13 35.98
CA LEU B 86 -20.42 6.25 35.32
C LEU B 86 -18.95 6.29 35.84
N LYS B 87 -18.78 6.40 37.15
CA LYS B 87 -17.46 6.48 37.71
C LYS B 87 -16.66 5.21 37.40
N TRP B 88 -17.31 4.06 37.26
CA TRP B 88 -16.51 2.87 37.00
C TRP B 88 -15.90 2.99 35.59
N ILE B 89 -16.60 3.71 34.71
CA ILE B 89 -16.14 3.91 33.34
C ILE B 89 -15.09 5.01 33.23
N LEU B 90 -15.43 6.19 33.74
CA LEU B 90 -14.54 7.31 33.63
C LEU B 90 -13.18 7.04 34.27
N ASP B 91 -13.19 6.44 35.47
CA ASP B 91 -11.94 6.13 36.15
C ASP B 91 -10.99 5.38 35.23
N ARG B 92 -11.55 4.48 34.44
CA ARG B 92 -10.82 3.65 33.51
C ARG B 92 -10.56 4.27 32.15
N LYS B 93 -11.50 5.06 31.66
CA LYS B 93 -11.37 5.64 30.34
C LYS B 93 -10.65 6.98 30.31
N ILE B 94 -10.68 7.72 31.41
CA ILE B 94 -10.01 9.01 31.43
C ILE B 94 -8.81 8.95 32.36
N THR B 95 -7.62 8.82 31.79
CA THR B 95 -6.43 8.67 32.62
C THR B 95 -5.33 9.48 31.96
N ALA B 96 -4.26 9.71 32.70
CA ALA B 96 -3.14 10.49 32.18
C ALA B 96 -2.58 9.84 30.92
N ASP B 97 -2.74 8.53 30.81
CA ASP B 97 -2.22 7.80 29.64
C ASP B 97 -3.08 7.84 28.41
N SER B 98 -4.36 8.13 28.59
CA SER B 98 -5.27 8.21 27.46
C SER B 98 -5.54 9.63 27.00
N VAL B 99 -5.76 10.53 27.95
CA VAL B 99 -6.11 11.92 27.65
C VAL B 99 -4.98 12.92 27.87
N GLY B 100 -4.05 12.57 28.76
CA GLY B 100 -2.94 13.47 29.03
C GLY B 100 -3.21 14.22 30.32
N LEU B 101 -2.16 14.40 31.10
CA LEU B 101 -2.22 15.03 32.42
C LEU B 101 -2.88 16.38 32.38
N GLY B 102 -2.54 17.15 31.35
CA GLY B 102 -3.09 18.48 31.24
C GLY B 102 -4.58 18.59 31.03
N LEU B 103 -5.20 17.57 30.43
CA LEU B 103 -6.63 17.63 30.17
C LEU B 103 -7.55 16.63 30.90
N THR B 104 -7.00 15.74 31.72
CA THR B 104 -7.87 14.75 32.38
C THR B 104 -8.97 15.30 33.27
N SER B 105 -8.65 16.31 34.06
CA SER B 105 -9.59 16.92 34.97
C SER B 105 -10.72 17.64 34.21
N GLU B 106 -10.33 18.48 33.27
CA GLU B 106 -11.28 19.24 32.47
C GLU B 106 -12.28 18.34 31.78
N LEU B 107 -11.76 17.35 31.08
CA LEU B 107 -12.58 16.44 30.32
C LEU B 107 -13.62 15.84 31.21
N ARG B 108 -13.16 15.33 32.35
CA ARG B 108 -14.06 14.68 33.27
C ARG B 108 -15.13 15.59 33.81
N SER B 109 -14.76 16.76 34.29
CA SER B 109 -15.80 17.66 34.78
C SER B 109 -16.78 17.92 33.64
N TRP B 110 -16.27 18.27 32.48
CA TRP B 110 -17.16 18.59 31.39
C TRP B 110 -18.17 17.51 31.14
N LEU B 111 -17.68 16.29 30.98
CA LEU B 111 -18.55 15.17 30.70
C LEU B 111 -19.62 15.07 31.76
N GLU B 112 -19.17 14.98 33.01
CA GLU B 112 -20.03 14.81 34.15
C GLU B 112 -21.12 15.84 34.28
N SER B 113 -21.03 16.89 33.48
CA SER B 113 -21.98 17.98 33.46
C SER B 113 -23.05 17.83 32.39
N LEU B 114 -22.86 16.84 31.53
CA LEU B 114 -23.78 16.60 30.43
C LEU B 114 -24.94 15.68 30.74
N GLU B 115 -26.00 15.80 29.94
CA GLU B 115 -27.17 14.97 30.07
C GLU B 115 -26.75 13.54 29.70
N PRO B 116 -27.12 12.55 30.52
CA PRO B 116 -26.77 11.14 30.28
C PRO B 116 -26.72 10.75 28.81
N ARG B 117 -27.86 10.86 28.15
CA ARG B 117 -28.00 10.52 26.74
C ARG B 117 -26.86 11.07 25.92
N LYS B 118 -26.60 12.36 26.06
CA LYS B 118 -25.54 13.03 25.36
C LYS B 118 -24.17 12.49 25.80
N LEU B 119 -23.97 12.30 27.11
CA LEU B 119 -22.69 11.79 27.58
C LEU B 119 -22.43 10.38 27.00
N ALA B 120 -23.50 9.63 26.76
CA ALA B 120 -23.34 8.32 26.16
C ALA B 120 -22.90 8.52 24.74
N GLU B 121 -23.56 9.42 24.03
CA GLU B 121 -23.14 9.69 22.65
C GLU B 121 -21.66 10.08 22.58
N TYR B 122 -21.15 10.80 23.56
CA TYR B 122 -19.75 11.19 23.50
C TYR B 122 -18.83 10.05 23.84
N LEU B 123 -19.32 9.12 24.66
CA LEU B 123 -18.52 7.98 25.05
C LEU B 123 -18.33 6.99 23.92
N ILE B 124 -19.30 6.96 23.01
CA ILE B 124 -19.24 6.05 21.88
C ILE B 124 -18.72 6.77 20.66
N GLY B 125 -19.05 8.05 20.56
CA GLY B 125 -18.64 8.80 19.39
C GLY B 125 -17.32 9.55 19.41
N GLY B 126 -16.67 9.61 20.57
CA GLY B 126 -15.42 10.34 20.68
C GLY B 126 -15.60 11.83 20.98
N VAL B 127 -14.59 12.42 21.61
CA VAL B 127 -14.64 13.84 21.91
C VAL B 127 -13.47 14.52 21.24
N ALA B 128 -13.70 15.70 20.69
CA ALA B 128 -12.64 16.47 20.03
C ALA B 128 -12.29 17.68 20.90
N ALA B 129 -11.04 18.17 20.83
CA ALA B 129 -10.64 19.31 21.65
C ALA B 129 -11.72 20.39 21.50
N ASP B 130 -12.13 20.60 20.26
CA ASP B 130 -13.16 21.54 19.90
C ASP B 130 -14.44 21.40 20.73
N ASP B 131 -14.88 20.18 21.03
CA ASP B 131 -16.10 19.96 21.81
C ASP B 131 -16.02 20.42 23.28
N LEU B 132 -14.81 20.61 23.81
CA LEU B 132 -14.62 21.07 25.18
C LEU B 132 -14.80 22.58 25.26
N PRO B 133 -15.15 23.11 26.46
CA PRO B 133 -15.31 24.56 26.60
C PRO B 133 -13.90 25.13 26.54
N ALA B 134 -13.77 26.30 25.90
CA ALA B 134 -12.47 26.97 25.72
C ALA B 134 -11.62 26.94 26.96
N SER B 135 -10.37 26.57 26.76
CA SER B 135 -9.42 26.39 27.86
C SER B 135 -8.00 26.31 27.30
N GLU B 136 -7.03 26.73 28.10
CA GLU B 136 -5.66 26.80 27.63
C GLU B 136 -5.26 25.37 27.24
N GLY B 137 -5.66 24.40 28.07
CA GLY B 137 -5.32 23.03 27.76
C GLY B 137 -5.77 22.64 26.35
N ALA B 138 -7.08 22.71 26.13
CA ALA B 138 -7.68 22.38 24.87
C ALA B 138 -7.07 23.15 23.69
N ASN B 139 -6.71 24.42 23.91
CA ASN B 139 -6.13 25.18 22.80
C ASN B 139 -4.73 24.71 22.42
N ILE B 140 -4.01 24.16 23.38
CA ILE B 140 -2.70 23.64 23.06
C ILE B 140 -3.00 22.48 22.12
N LEU B 141 -3.79 21.52 22.58
CA LEU B 141 -4.14 20.40 21.72
C LEU B 141 -4.63 20.90 20.36
N LYS B 142 -5.30 22.05 20.32
CA LYS B 142 -5.77 22.55 19.04
C LYS B 142 -4.59 22.91 18.21
N MET B 143 -3.57 23.51 18.81
CA MET B 143 -2.39 23.88 18.02
C MET B 143 -1.50 22.73 17.56
N TYR B 144 -1.48 21.60 18.27
CA TYR B 144 -0.69 20.49 17.78
C TYR B 144 -1.37 20.12 16.45
N ARG B 145 -2.70 20.19 16.44
CA ARG B 145 -3.42 19.89 15.24
C ARG B 145 -3.28 21.02 14.25
N GLU B 146 -3.37 22.26 14.72
CA GLU B 146 -3.25 23.38 13.79
C GLU B 146 -1.88 23.47 13.08
N TYR B 147 -0.80 23.42 13.86
CA TYR B 147 0.57 23.54 13.35
C TYR B 147 1.30 22.22 12.95
N LEU B 148 0.89 21.08 13.50
CA LEU B 148 1.60 19.85 13.17
C LEU B 148 0.76 18.72 12.53
N GLY B 149 -0.54 18.95 12.35
CA GLY B 149 -1.40 17.94 11.78
C GLY B 149 -1.69 16.77 12.72
N HIS B 150 -1.69 17.05 14.01
CA HIS B 150 -1.92 16.01 15.02
C HIS B 150 -3.40 15.75 15.37
N SER B 151 -3.71 14.50 15.66
CA SER B 151 -5.08 14.13 16.03
C SER B 151 -5.44 14.92 17.27
N SER B 152 -6.66 15.45 17.30
CA SER B 152 -7.11 16.24 18.44
C SER B 152 -8.12 15.48 19.30
N PHE B 153 -8.31 14.19 19.04
CA PHE B 153 -9.29 13.45 19.84
C PHE B 153 -8.80 13.17 21.26
N LEU B 154 -9.58 13.55 22.24
CA LEU B 154 -9.18 13.27 23.61
C LEU B 154 -9.59 11.81 23.74
N LEU B 155 -10.85 11.53 23.40
CA LEU B 155 -11.41 10.18 23.42
C LEU B 155 -11.72 9.90 21.96
N PRO B 156 -11.43 8.69 21.52
CA PRO B 156 -11.70 8.34 20.11
C PRO B 156 -13.08 7.85 19.75
N PRO B 157 -13.55 8.18 18.53
CA PRO B 157 -14.86 7.74 18.06
C PRO B 157 -14.70 6.21 17.95
N LEU B 158 -15.78 5.46 18.09
CA LEU B 158 -15.72 4.00 17.98
C LEU B 158 -16.89 3.63 17.08
N PRO B 159 -16.84 4.04 15.80
CA PRO B 159 -17.94 3.72 14.90
C PRO B 159 -18.21 2.23 14.73
N ASN B 160 -17.23 1.38 15.02
CA ASN B 160 -17.48 -0.06 14.84
C ASN B 160 -18.30 -0.64 15.97
N THR B 161 -18.67 0.21 16.93
CA THR B 161 -19.58 -0.28 17.99
C THR B 161 -20.80 -0.78 17.21
N GLN B 162 -21.04 -0.22 16.03
CA GLN B 162 -22.16 -0.60 15.17
C GLN B 162 -22.15 -2.10 14.99
N PHE B 163 -20.99 -2.68 15.15
CA PHE B 163 -20.90 -4.11 14.96
C PHE B 163 -20.78 -4.78 16.31
N THR B 164 -21.95 -4.90 16.96
CA THR B 164 -22.09 -5.49 18.31
C THR B 164 -21.69 -6.94 18.34
N ARG B 165 -21.66 -7.53 17.16
CA ARG B 165 -21.30 -8.90 16.99
C ARG B 165 -19.99 -9.16 17.65
N ASP B 166 -19.09 -8.22 17.40
CA ASP B 166 -17.70 -8.43 17.74
C ASP B 166 -17.18 -8.07 19.13
N THR B 167 -17.60 -6.97 19.69
CA THR B 167 -17.04 -6.54 20.95
C THR B 167 -17.30 -7.52 22.10
N THR B 168 -18.45 -8.17 22.06
CA THR B 168 -18.76 -9.22 23.04
C THR B 168 -19.59 -10.24 22.30
N CYS B 169 -19.69 -11.42 22.91
CA CYS B 169 -20.45 -12.47 22.28
C CYS B 169 -20.87 -13.51 23.28
N TRP B 170 -22.15 -13.85 23.24
CA TRP B 170 -22.69 -14.89 24.15
C TRP B 170 -22.43 -16.30 23.71
N ILE B 171 -22.04 -17.19 24.62
CA ILE B 171 -21.76 -18.58 24.24
C ILE B 171 -22.46 -19.38 25.30
N TYR B 172 -23.62 -19.93 24.93
CA TYR B 172 -24.48 -20.67 25.84
C TYR B 172 -24.78 -19.77 27.04
N GLY B 173 -24.80 -20.33 28.25
CA GLY B 173 -25.10 -19.54 29.44
C GLY B 173 -24.09 -18.55 29.96
N GLY B 174 -23.36 -17.93 29.05
CA GLY B 174 -22.34 -16.97 29.46
C GLY B 174 -21.87 -16.09 28.35
N VAL B 175 -20.95 -15.19 28.68
CA VAL B 175 -20.46 -14.26 27.70
C VAL B 175 -18.96 -14.01 27.79
N THR B 176 -18.35 -13.54 26.69
CA THR B 176 -16.91 -13.20 26.67
C THR B 176 -16.80 -11.68 26.42
N LEU B 177 -15.89 -11.02 27.14
CA LEU B 177 -15.64 -9.57 27.02
C LEU B 177 -14.41 -9.50 26.10
N ASN B 178 -14.65 -9.33 24.79
CA ASN B 178 -13.51 -9.46 23.86
C ASN B 178 -12.37 -8.45 23.92
N PRO B 179 -11.13 -9.04 23.88
CA PRO B 179 -9.97 -8.15 23.76
C PRO B 179 -9.76 -8.01 22.25
N MET B 180 -10.27 -6.93 21.72
CA MET B 180 -10.23 -6.66 20.29
C MET B 180 -8.86 -6.72 19.66
N TYR B 181 -8.88 -7.03 18.37
CA TYR B 181 -7.71 -7.14 17.52
C TYR B 181 -7.14 -5.75 17.13
N TRP B 182 -7.89 -4.95 16.40
CA TRP B 182 -7.33 -3.64 16.03
C TRP B 182 -7.45 -2.59 17.15
N PRO B 183 -6.38 -1.83 17.37
CA PRO B 183 -6.52 -0.85 18.45
C PRO B 183 -7.71 0.10 18.27
N ALA B 184 -8.21 0.22 17.05
CA ALA B 184 -9.34 1.10 16.83
C ALA B 184 -10.63 0.59 17.45
N ARG B 185 -10.71 -0.68 17.80
CA ARG B 185 -11.93 -1.18 18.38
C ARG B 185 -11.77 -1.56 19.86
N ARG B 186 -10.53 -1.58 20.33
CA ARG B 186 -10.21 -1.98 21.70
C ARG B 186 -10.98 -1.30 22.85
N GLN B 187 -11.29 -0.01 22.70
CA GLN B 187 -11.95 0.72 23.75
C GLN B 187 -13.45 0.55 23.76
N GLU B 188 -13.92 -0.35 22.89
CA GLU B 188 -15.34 -0.66 22.80
C GLU B 188 -15.72 -1.59 23.97
N THR B 189 -14.83 -2.52 24.31
CA THR B 189 -15.10 -3.49 25.36
C THR B 189 -15.50 -2.94 26.73
N LEU B 190 -14.76 -1.96 27.22
CA LEU B 190 -15.05 -1.32 28.50
C LEU B 190 -16.54 -0.94 28.57
N LEU B 191 -17.00 -0.23 27.54
CA LEU B 191 -18.37 0.19 27.50
C LEU B 191 -19.44 -0.89 27.56
N THR B 192 -19.25 -2.01 26.88
CA THR B 192 -20.30 -3.00 26.90
C THR B 192 -20.20 -3.74 28.20
N THR B 193 -18.98 -3.87 28.69
CA THR B 193 -18.78 -4.52 29.95
C THR B 193 -19.52 -3.73 31.04
N ALA B 194 -19.42 -2.41 30.98
CA ALA B 194 -20.10 -1.50 31.92
C ALA B 194 -21.60 -1.76 31.86
N ILE B 195 -22.09 -1.93 30.64
CA ILE B 195 -23.48 -2.22 30.45
C ILE B 195 -23.78 -3.54 31.16
N TYR B 196 -23.12 -4.61 30.77
CA TYR B 196 -23.40 -5.92 31.37
C TYR B 196 -23.26 -5.96 32.89
N LYS B 197 -22.44 -5.07 33.43
CA LYS B 197 -22.16 -5.03 34.87
C LYS B 197 -23.12 -4.19 35.71
N PHE B 198 -23.68 -3.12 35.12
CA PHE B 198 -24.51 -2.22 35.91
C PHE B 198 -25.93 -1.97 35.46
N HIS B 199 -26.21 -2.20 34.19
CA HIS B 199 -27.55 -1.97 33.71
C HIS B 199 -28.53 -3.04 34.22
N PRO B 200 -29.63 -2.59 34.85
CA PRO B 200 -30.69 -3.44 35.41
C PRO B 200 -31.01 -4.70 34.61
N GLU B 201 -30.90 -4.64 33.29
CA GLU B 201 -31.21 -5.83 32.47
C GLU B 201 -30.18 -6.93 32.46
N PHE B 202 -29.07 -6.70 33.16
CA PHE B 202 -27.98 -7.66 33.25
C PHE B 202 -27.48 -7.87 34.67
N ALA B 203 -27.30 -6.78 35.41
CA ALA B 203 -26.78 -6.83 36.75
C ALA B 203 -27.48 -7.87 37.63
N ASN B 204 -28.73 -8.13 37.35
CA ASN B 204 -29.43 -9.10 38.16
C ASN B 204 -29.65 -10.46 37.55
N ALA B 205 -29.67 -10.51 36.20
CA ALA B 205 -29.85 -11.76 35.48
C ALA B 205 -28.74 -12.75 35.80
N GLU B 206 -28.90 -14.00 35.37
CA GLU B 206 -27.89 -15.02 35.61
C GLU B 206 -27.15 -15.43 34.34
N PHE B 207 -25.83 -15.48 34.43
CA PHE B 207 -25.00 -15.88 33.30
C PHE B 207 -23.57 -15.86 33.76
N GLU B 208 -22.74 -16.65 33.11
CA GLU B 208 -21.33 -16.72 33.47
C GLU B 208 -20.49 -15.74 32.61
N ILE B 209 -19.25 -15.47 33.03
CA ILE B 209 -18.37 -14.62 32.19
C ILE B 209 -17.17 -15.48 31.90
N TRP B 210 -17.27 -16.21 30.79
CA TRP B 210 -16.27 -17.15 30.35
C TRP B 210 -14.83 -16.67 30.24
N TYR B 211 -14.66 -15.45 29.75
CA TYR B 211 -13.31 -14.96 29.52
C TYR B 211 -13.46 -13.51 29.12
N GLY B 212 -12.44 -12.73 29.43
CA GLY B 212 -12.47 -11.32 29.10
C GLY B 212 -12.39 -10.47 30.35
N ASP B 213 -11.87 -9.26 30.17
CA ASP B 213 -11.70 -8.25 31.22
C ASP B 213 -11.12 -6.99 30.59
N PRO B 214 -11.91 -5.91 30.52
CA PRO B 214 -11.30 -4.72 29.90
C PRO B 214 -10.17 -4.17 30.77
N ASP B 215 -10.11 -4.53 32.05
CA ASP B 215 -9.03 -4.03 32.89
C ASP B 215 -7.63 -4.65 32.60
N LYS B 216 -7.61 -5.91 32.11
CA LYS B 216 -6.37 -6.63 31.79
C LYS B 216 -5.82 -6.19 30.42
N ASP B 217 -4.56 -6.49 30.13
CA ASP B 217 -3.98 -6.13 28.82
C ASP B 217 -4.13 -7.20 27.72
N HIS B 218 -4.13 -8.48 28.10
CA HIS B 218 -4.27 -9.62 27.16
C HIS B 218 -3.13 -9.88 26.17
N GLY B 219 -2.33 -8.87 25.87
CA GLY B 219 -1.23 -9.04 24.97
C GLY B 219 -1.64 -9.63 23.64
N SER B 220 -1.12 -10.81 23.34
CA SER B 220 -1.41 -11.47 22.06
C SER B 220 -2.68 -12.29 22.05
N SER B 221 -3.46 -12.19 23.14
CA SER B 221 -4.71 -12.90 23.17
C SER B 221 -5.73 -11.94 22.64
N THR B 222 -6.26 -12.20 21.45
CA THR B 222 -7.26 -11.35 20.84
C THR B 222 -8.39 -12.29 20.53
N LEU B 223 -9.60 -11.75 20.48
CA LEU B 223 -10.77 -12.57 20.26
C LEU B 223 -11.96 -11.72 19.86
N GLU B 224 -12.64 -12.07 18.76
CA GLU B 224 -13.79 -11.28 18.34
C GLU B 224 -15.04 -12.09 18.06
N GLY B 225 -16.18 -11.50 18.42
CA GLY B 225 -17.52 -12.10 18.27
C GLY B 225 -17.87 -12.69 16.92
N GLY B 226 -17.35 -12.10 15.85
CA GLY B 226 -17.65 -12.59 14.53
C GLY B 226 -17.04 -13.93 14.19
N ASP B 227 -16.10 -14.38 15.02
CA ASP B 227 -15.42 -15.65 14.82
C ASP B 227 -16.10 -16.71 15.68
N VAL B 228 -17.01 -16.30 16.55
CA VAL B 228 -17.63 -17.28 17.45
C VAL B 228 -19.04 -17.76 17.13
N MET B 229 -19.24 -19.08 17.16
CA MET B 229 -20.56 -19.61 16.90
C MET B 229 -20.99 -20.78 17.79
N PRO B 230 -21.95 -20.55 18.72
CA PRO B 230 -22.38 -21.68 19.57
C PRO B 230 -23.50 -22.33 18.73
N ILE B 231 -23.14 -23.23 17.85
CA ILE B 231 -24.08 -23.84 16.92
C ILE B 231 -25.12 -24.80 17.51
N GLY B 232 -24.80 -25.37 18.66
CA GLY B 232 -25.70 -26.30 19.31
C GLY B 232 -24.88 -27.51 19.69
N ASN B 233 -25.47 -28.45 20.39
CA ASN B 233 -24.79 -29.68 20.76
C ASN B 233 -23.51 -29.50 21.58
N GLY B 234 -23.47 -28.50 22.46
CA GLY B 234 -22.25 -28.34 23.21
C GLY B 234 -21.07 -28.03 22.28
N VAL B 235 -21.36 -27.78 21.01
CA VAL B 235 -20.31 -27.42 20.07
C VAL B 235 -20.24 -25.90 19.84
N VAL B 236 -19.01 -25.40 19.73
CA VAL B 236 -18.72 -24.01 19.47
C VAL B 236 -17.67 -23.96 18.37
N LEU B 237 -17.88 -23.11 17.37
CA LEU B 237 -16.95 -22.93 16.27
C LEU B 237 -16.27 -21.58 16.45
N ILE B 238 -14.96 -21.55 16.31
CA ILE B 238 -14.20 -20.30 16.43
C ILE B 238 -13.10 -20.22 15.35
N GLY B 239 -13.19 -19.19 14.52
CA GLY B 239 -12.20 -19.01 13.47
C GLY B 239 -10.91 -18.54 14.11
N MET B 240 -9.78 -18.98 13.57
CA MET B 240 -8.49 -18.68 14.15
C MET B 240 -7.50 -18.09 13.17
N GLY B 241 -6.61 -17.25 13.69
CA GLY B 241 -5.58 -16.66 12.84
C GLY B 241 -5.67 -15.22 12.37
N GLU B 242 -6.89 -14.67 12.19
CA GLU B 242 -6.99 -13.28 11.76
C GLU B 242 -7.30 -12.37 12.96
N ARG B 243 -8.55 -12.30 13.41
CA ARG B 243 -8.89 -11.44 14.56
C ARG B 243 -8.71 -12.21 15.89
N SER B 244 -8.95 -13.51 15.86
CA SER B 244 -8.83 -14.29 17.08
C SER B 244 -7.66 -15.23 16.98
N SER B 245 -6.76 -15.09 17.95
CA SER B 245 -5.51 -15.85 18.08
C SER B 245 -5.63 -17.15 18.91
N ARG B 246 -4.72 -18.10 18.71
CA ARG B 246 -4.78 -19.34 19.48
C ARG B 246 -4.63 -19.13 21.00
N GLN B 247 -3.86 -18.13 21.42
CA GLN B 247 -3.67 -17.97 22.86
C GLN B 247 -4.94 -17.52 23.53
N ALA B 248 -5.85 -16.91 22.79
CA ALA B 248 -7.13 -16.54 23.39
C ALA B 248 -8.11 -17.73 23.31
N ILE B 249 -8.25 -18.30 22.13
CA ILE B 249 -9.15 -19.41 21.88
C ILE B 249 -8.92 -20.53 22.88
N GLY B 250 -7.64 -20.76 23.17
CA GLY B 250 -7.25 -21.81 24.09
C GLY B 250 -7.74 -21.54 25.50
N GLN B 251 -7.75 -20.25 25.90
CA GLN B 251 -8.19 -19.88 27.24
C GLN B 251 -9.70 -19.98 27.36
N VAL B 252 -10.39 -19.60 26.30
CA VAL B 252 -11.85 -19.65 26.25
C VAL B 252 -12.32 -21.12 26.34
N ALA B 253 -11.80 -21.97 25.44
CA ALA B 253 -12.15 -23.39 25.42
C ALA B 253 -12.03 -23.97 26.81
N GLN B 254 -10.92 -23.65 27.47
CA GLN B 254 -10.65 -24.15 28.80
C GLN B 254 -11.73 -23.73 29.80
N SER B 255 -12.06 -22.45 29.80
CA SER B 255 -13.07 -21.90 30.69
C SER B 255 -14.41 -22.59 30.52
N LEU B 256 -14.83 -22.81 29.26
CA LEU B 256 -16.09 -23.47 28.98
C LEU B 256 -16.00 -24.93 29.35
N PHE B 257 -14.83 -25.54 29.13
CA PHE B 257 -14.66 -26.96 29.49
C PHE B 257 -14.68 -27.12 31.01
N ALA B 258 -13.93 -26.28 31.73
CA ALA B 258 -13.91 -26.30 33.21
C ALA B 258 -15.30 -26.13 33.84
N LYS B 259 -16.15 -25.29 33.26
CA LYS B 259 -17.48 -25.08 33.80
C LYS B 259 -18.56 -25.95 33.14
N GLY B 260 -18.15 -26.78 32.18
CA GLY B 260 -19.07 -27.71 31.53
C GLY B 260 -20.17 -27.09 30.68
N ALA B 261 -19.80 -26.04 29.96
CA ALA B 261 -20.74 -25.32 29.11
C ALA B 261 -20.61 -25.77 27.65
N ALA B 262 -19.59 -26.55 27.36
CA ALA B 262 -19.39 -27.06 26.01
C ALA B 262 -18.62 -28.36 26.04
N GLU B 263 -18.89 -29.19 25.05
CA GLU B 263 -18.21 -30.45 24.94
C GLU B 263 -17.00 -30.25 24.04
N ARG B 264 -17.19 -29.68 22.86
CA ARG B 264 -16.04 -29.49 21.97
C ARG B 264 -15.97 -28.14 21.31
N VAL B 265 -14.76 -27.66 21.07
CA VAL B 265 -14.58 -26.39 20.37
C VAL B 265 -13.98 -26.72 19.03
N ILE B 266 -14.64 -26.29 17.96
CA ILE B 266 -14.13 -26.56 16.61
C ILE B 266 -13.43 -25.32 16.07
N VAL B 267 -12.10 -25.33 16.12
CA VAL B 267 -11.27 -24.24 15.66
C VAL B 267 -11.23 -24.31 14.14
N ALA B 268 -11.56 -23.20 13.48
CA ALA B 268 -11.56 -23.18 12.02
C ALA B 268 -10.37 -22.36 11.46
N GLY B 269 -9.27 -23.07 11.25
CA GLY B 269 -8.05 -22.45 10.74
C GLY B 269 -8.24 -21.50 9.58
N LEU B 270 -8.06 -20.22 9.80
CA LEU B 270 -8.23 -19.32 8.69
C LEU B 270 -6.91 -19.04 8.00
N PRO B 271 -6.92 -19.16 6.69
CA PRO B 271 -5.74 -18.92 5.83
C PRO B 271 -5.22 -17.53 6.01
N LYS B 272 -3.91 -17.26 5.94
CA LYS B 272 -3.40 -15.93 6.24
C LYS B 272 -3.92 -14.71 5.47
N SER B 273 -3.80 -13.65 6.31
CA SER B 273 -4.28 -12.26 6.34
C SER B 273 -3.91 -11.04 5.50
N ARG B 274 -4.76 -10.08 5.93
CA ARG B 274 -4.98 -8.70 5.54
C ARG B 274 -6.05 -8.09 6.46
N MET B 277 -10.42 -10.70 8.19
CA MET B 277 -11.83 -11.07 7.97
C MET B 277 -12.35 -12.10 9.02
N HIS B 278 -13.57 -11.92 9.53
CA HIS B 278 -14.12 -12.92 10.51
C HIS B 278 -14.69 -14.20 9.88
N LEU B 279 -15.00 -15.18 10.70
CA LEU B 279 -15.51 -16.42 10.17
C LEU B 279 -16.91 -16.22 9.61
N ASP B 280 -17.74 -15.45 10.29
CA ASP B 280 -19.11 -15.19 9.83
C ASP B 280 -19.17 -14.34 8.55
N THR B 281 -18.03 -14.14 7.91
CA THR B 281 -17.93 -13.31 6.72
C THR B 281 -17.79 -14.24 5.52
N VAL B 282 -17.51 -15.51 5.79
CA VAL B 282 -17.34 -16.47 4.71
C VAL B 282 -18.11 -17.72 5.05
N PHE B 283 -18.99 -17.65 6.04
CA PHE B 283 -19.73 -18.85 6.40
C PHE B 283 -20.93 -18.47 7.27
N SER B 284 -22.14 -18.83 6.84
CA SER B 284 -23.28 -18.47 7.65
C SER B 284 -24.41 -19.47 7.65
N PHE B 285 -25.01 -19.64 8.81
CA PHE B 285 -26.13 -20.55 8.95
C PHE B 285 -27.39 -19.80 8.57
N CYS B 286 -28.22 -20.44 7.75
CA CYS B 286 -29.47 -19.82 7.34
C CYS B 286 -30.65 -20.67 7.78
N ASP B 287 -30.38 -21.91 8.11
CA ASP B 287 -31.39 -22.79 8.64
C ASP B 287 -30.69 -23.90 9.34
N ARG B 288 -31.52 -24.75 9.90
CA ARG B 288 -31.14 -25.92 10.65
C ARG B 288 -29.95 -26.64 10.00
N ASP B 289 -30.05 -26.90 8.69
CA ASP B 289 -29.00 -27.59 7.94
C ASP B 289 -28.51 -26.83 6.73
N LEU B 290 -28.68 -25.51 6.74
CA LEU B 290 -28.28 -24.71 5.58
C LEU B 290 -27.28 -23.57 5.92
N VAL B 291 -26.26 -23.41 5.09
CA VAL B 291 -25.24 -22.37 5.26
C VAL B 291 -24.81 -21.66 3.95
N THR B 292 -24.44 -20.39 4.02
CA THR B 292 -23.93 -19.72 2.82
C THR B 292 -22.44 -19.90 2.97
N VAL B 293 -21.76 -19.95 1.85
CA VAL B 293 -20.35 -20.20 1.91
C VAL B 293 -19.60 -19.42 0.86
N PHE B 294 -18.42 -18.96 1.23
CA PHE B 294 -17.59 -18.26 0.26
C PHE B 294 -16.53 -19.31 -0.06
N PRO B 295 -16.82 -20.15 -1.07
CA PRO B 295 -16.04 -21.25 -1.62
C PRO B 295 -14.52 -21.14 -1.51
N GLU B 296 -13.96 -20.11 -2.10
CA GLU B 296 -12.52 -19.96 -2.10
C GLU B 296 -11.88 -19.97 -0.72
N VAL B 297 -12.48 -19.27 0.25
CA VAL B 297 -11.90 -19.27 1.59
C VAL B 297 -12.39 -20.49 2.34
N VAL B 298 -13.67 -20.84 2.16
CA VAL B 298 -14.16 -21.98 2.90
C VAL B 298 -13.47 -23.27 2.52
N LYS B 299 -13.13 -23.45 1.24
CA LYS B 299 -12.47 -24.69 0.89
C LYS B 299 -11.03 -24.74 1.38
N GLU B 300 -10.55 -23.63 1.97
CA GLU B 300 -9.18 -23.59 2.52
C GLU B 300 -9.10 -23.67 4.04
N ILE B 301 -10.23 -23.66 4.73
CA ILE B 301 -10.26 -23.72 6.18
C ILE B 301 -9.77 -25.05 6.64
N VAL B 302 -8.89 -25.04 7.64
CA VAL B 302 -8.37 -26.27 8.18
C VAL B 302 -8.90 -26.46 9.58
N PRO B 303 -9.92 -27.31 9.73
CA PRO B 303 -10.51 -27.57 11.06
C PRO B 303 -9.58 -28.30 12.04
N PHE B 304 -9.81 -28.10 13.35
CA PHE B 304 -9.08 -28.73 14.44
C PHE B 304 -10.07 -28.97 15.57
N SER B 305 -10.18 -30.20 16.05
CA SER B 305 -11.10 -30.46 17.17
C SER B 305 -10.37 -30.40 18.51
N LEU B 306 -10.92 -29.56 19.39
CA LEU B 306 -10.41 -29.27 20.73
C LEU B 306 -11.42 -29.87 21.75
N ARG B 307 -11.03 -30.92 22.46
CA ARG B 307 -11.93 -31.50 23.44
C ARG B 307 -11.26 -31.48 24.82
N PRO B 308 -12.06 -31.66 25.88
CA PRO B 308 -11.52 -31.69 27.24
C PRO B 308 -10.60 -32.91 27.34
N ASP B 309 -9.79 -32.97 28.39
CA ASP B 309 -8.92 -34.13 28.57
C ASP B 309 -8.16 -34.06 29.90
N PRO B 310 -8.52 -34.94 30.84
CA PRO B 310 -7.88 -35.01 32.17
C PRO B 310 -6.41 -35.37 32.03
N SER B 311 -6.14 -36.28 31.09
CA SER B 311 -4.79 -36.74 30.80
C SER B 311 -3.83 -35.60 30.50
N SER B 312 -4.36 -34.45 30.06
CA SER B 312 -3.53 -33.30 29.72
C SER B 312 -3.24 -32.38 30.90
N PRO B 313 -1.97 -31.99 31.08
CA PRO B 313 -1.59 -31.11 32.19
C PRO B 313 -2.44 -29.83 32.17
N TYR B 314 -2.87 -29.42 30.98
CA TYR B 314 -3.70 -28.24 30.84
C TYR B 314 -5.17 -28.57 30.56
N GLY B 315 -5.49 -29.85 30.49
CA GLY B 315 -6.87 -30.26 30.33
C GLY B 315 -7.51 -30.29 28.97
N MET B 316 -6.71 -30.23 27.92
CA MET B 316 -7.29 -30.28 26.60
C MET B 316 -6.38 -30.92 25.63
N ASN B 317 -6.96 -31.38 24.54
CA ASN B 317 -6.16 -31.96 23.50
C ASN B 317 -6.85 -31.49 22.22
N ILE B 318 -6.06 -31.25 21.20
CA ILE B 318 -6.56 -30.73 19.93
C ILE B 318 -6.06 -31.60 18.79
N ARG B 319 -6.94 -31.97 17.86
CA ARG B 319 -6.53 -32.82 16.71
C ARG B 319 -6.94 -32.15 15.40
N ARG B 320 -6.08 -32.27 14.40
CA ARG B 320 -6.34 -31.74 13.06
C ARG B 320 -7.25 -32.74 12.31
N GLU B 321 -8.25 -32.22 11.59
CA GLU B 321 -9.20 -33.05 10.87
C GLU B 321 -8.95 -32.97 9.37
N GLU B 322 -9.10 -34.10 8.69
CA GLU B 322 -8.93 -34.19 7.24
C GLU B 322 -10.28 -34.09 6.59
N LYS B 323 -11.31 -33.90 7.36
CA LYS B 323 -12.58 -33.80 6.71
C LYS B 323 -12.71 -32.31 6.38
N THR B 324 -13.22 -31.99 5.20
CA THR B 324 -13.42 -30.56 4.90
C THR B 324 -14.21 -29.93 6.05
N PHE B 325 -13.95 -28.64 6.33
CA PHE B 325 -14.56 -27.91 7.40
C PHE B 325 -16.06 -28.19 7.42
N LEU B 326 -16.68 -28.09 6.24
CA LEU B 326 -18.12 -28.30 6.10
C LEU B 326 -18.64 -29.64 6.60
N GLU B 327 -17.85 -30.70 6.46
CA GLU B 327 -18.24 -32.01 6.96
C GLU B 327 -18.17 -31.98 8.49
N VAL B 328 -17.04 -31.52 9.00
CA VAL B 328 -16.80 -31.42 10.43
C VAL B 328 -17.93 -30.74 11.13
N VAL B 329 -18.43 -29.64 10.57
CA VAL B 329 -19.56 -28.95 11.20
C VAL B 329 -20.82 -29.78 11.07
N ALA B 330 -20.99 -30.37 9.89
CA ALA B 330 -22.11 -31.26 9.64
C ALA B 330 -22.06 -32.39 10.69
N GLU B 331 -20.98 -33.15 10.68
CA GLU B 331 -20.80 -34.27 11.60
C GLU B 331 -21.08 -33.88 13.03
N SER B 332 -20.61 -32.71 13.45
CA SER B 332 -20.81 -32.29 14.83
C SER B 332 -22.22 -31.89 15.11
N LEU B 333 -23.01 -31.72 14.07
CA LEU B 333 -24.40 -31.33 14.25
C LEU B 333 -25.26 -32.55 14.02
N GLY B 334 -24.60 -33.70 13.80
CA GLY B 334 -25.30 -34.96 13.59
C GLY B 334 -25.93 -35.12 12.22
N LEU B 335 -25.53 -34.28 11.27
CA LEU B 335 -26.06 -34.31 9.91
C LEU B 335 -25.20 -35.10 8.93
N LYS B 336 -25.86 -35.71 7.96
CA LYS B 336 -25.18 -36.45 6.90
C LYS B 336 -24.29 -35.43 6.16
N LYS B 337 -24.85 -34.24 5.94
CA LYS B 337 -24.15 -33.16 5.28
C LYS B 337 -24.98 -31.87 5.21
N LEU B 338 -24.29 -30.73 5.09
CA LEU B 338 -24.98 -29.45 5.05
C LEU B 338 -25.43 -28.98 3.66
N ARG B 339 -26.63 -28.42 3.57
CA ARG B 339 -27.06 -27.88 2.28
C ARG B 339 -26.23 -26.62 2.15
N VAL B 340 -25.67 -26.39 0.96
CA VAL B 340 -24.82 -25.22 0.80
C VAL B 340 -25.17 -24.27 -0.33
N VAL B 341 -25.10 -22.99 -0.02
CA VAL B 341 -25.32 -21.98 -1.03
C VAL B 341 -24.04 -21.15 -1.11
N GLU B 342 -23.43 -21.17 -2.30
CA GLU B 342 -22.18 -20.51 -2.59
C GLU B 342 -22.35 -19.08 -3.05
N THR B 343 -21.58 -18.18 -2.48
CA THR B 343 -21.63 -16.78 -2.85
C THR B 343 -20.33 -16.44 -3.62
N GLY B 344 -20.07 -15.14 -3.80
CA GLY B 344 -18.86 -14.73 -4.50
C GLY B 344 -19.01 -14.41 -5.98
N ALA B 349 -20.22 -20.27 -8.88
CA ALA B 349 -20.05 -20.45 -10.32
C ALA B 349 -21.31 -21.10 -10.90
N ALA B 350 -22.44 -20.40 -10.78
CA ALA B 350 -23.74 -20.93 -11.21
C ALA B 350 -24.28 -20.51 -12.57
N GLU B 351 -24.69 -19.24 -12.67
CA GLU B 351 -25.27 -18.65 -13.88
C GLU B 351 -25.34 -17.15 -13.63
N ARG B 352 -24.67 -16.75 -12.53
CA ARG B 352 -24.60 -15.39 -11.98
C ARG B 352 -24.60 -14.22 -12.94
N GLU B 353 -24.93 -13.04 -12.42
CA GLU B 353 -25.07 -11.84 -13.20
C GLU B 353 -23.99 -10.86 -12.79
N GLN B 354 -23.51 -10.98 -11.57
CA GLN B 354 -22.47 -10.09 -11.08
C GLN B 354 -21.87 -10.67 -9.79
N TRP B 355 -20.79 -10.06 -9.32
CA TRP B 355 -20.30 -10.43 -7.98
C TRP B 355 -21.29 -10.24 -6.85
N ASP B 356 -21.30 -11.16 -5.90
CA ASP B 356 -22.26 -11.01 -4.80
C ASP B 356 -21.78 -11.67 -3.51
N ASP B 357 -22.03 -11.00 -2.40
CA ASP B 357 -21.57 -11.54 -1.13
C ASP B 357 -22.67 -11.57 -0.05
N GLY B 358 -23.48 -12.63 -0.12
CA GLY B 358 -24.60 -12.80 0.81
C GLY B 358 -24.31 -13.59 2.06
N ASN B 359 -23.07 -13.55 2.47
CA ASN B 359 -22.72 -14.19 3.69
C ASN B 359 -23.09 -13.09 4.69
N ASN B 360 -23.14 -13.45 5.96
CA ASN B 360 -23.46 -12.50 7.03
C ASN B 360 -24.94 -12.15 7.18
N VAL B 361 -25.81 -13.07 6.79
CA VAL B 361 -27.22 -12.83 7.04
C VAL B 361 -27.36 -13.23 8.50
N VAL B 362 -28.43 -12.82 9.14
CA VAL B 362 -28.65 -13.25 10.49
C VAL B 362 -30.01 -13.95 10.52
N CYS B 363 -30.10 -15.03 11.26
CA CYS B 363 -31.37 -15.71 11.35
C CYS B 363 -32.19 -15.08 12.41
N LEU B 364 -33.50 -15.07 12.22
CA LEU B 364 -34.40 -14.58 13.21
C LEU B 364 -34.98 -15.78 13.92
N GLU B 365 -35.11 -16.80 13.15
CA GLU B 365 -35.63 -18.06 13.67
C GLU B 365 -35.36 -19.10 12.60
N PRO B 366 -35.45 -20.42 12.84
CA PRO B 366 -35.29 -21.35 11.64
C PRO B 366 -36.04 -20.99 10.36
N GLY B 367 -35.36 -20.88 9.21
CA GLY B 367 -36.05 -20.52 7.97
C GLY B 367 -36.37 -19.03 7.74
N VAL B 368 -35.92 -18.14 8.65
CA VAL B 368 -36.09 -16.67 8.50
C VAL B 368 -34.76 -15.95 8.73
N VAL B 369 -34.39 -15.15 7.75
CA VAL B 369 -33.12 -14.47 7.77
C VAL B 369 -33.26 -13.00 7.33
N VAL B 370 -32.29 -12.20 7.76
CA VAL B 370 -32.24 -10.78 7.37
C VAL B 370 -30.87 -10.60 6.74
N GLY B 371 -30.90 -10.18 5.48
CA GLY B 371 -29.68 -9.99 4.70
C GLY B 371 -29.73 -8.65 3.97
N TYR B 372 -28.84 -8.44 3.02
CA TYR B 372 -28.87 -7.13 2.35
C TYR B 372 -29.59 -7.27 1.05
N ASP B 373 -30.33 -6.23 0.73
CA ASP B 373 -31.08 -6.20 -0.49
C ASP B 373 -30.19 -6.35 -1.73
N ARG B 374 -28.96 -5.87 -1.67
CA ARG B 374 -28.12 -5.94 -2.90
C ARG B 374 -27.74 -7.30 -3.39
N ASN B 375 -27.77 -8.30 -2.51
CA ASN B 375 -27.38 -9.67 -2.86
C ASN B 375 -28.53 -10.53 -3.36
N THR B 376 -29.05 -10.11 -4.49
CA THR B 376 -30.18 -10.78 -5.13
C THR B 376 -29.98 -12.22 -5.54
N TYR B 377 -28.82 -12.52 -6.06
CA TYR B 377 -28.55 -13.87 -6.50
C TYR B 377 -28.58 -14.84 -5.32
N THR B 378 -27.90 -14.45 -4.24
CA THR B 378 -27.82 -15.31 -3.07
C THR B 378 -29.19 -15.37 -2.41
N ASN B 379 -29.86 -14.23 -2.22
CA ASN B 379 -31.16 -14.29 -1.58
C ASN B 379 -32.14 -15.07 -2.40
N THR B 380 -31.90 -15.14 -3.70
CA THR B 380 -32.79 -15.90 -4.57
C THR B 380 -32.62 -17.42 -4.39
N LEU B 381 -31.38 -17.87 -4.18
CA LEU B 381 -31.09 -19.30 -3.93
C LEU B 381 -31.54 -19.64 -2.52
N LEU B 382 -31.50 -18.67 -1.62
CA LEU B 382 -31.89 -18.90 -0.24
C LEU B 382 -33.39 -19.07 -0.17
N ARG B 383 -34.09 -18.33 -1.02
CA ARG B 383 -35.53 -18.43 -1.05
C ARG B 383 -35.90 -19.78 -1.65
N LYS B 384 -35.14 -20.23 -2.65
CA LYS B 384 -35.42 -21.51 -3.27
C LYS B 384 -35.13 -22.66 -2.27
N ALA B 385 -34.30 -22.39 -1.26
CA ALA B 385 -33.97 -23.39 -0.25
C ALA B 385 -35.01 -23.33 0.84
N GLY B 386 -36.01 -22.47 0.66
CA GLY B 386 -37.08 -22.40 1.63
C GLY B 386 -36.87 -21.48 2.80
N VAL B 387 -36.00 -20.49 2.63
CA VAL B 387 -35.73 -19.53 3.68
C VAL B 387 -36.43 -18.25 3.27
N GLU B 388 -36.95 -17.53 4.28
CA GLU B 388 -37.60 -16.26 4.05
C GLU B 388 -36.51 -15.25 4.24
N VAL B 389 -36.29 -14.40 3.26
CA VAL B 389 -35.24 -13.43 3.39
C VAL B 389 -35.70 -11.97 3.45
N ILE B 390 -35.73 -11.41 4.67
CA ILE B 390 -36.10 -10.01 4.90
C ILE B 390 -34.82 -9.28 4.54
N THR B 391 -34.92 -8.20 3.76
CA THR B 391 -33.72 -7.45 3.35
C THR B 391 -33.66 -6.02 3.91
N ILE B 392 -32.46 -5.45 4.00
CA ILE B 392 -32.30 -4.08 4.47
C ILE B 392 -31.31 -3.41 3.54
N SER B 393 -31.19 -2.10 3.60
CA SER B 393 -30.27 -1.41 2.70
C SER B 393 -28.82 -1.41 3.21
N ALA B 394 -27.90 -1.71 2.29
CA ALA B 394 -26.46 -1.77 2.56
C ALA B 394 -25.76 -0.51 1.96
N SER B 395 -26.56 0.33 1.32
CA SER B 395 -26.08 1.55 0.70
C SER B 395 -25.13 2.29 1.59
N GLU B 396 -25.51 2.42 2.85
CA GLU B 396 -24.70 3.13 3.84
C GLU B 396 -24.18 2.24 4.97
N LEU B 397 -25.05 1.42 5.55
CA LEU B 397 -24.66 0.53 6.64
C LEU B 397 -23.47 -0.32 6.28
N GLY B 398 -23.53 -0.97 5.12
CA GLY B 398 -22.46 -1.87 4.66
C GLY B 398 -21.07 -1.32 4.37
N ARG B 399 -20.93 -0.01 4.25
CA ARG B 399 -19.64 0.55 3.95
C ARG B 399 -18.75 0.39 5.15
N GLY B 400 -19.27 -0.30 6.17
CA GLY B 400 -18.50 -0.55 7.37
C GLY B 400 -17.97 -1.97 7.30
N ARG B 401 -18.25 -2.62 6.19
CA ARG B 401 -17.77 -3.98 6.02
C ARG B 401 -18.49 -5.03 6.85
N GLY B 402 -19.81 -4.91 6.94
CA GLY B 402 -20.54 -5.94 7.68
C GLY B 402 -22.03 -5.97 7.47
N GLY B 403 -22.62 -7.13 7.71
CA GLY B 403 -24.05 -7.31 7.53
C GLY B 403 -24.87 -7.44 8.79
N GLY B 404 -25.98 -8.13 8.63
CA GLY B 404 -26.89 -8.32 9.73
C GLY B 404 -26.30 -9.14 10.85
N HIS B 405 -25.47 -10.13 10.53
CA HIS B 405 -24.92 -10.98 11.55
C HIS B 405 -23.95 -10.16 12.37
N ALA B 406 -23.25 -9.27 11.67
CA ALA B 406 -22.23 -8.43 12.26
C ALA B 406 -22.79 -7.28 13.07
N MET B 407 -24.00 -6.87 12.75
CA MET B 407 -24.61 -5.75 13.47
C MET B 407 -25.51 -6.22 14.61
N THR B 408 -25.57 -7.54 14.83
CA THR B 408 -26.35 -8.11 15.94
C THR B 408 -25.53 -8.98 16.89
N CYS B 409 -25.79 -8.83 18.19
CA CYS B 409 -25.18 -9.60 19.28
C CYS B 409 -26.31 -10.40 20.01
N PRO B 410 -26.62 -11.61 19.57
CA PRO B 410 -27.68 -12.39 20.21
C PRO B 410 -27.39 -12.58 21.68
N ILE B 411 -28.38 -12.25 22.52
CA ILE B 411 -28.23 -12.37 23.95
C ILE B 411 -29.02 -13.56 24.46
N VAL B 412 -30.17 -13.77 23.82
CA VAL B 412 -31.09 -14.87 24.13
C VAL B 412 -31.53 -15.44 22.79
N ARG B 413 -31.07 -16.65 22.52
CA ARG B 413 -31.43 -17.34 21.29
C ARG B 413 -31.64 -18.78 21.68
N ASP B 414 -32.89 -19.26 21.55
CA ASP B 414 -33.17 -20.64 21.94
C ASP B 414 -32.37 -21.59 21.06
N PRO B 415 -32.30 -22.85 21.45
CA PRO B 415 -31.59 -23.90 20.70
C PRO B 415 -32.63 -24.61 19.85
N ILE B 416 -32.18 -25.51 18.99
CA ILE B 416 -33.09 -26.30 18.18
C ILE B 416 -32.85 -27.75 18.61
N THR C 6 32.25 8.49 40.49
CA THR C 6 31.82 8.58 39.06
C THR C 6 30.42 7.97 38.82
N LYS C 7 29.36 8.75 39.02
CA LYS C 7 28.00 8.25 38.86
C LYS C 7 27.45 8.10 37.44
N LEU C 8 26.38 7.33 37.32
CA LEU C 8 25.75 7.05 36.05
C LEU C 8 24.94 8.23 35.59
N GLY C 9 24.98 8.48 34.28
CA GLY C 9 24.25 9.62 33.76
C GLY C 9 24.81 10.16 32.44
N VAL C 10 23.93 10.83 31.73
CA VAL C 10 24.29 11.39 30.44
C VAL C 10 23.97 12.86 30.59
N HIS C 11 24.98 13.71 30.43
CA HIS C 11 24.75 15.14 30.64
C HIS C 11 24.90 16.01 29.42
N SER C 12 24.89 15.39 28.24
CA SER C 12 25.03 16.11 26.96
C SER C 12 24.74 15.16 25.82
N GLU C 13 24.81 15.70 24.60
CA GLU C 13 25.11 14.80 23.39
C GLU C 13 26.52 14.75 22.77
N ALA C 14 27.39 15.71 23.12
CA ALA C 14 28.75 15.74 22.59
C ALA C 14 29.84 15.44 23.65
N GLY C 15 29.45 15.52 24.93
CA GLY C 15 30.38 15.23 26.03
C GLY C 15 31.12 13.92 25.87
N LYS C 16 32.24 13.77 26.58
CA LYS C 16 33.07 12.57 26.47
C LYS C 16 32.29 11.32 26.90
N LEU C 17 32.02 10.43 25.94
CA LEU C 17 31.28 9.21 26.22
C LEU C 17 32.13 8.23 26.99
N ARG C 18 31.70 7.82 28.18
CA ARG C 18 32.53 6.86 28.92
C ARG C 18 31.94 5.43 29.02
N LYS C 19 30.64 5.30 28.80
CA LYS C 19 29.94 4.00 28.91
C LYS C 19 28.67 3.94 28.06
N VAL C 20 28.60 2.93 27.19
CA VAL C 20 27.47 2.74 26.28
C VAL C 20 27.01 1.34 26.09
N MET C 21 25.70 1.20 25.92
CA MET C 21 25.15 -0.09 25.65
C MET C 21 24.83 -0.19 24.13
N VAL C 22 25.13 -1.36 23.56
CA VAL C 22 24.92 -1.61 22.15
C VAL C 22 24.44 -3.05 22.10
N CYS C 23 23.97 -3.46 20.93
CA CYS C 23 23.48 -4.82 20.72
C CYS C 23 23.80 -5.28 19.29
N SER C 24 24.62 -6.32 19.18
CA SER C 24 24.96 -6.79 17.85
C SER C 24 23.80 -7.53 17.25
N PRO C 25 23.78 -7.59 15.91
CA PRO C 25 22.71 -8.29 15.21
C PRO C 25 22.85 -9.73 15.63
N GLY C 26 21.83 -10.53 15.46
CA GLY C 26 21.93 -11.91 15.87
C GLY C 26 20.86 -12.86 15.38
N LEU C 27 20.38 -13.71 16.28
CA LEU C 27 19.38 -14.68 15.92
C LEU C 27 18.08 -14.01 15.40
N ALA C 28 17.76 -12.86 15.98
CA ALA C 28 16.56 -12.14 15.55
C ALA C 28 16.65 -11.83 14.04
N HIS C 29 17.80 -11.31 13.61
CA HIS C 29 17.99 -10.97 12.21
C HIS C 29 18.01 -12.23 11.37
N GLN C 30 18.43 -13.32 11.96
CA GLN C 30 18.45 -14.56 11.21
C GLN C 30 17.04 -14.95 10.85
N ARG C 31 16.07 -14.43 11.60
CA ARG C 31 14.67 -14.73 11.35
C ARG C 31 13.98 -13.78 10.38
N LEU C 32 14.73 -12.87 9.75
CA LEU C 32 14.13 -11.96 8.82
C LEU C 32 13.80 -12.63 7.50
N THR C 33 12.76 -12.14 6.86
CA THR C 33 12.28 -12.72 5.62
C THR C 33 11.68 -11.62 4.78
N PRO C 34 11.55 -11.86 3.46
CA PRO C 34 10.95 -10.80 2.65
C PRO C 34 9.54 -10.53 3.17
N SER C 35 8.92 -11.58 3.71
CA SER C 35 7.57 -11.48 4.24
C SER C 35 7.41 -10.89 5.64
N ASN C 36 8.43 -10.95 6.49
CA ASN C 36 8.24 -10.30 7.79
C ASN C 36 9.09 -9.07 8.03
N CYS C 37 10.21 -8.95 7.32
CA CYS C 37 11.13 -7.80 7.49
C CYS C 37 10.42 -6.46 7.70
N ASP C 38 9.46 -6.17 6.83
CA ASP C 38 8.65 -4.95 6.85
C ASP C 38 8.01 -4.67 8.20
N GLU C 39 7.40 -5.71 8.74
CA GLU C 39 6.70 -5.55 9.99
C GLU C 39 7.68 -5.59 11.16
N LEU C 40 8.88 -6.05 10.88
CA LEU C 40 9.95 -6.16 11.86
C LEU C 40 10.78 -4.89 11.71
N LEU C 41 10.22 -3.93 10.99
CA LEU C 41 10.89 -2.64 10.84
C LEU C 41 12.25 -2.60 10.13
N PHE C 42 12.45 -3.54 9.22
CA PHE C 42 13.68 -3.59 8.42
C PHE C 42 13.27 -3.37 6.96
N ASP C 43 14.16 -2.73 6.19
CA ASP C 43 13.93 -2.46 4.76
C ASP C 43 14.17 -3.71 3.96
N ASP C 44 14.77 -4.72 4.58
CA ASP C 44 15.00 -5.97 3.87
C ASP C 44 15.70 -6.99 4.78
N VAL C 45 15.92 -8.20 4.23
CA VAL C 45 16.67 -9.25 4.94
C VAL C 45 18.12 -8.84 4.83
N ILE C 46 18.91 -9.00 5.89
CA ILE C 46 20.33 -8.61 5.80
C ILE C 46 21.28 -9.78 5.84
N TRP C 47 22.56 -9.56 5.52
CA TRP C 47 23.53 -10.66 5.61
C TRP C 47 24.02 -10.58 7.05
N VAL C 48 23.52 -11.52 7.87
CA VAL C 48 23.81 -11.51 9.30
C VAL C 48 25.22 -11.60 9.78
N ASN C 49 25.99 -12.60 9.34
CA ASN C 49 27.38 -12.71 9.79
C ASN C 49 28.13 -11.42 9.37
N GLN C 50 27.86 -10.94 8.16
CA GLN C 50 28.51 -9.70 7.76
C GLN C 50 28.13 -8.60 8.76
N ALA C 51 26.83 -8.50 9.05
CA ALA C 51 26.29 -7.50 9.94
C ALA C 51 26.95 -7.56 11.29
N LYS C 52 27.30 -8.79 11.69
CA LYS C 52 27.93 -9.01 12.98
C LYS C 52 29.36 -8.52 12.98
N ARG C 53 30.00 -8.61 11.81
CA ARG C 53 31.39 -8.16 11.68
C ARG C 53 31.45 -6.63 11.70
N ASP C 54 30.51 -6.04 11.02
CA ASP C 54 30.42 -4.61 10.95
C ASP C 54 30.16 -4.05 12.37
N HIS C 55 29.15 -4.60 13.03
CA HIS C 55 28.84 -4.10 14.36
C HIS C 55 30.08 -4.25 15.21
N PHE C 56 30.77 -5.37 15.05
CA PHE C 56 31.94 -5.57 15.85
C PHE C 56 33.03 -4.54 15.58
N ASP C 57 33.03 -4.01 14.37
CA ASP C 57 34.00 -3.00 14.00
C ASP C 57 33.59 -1.71 14.73
N PHE C 58 32.29 -1.44 14.74
CA PHE C 58 31.72 -0.30 15.41
C PHE C 58 32.14 -0.30 16.88
N VAL C 59 32.15 -1.50 17.48
CA VAL C 59 32.48 -1.68 18.89
C VAL C 59 33.97 -1.50 19.20
N THR C 60 34.79 -2.17 18.40
CA THR C 60 36.23 -2.11 18.55
C THR C 60 36.65 -0.65 18.32
N LYS C 61 36.18 -0.05 17.24
CA LYS C 61 36.50 1.36 16.98
C LYS C 61 36.17 2.18 18.17
N MET C 62 35.15 1.80 18.91
CA MET C 62 34.79 2.57 20.11
C MET C 62 35.75 2.23 21.26
N ARG C 63 35.85 0.95 21.60
CA ARG C 63 36.77 0.56 22.68
C ARG C 63 38.20 1.12 22.52
N GLU C 64 38.72 1.17 21.30
CA GLU C 64 40.06 1.74 21.05
C GLU C 64 40.17 3.20 21.61
N ARG C 65 39.02 3.82 21.89
CA ARG C 65 38.99 5.19 22.40
C ARG C 65 38.83 5.29 23.94
N GLY C 66 38.91 4.13 24.61
CA GLY C 66 38.79 4.11 26.07
C GLY C 66 37.36 4.08 26.55
N ILE C 67 36.40 4.04 25.62
CA ILE C 67 34.97 3.99 25.96
C ILE C 67 34.55 2.58 26.49
N ASP C 68 33.82 2.49 27.59
CA ASP C 68 33.35 1.19 28.09
C ASP C 68 32.11 0.84 27.28
N VAL C 69 32.27 -0.05 26.31
CA VAL C 69 31.17 -0.50 25.44
C VAL C 69 30.59 -1.81 25.97
N LEU C 70 29.36 -1.74 26.47
CA LEU C 70 28.67 -2.89 27.02
C LEU C 70 27.74 -3.53 25.99
N GLU C 71 27.87 -4.84 25.78
CA GLU C 71 27.05 -5.57 24.79
C GLU C 71 25.84 -6.21 25.49
N MET C 72 24.66 -5.85 25.02
CA MET C 72 23.44 -6.34 25.61
C MET C 72 23.37 -7.85 25.81
N HIS C 73 23.78 -8.61 24.80
CA HIS C 73 23.73 -10.05 24.90
C HIS C 73 24.53 -10.45 26.08
N ASN C 74 25.65 -9.79 26.28
CA ASN C 74 26.52 -10.12 27.42
C ASN C 74 25.95 -9.76 28.76
N LEU C 75 25.32 -8.59 28.83
CA LEU C 75 24.70 -8.10 30.06
C LEU C 75 23.59 -9.02 30.52
N LEU C 76 22.80 -9.44 29.54
CA LEU C 76 21.66 -10.30 29.71
C LEU C 76 22.12 -11.69 30.17
N THR C 77 23.12 -12.21 29.46
CA THR C 77 23.69 -13.50 29.74
C THR C 77 24.16 -13.56 31.19
N GLU C 78 24.78 -12.47 31.63
CA GLU C 78 25.29 -12.42 32.99
C GLU C 78 24.12 -12.30 33.95
N THR C 79 23.22 -11.38 33.63
CA THR C 79 22.02 -11.18 34.41
C THR C 79 21.22 -12.47 34.72
N ILE C 80 21.00 -13.31 33.71
CA ILE C 80 20.20 -14.49 33.92
C ILE C 80 20.95 -15.63 34.57
N GLN C 81 22.19 -15.37 34.97
CA GLN C 81 22.97 -16.38 35.67
C GLN C 81 22.55 -16.33 37.15
N ASN C 82 21.87 -15.25 37.51
CA ASN C 82 21.31 -15.04 38.84
C ASN C 82 19.89 -15.59 38.70
N PRO C 83 19.60 -16.76 39.28
CA PRO C 83 18.29 -17.40 39.23
C PRO C 83 17.13 -16.45 39.39
N GLU C 84 17.20 -15.60 40.40
CA GLU C 84 16.12 -14.67 40.62
C GLU C 84 15.88 -13.81 39.38
N ALA C 85 16.95 -13.39 38.70
CA ALA C 85 16.76 -12.54 37.51
C ALA C 85 16.03 -13.29 36.43
N LEU C 86 16.48 -14.51 36.14
CA LEU C 86 15.89 -15.34 35.09
C LEU C 86 14.38 -15.42 35.39
N LYS C 87 14.08 -15.92 36.59
CA LYS C 87 12.69 -16.06 37.04
C LYS C 87 11.93 -14.76 36.85
N TRP C 88 12.53 -13.67 37.24
CA TRP C 88 11.86 -12.39 37.14
C TRP C 88 11.43 -12.13 35.70
N ILE C 89 12.29 -12.49 34.76
CA ILE C 89 12.04 -12.27 33.35
C ILE C 89 11.03 -13.27 32.82
N LEU C 90 11.30 -14.55 33.06
CA LEU C 90 10.42 -15.57 32.53
C LEU C 90 8.98 -15.46 33.01
N ASP C 91 8.81 -15.09 34.27
CA ASP C 91 7.48 -14.95 34.83
C ASP C 91 6.69 -13.94 34.04
N ARG C 92 7.37 -12.89 33.61
CA ARG C 92 6.73 -11.85 32.83
C ARG C 92 6.60 -12.20 31.38
N LYS C 93 7.62 -12.84 30.83
CA LYS C 93 7.62 -13.14 29.39
C LYS C 93 6.85 -14.36 28.92
N ILE C 94 6.75 -15.37 29.78
CA ILE C 94 6.10 -16.59 29.39
C ILE C 94 4.80 -16.79 30.12
N THR C 95 3.74 -16.33 29.46
CA THR C 95 2.37 -16.38 29.97
C THR C 95 1.47 -17.02 28.96
N ALA C 96 0.22 -17.28 29.36
CA ALA C 96 -0.78 -17.91 28.51
C ALA C 96 -1.23 -16.94 27.43
N ASP C 97 -1.10 -15.66 27.73
CA ASP C 97 -1.45 -14.58 26.79
C ASP C 97 -0.38 -14.34 25.71
N SER C 98 0.82 -14.86 25.92
CA SER C 98 1.89 -14.63 24.96
C SER C 98 2.28 -15.91 24.25
N VAL C 99 2.60 -16.92 25.04
CA VAL C 99 3.02 -18.18 24.50
C VAL C 99 1.84 -19.10 24.17
N GLY C 100 0.89 -19.20 25.11
CA GLY C 100 -0.24 -20.11 24.93
C GLY C 100 -0.13 -21.07 26.10
N LEU C 101 -1.25 -21.42 26.71
CA LEU C 101 -1.20 -22.32 27.88
C LEU C 101 -0.75 -23.70 27.51
N GLY C 102 -0.89 -24.04 26.24
CA GLY C 102 -0.45 -25.35 25.80
C GLY C 102 1.05 -25.49 25.63
N LEU C 103 1.82 -24.42 25.82
CA LEU C 103 3.26 -24.51 25.62
C LEU C 103 4.16 -23.80 26.62
N THR C 104 3.57 -23.10 27.59
CA THR C 104 4.38 -22.39 28.56
C THR C 104 5.32 -23.24 29.41
N SER C 105 4.94 -24.50 29.67
CA SER C 105 5.78 -25.37 30.47
C SER C 105 6.99 -25.83 29.70
N GLU C 106 6.74 -26.51 28.58
CA GLU C 106 7.83 -27.05 27.76
C GLU C 106 8.75 -25.98 27.22
N LEU C 107 8.23 -24.78 26.99
CA LEU C 107 9.07 -23.71 26.48
C LEU C 107 10.01 -23.28 27.59
N ARG C 108 9.44 -23.11 28.78
CA ARG C 108 10.21 -22.65 29.92
C ARG C 108 11.23 -23.66 30.39
N SER C 109 10.79 -24.90 30.62
CA SER C 109 11.70 -25.91 31.09
C SER C 109 12.78 -26.09 30.03
N TRP C 110 12.41 -26.01 28.75
CA TRP C 110 13.41 -26.09 27.67
C TRP C 110 14.39 -24.93 27.79
N LEU C 111 13.87 -23.70 27.84
CA LEU C 111 14.79 -22.58 27.96
C LEU C 111 15.73 -22.69 29.18
N GLU C 112 15.19 -23.07 30.34
CA GLU C 112 15.99 -23.15 31.56
C GLU C 112 17.05 -24.24 31.52
N SER C 113 16.97 -25.11 30.53
CA SER C 113 17.96 -26.16 30.35
C SER C 113 19.17 -25.67 29.55
N LEU C 114 19.08 -24.49 28.96
CA LEU C 114 20.18 -23.99 28.14
C LEU C 114 21.33 -23.33 28.89
N GLU C 115 22.44 -23.19 28.20
CA GLU C 115 23.60 -22.52 28.74
C GLU C 115 23.14 -21.06 28.63
N PRO C 116 23.32 -20.26 29.70
CA PRO C 116 22.91 -18.85 29.71
C PRO C 116 23.04 -18.14 28.36
N ARG C 117 24.27 -18.08 27.85
CA ARG C 117 24.54 -17.42 26.58
C ARG C 117 23.52 -17.74 25.51
N LYS C 118 23.22 -19.02 25.34
CA LYS C 118 22.24 -19.47 24.36
C LYS C 118 20.85 -18.94 24.72
N LEU C 119 20.52 -19.09 26.01
CA LEU C 119 19.23 -18.66 26.54
C LEU C 119 18.91 -17.24 26.12
N ALA C 120 19.89 -16.35 26.32
CA ALA C 120 19.81 -14.93 25.97
C ALA C 120 19.67 -14.70 24.47
N GLU C 121 20.39 -15.51 23.71
CA GLU C 121 20.34 -15.38 22.27
C GLU C 121 18.88 -15.57 21.92
N TYR C 122 18.22 -16.52 22.57
CA TYR C 122 16.82 -16.78 22.32
C TYR C 122 15.82 -15.73 22.82
N LEU C 123 16.07 -15.17 24.01
CA LEU C 123 15.22 -14.14 24.56
C LEU C 123 15.28 -13.01 23.57
N ILE C 124 16.45 -12.73 23.03
CA ILE C 124 16.55 -11.67 22.04
C ILE C 124 16.18 -12.11 20.61
N GLY C 125 16.43 -13.37 20.24
CA GLY C 125 16.18 -13.79 18.88
C GLY C 125 14.83 -14.38 18.64
N GLY C 126 14.07 -14.57 19.70
CA GLY C 126 12.78 -15.21 19.48
C GLY C 126 13.01 -16.72 19.37
N VAL C 127 11.91 -17.48 19.43
CA VAL C 127 11.95 -18.92 19.38
C VAL C 127 10.83 -19.49 18.57
N ALA C 128 11.20 -20.36 17.65
CA ALA C 128 10.27 -21.03 16.76
C ALA C 128 9.88 -22.41 17.28
N ALA C 129 8.80 -22.94 16.73
CA ALA C 129 8.26 -24.24 17.09
C ALA C 129 9.26 -25.35 16.75
N ASP C 130 10.03 -25.09 15.69
CA ASP C 130 11.06 -25.98 15.18
C ASP C 130 12.25 -26.02 16.13
N ASP C 131 12.51 -24.91 16.85
CA ASP C 131 13.63 -24.88 17.76
C ASP C 131 13.38 -25.83 18.95
N LEU C 132 12.11 -26.07 19.24
CA LEU C 132 11.71 -26.91 20.36
C LEU C 132 11.89 -28.42 20.19
N PRO C 133 11.98 -29.09 21.31
CA PRO C 133 11.98 -30.58 21.40
C PRO C 133 10.67 -31.17 20.96
N ALA C 134 10.66 -32.13 20.06
CA ALA C 134 9.41 -32.70 19.55
C ALA C 134 8.36 -32.90 20.64
N SER C 135 7.16 -32.42 20.37
CA SER C 135 6.01 -32.51 21.26
C SER C 135 4.79 -32.27 20.38
N GLU C 136 3.62 -32.69 20.85
CA GLU C 136 2.41 -32.47 20.05
C GLU C 136 2.02 -30.99 20.02
N GLY C 137 2.34 -30.27 21.09
CA GLY C 137 2.04 -28.84 21.15
C GLY C 137 2.82 -28.18 20.04
N ALA C 138 4.09 -28.52 19.97
CA ALA C 138 4.95 -27.95 18.96
C ALA C 138 4.47 -28.37 17.57
N ASN C 139 3.93 -29.58 17.43
CA ASN C 139 3.48 -30.00 16.12
C ASN C 139 2.26 -29.28 15.57
N ILE C 140 1.26 -28.98 16.41
CA ILE C 140 0.15 -28.25 15.83
C ILE C 140 0.63 -26.83 15.46
N LEU C 141 1.53 -26.27 16.26
CA LEU C 141 2.09 -24.96 16.01
C LEU C 141 2.68 -24.97 14.61
N LYS C 142 3.39 -26.06 14.27
CA LYS C 142 3.99 -26.17 12.96
C LYS C 142 2.84 -26.26 11.98
N MET C 143 1.87 -27.10 12.33
CA MET C 143 0.68 -27.30 11.50
C MET C 143 -0.02 -25.97 11.15
N TYR C 144 -0.11 -25.06 12.12
CA TYR C 144 -0.73 -23.77 11.84
C TYR C 144 0.10 -23.00 10.83
N ARG C 145 1.42 -23.17 10.88
CA ARG C 145 2.33 -22.51 9.96
C ARG C 145 2.22 -23.12 8.56
N GLU C 146 2.47 -24.42 8.48
CA GLU C 146 2.44 -25.11 7.20
C GLU C 146 1.09 -25.02 6.49
N TYR C 147 0.00 -25.36 7.17
CA TYR C 147 -1.28 -25.30 6.49
C TYR C 147 -1.91 -23.92 6.29
N LEU C 148 -1.68 -22.96 7.19
CA LEU C 148 -2.32 -21.63 7.09
C LEU C 148 -1.45 -20.37 7.11
N GLY C 149 -0.15 -20.56 7.25
CA GLY C 149 0.74 -19.42 7.24
C GLY C 149 0.72 -18.70 8.58
N HIS C 150 0.21 -19.33 9.64
CA HIS C 150 0.24 -18.61 10.94
C HIS C 150 1.70 -18.66 11.44
N SER C 151 2.05 -17.65 12.23
CA SER C 151 3.38 -17.51 12.80
C SER C 151 3.60 -18.68 13.74
N SER C 152 4.79 -19.29 13.65
CA SER C 152 5.14 -20.42 14.51
C SER C 152 6.08 -20.00 15.67
N PHE C 153 6.19 -18.70 15.92
CA PHE C 153 7.04 -18.19 16.98
C PHE C 153 6.34 -18.19 18.34
N LEU C 154 6.94 -18.84 19.35
CA LEU C 154 6.37 -18.87 20.74
C LEU C 154 6.78 -17.54 21.37
N LEU C 155 7.98 -17.13 20.99
CA LEU C 155 8.58 -15.88 21.45
C LEU C 155 9.05 -15.23 20.18
N PRO C 156 8.68 -13.99 19.96
CA PRO C 156 9.12 -13.31 18.72
C PRO C 156 10.53 -12.78 18.71
N PRO C 157 11.10 -12.65 17.50
CA PRO C 157 12.46 -12.14 17.34
C PRO C 157 12.42 -10.61 17.54
N LEU C 158 13.48 -10.06 18.14
CA LEU C 158 13.54 -8.62 18.43
C LEU C 158 14.80 -7.99 17.79
N PRO C 159 14.91 -8.06 16.46
CA PRO C 159 16.07 -7.50 15.76
C PRO C 159 16.33 -6.00 16.05
N ASN C 160 15.30 -5.26 16.44
CA ASN C 160 15.50 -3.86 16.72
C ASN C 160 16.25 -3.55 18.04
N THR C 161 16.51 -4.60 18.85
CA THR C 161 17.28 -4.43 20.07
C THR C 161 18.60 -3.81 19.57
N GLN C 162 18.98 -4.16 18.35
CA GLN C 162 20.15 -3.60 17.68
C GLN C 162 20.16 -2.08 17.95
N PHE C 163 18.97 -1.49 17.97
CA PHE C 163 18.89 -0.07 18.21
C PHE C 163 18.62 0.29 19.68
N THR C 164 19.63 0.04 20.50
CA THR C 164 19.62 0.29 21.93
C THR C 164 19.17 1.71 22.26
N ARG C 165 19.40 2.64 21.34
CA ARG C 165 19.04 4.05 21.57
C ARG C 165 17.61 4.26 22.03
N ASP C 166 16.70 3.50 21.45
CA ASP C 166 15.28 3.64 21.70
C ASP C 166 14.63 2.98 22.91
N THR C 167 14.89 1.70 23.13
CA THR C 167 14.22 1.06 24.23
C THR C 167 14.39 1.66 25.63
N THR C 168 15.47 2.37 25.87
CA THR C 168 15.69 3.03 27.17
C THR C 168 16.62 4.18 26.84
N CYS C 169 16.56 5.23 27.65
CA CYS C 169 17.46 6.35 27.43
C CYS C 169 17.79 7.03 28.75
N TRP C 170 19.03 7.45 28.90
CA TRP C 170 19.47 8.10 30.14
C TRP C 170 19.43 9.65 30.09
N ILE C 171 18.88 10.22 31.15
CA ILE C 171 18.73 11.67 31.23
C ILE C 171 19.26 12.17 32.55
N TYR C 172 20.39 12.85 32.51
CA TYR C 172 21.02 13.42 33.70
C TYR C 172 20.97 12.62 34.98
N GLY C 173 21.38 11.38 35.00
CA GLY C 173 21.35 10.73 36.29
C GLY C 173 20.06 9.99 36.56
N GLY C 174 19.48 9.50 35.47
CA GLY C 174 18.26 8.74 35.56
C GLY C 174 18.01 8.09 34.22
N VAL C 175 17.20 7.04 34.23
CA VAL C 175 16.83 6.35 33.00
C VAL C 175 15.30 6.15 32.83
N THR C 176 14.83 6.04 31.58
CA THR C 176 13.42 5.77 31.33
C THR C 176 13.33 4.44 30.64
N LEU C 177 12.43 3.60 31.15
CA LEU C 177 12.12 2.33 30.59
C LEU C 177 11.04 2.66 29.64
N ASN C 178 11.38 2.76 28.36
CA ASN C 178 10.39 3.29 27.40
C ASN C 178 9.30 2.42 26.80
N PRO C 179 8.04 2.87 26.91
CA PRO C 179 6.88 2.14 26.40
C PRO C 179 6.98 2.38 24.87
N MET C 180 7.45 1.36 24.15
CA MET C 180 7.67 1.40 22.71
C MET C 180 6.43 1.52 21.88
N TYR C 181 6.53 2.26 20.78
CA TYR C 181 5.43 2.49 19.89
C TYR C 181 4.92 1.31 19.02
N TRP C 182 5.82 0.59 18.34
CA TRP C 182 5.39 -0.51 17.51
C TRP C 182 5.31 -1.79 18.30
N PRO C 183 4.23 -2.55 18.11
CA PRO C 183 4.15 -3.81 18.86
C PRO C 183 5.39 -4.66 18.59
N ALA C 184 6.11 -4.37 17.50
CA ALA C 184 7.28 -5.18 17.17
C ALA C 184 8.54 -4.95 18.00
N ARG C 185 8.50 -3.93 18.87
CA ARG C 185 9.63 -3.58 19.70
C ARG C 185 9.25 -3.47 21.18
N ARG C 186 7.98 -3.60 21.50
CA ARG C 186 7.58 -3.45 22.91
C ARG C 186 8.18 -4.45 23.92
N GLN C 187 8.43 -5.65 23.44
CA GLN C 187 8.99 -6.75 24.24
C GLN C 187 10.44 -6.51 24.61
N GLU C 188 11.04 -5.43 24.11
CA GLU C 188 12.44 -5.13 24.37
C GLU C 188 12.62 -4.56 25.74
N THR C 189 11.76 -3.62 26.07
CA THR C 189 11.76 -2.91 27.34
C THR C 189 12.03 -3.83 28.56
N LEU C 190 11.32 -4.95 28.63
CA LEU C 190 11.49 -5.93 29.71
C LEU C 190 12.94 -6.42 29.84
N LEU C 191 13.49 -6.87 28.71
CA LEU C 191 14.82 -7.40 28.68
C LEU C 191 15.83 -6.44 29.33
N THR C 192 15.82 -5.19 28.88
CA THR C 192 16.73 -4.19 29.40
C THR C 192 16.43 -3.80 30.84
N THR C 193 15.15 -3.78 31.23
CA THR C 193 14.75 -3.44 32.60
C THR C 193 15.40 -4.42 33.56
N ALA C 194 15.38 -5.69 33.18
CA ALA C 194 15.99 -6.78 33.94
C ALA C 194 17.46 -6.48 34.17
N ILE C 195 18.14 -6.09 33.11
CA ILE C 195 19.57 -5.83 33.18
C ILE C 195 19.88 -4.70 34.11
N TYR C 196 19.09 -3.64 34.04
CA TYR C 196 19.30 -2.49 34.90
C TYR C 196 18.97 -2.82 36.34
N LYS C 197 18.06 -3.77 36.50
CA LYS C 197 17.60 -4.15 37.83
C LYS C 197 18.54 -5.05 38.60
N PHE C 198 19.01 -6.09 37.94
CA PHE C 198 19.84 -7.13 38.52
C PHE C 198 21.30 -7.15 38.18
N HIS C 199 21.64 -6.74 36.98
CA HIS C 199 23.04 -6.79 36.59
C HIS C 199 23.88 -5.96 37.54
N PRO C 200 25.02 -6.52 37.98
CA PRO C 200 25.95 -5.84 38.90
C PRO C 200 26.35 -4.40 38.45
N GLU C 201 26.43 -4.13 37.16
CA GLU C 201 26.80 -2.78 36.69
C GLU C 201 25.76 -1.77 37.07
N PHE C 202 24.57 -2.24 37.33
CA PHE C 202 23.48 -1.33 37.63
C PHE C 202 22.83 -1.47 38.97
N ALA C 203 22.74 -2.72 39.42
CA ALA C 203 22.08 -3.05 40.66
C ALA C 203 22.49 -2.19 41.85
N ASN C 204 23.79 -1.97 42.03
CA ASN C 204 24.28 -1.14 43.13
C ASN C 204 24.61 0.28 42.70
N ALA C 205 24.53 0.58 41.40
CA ALA C 205 24.80 1.94 40.94
C ALA C 205 23.71 2.83 41.49
N GLU C 206 24.01 4.11 41.61
CA GLU C 206 23.03 5.06 42.13
C GLU C 206 22.41 5.84 40.98
N PHE C 207 21.11 5.68 40.77
CA PHE C 207 20.45 6.43 39.72
C PHE C 207 18.94 6.34 39.89
N GLU C 208 18.25 7.28 39.29
CA GLU C 208 16.79 7.39 39.34
C GLU C 208 16.10 6.73 38.12
N ILE C 209 14.84 6.33 38.24
CA ILE C 209 14.10 5.80 37.08
C ILE C 209 13.01 6.89 36.86
N TRP C 210 13.22 7.75 35.88
CA TRP C 210 12.33 8.90 35.73
C TRP C 210 10.94 8.47 35.29
N TYR C 211 10.87 7.51 34.37
CA TYR C 211 9.59 7.08 33.83
C TYR C 211 9.64 5.68 33.25
N GLY C 212 8.46 5.05 33.17
CA GLY C 212 8.34 3.72 32.60
C GLY C 212 8.23 2.53 33.54
N ASP C 213 7.67 1.45 33.02
CA ASP C 213 7.50 0.19 33.76
C ASP C 213 6.99 -0.86 32.74
N PRO C 214 7.78 -1.92 32.51
CA PRO C 214 7.36 -2.95 31.57
C PRO C 214 6.16 -3.75 32.06
N ASP C 215 5.90 -3.75 33.37
CA ASP C 215 4.78 -4.49 33.94
C ASP C 215 3.44 -3.72 33.83
N LYS C 216 3.53 -2.53 33.27
CA LYS C 216 2.37 -1.66 33.14
C LYS C 216 2.06 -1.46 31.68
N ASP C 217 0.78 -1.35 31.40
CA ASP C 217 0.31 -1.09 30.08
C ASP C 217 0.19 0.41 30.09
N HIS C 218 0.85 1.06 29.15
CA HIS C 218 0.84 2.51 29.11
C HIS C 218 -0.14 3.11 28.12
N GLY C 219 -1.00 2.26 27.58
CA GLY C 219 -1.99 2.71 26.62
C GLY C 219 -1.45 3.62 25.55
N SER C 220 -1.81 4.90 25.60
CA SER C 220 -1.38 5.85 24.59
C SER C 220 -0.06 6.54 24.89
N SER C 221 0.55 6.20 26.01
CA SER C 221 1.82 6.82 26.31
C SER C 221 2.93 6.00 25.70
N THR C 222 3.56 6.53 24.66
CA THR C 222 4.68 5.91 23.98
C THR C 222 5.84 6.92 24.01
N LEU C 223 7.05 6.38 24.16
CA LEU C 223 8.25 7.18 24.28
C LEU C 223 9.43 6.37 23.74
N GLU C 224 10.17 6.97 22.82
CA GLU C 224 11.31 6.26 22.29
C GLU C 224 12.57 7.07 22.46
N GLY C 225 13.63 6.34 22.78
CA GLY C 225 14.95 6.88 23.01
C GLY C 225 15.47 7.87 22.00
N GLY C 226 15.41 7.54 20.72
CA GLY C 226 15.88 8.42 19.66
C GLY C 226 15.23 9.81 19.59
N ASP C 227 14.15 10.02 20.34
CA ASP C 227 13.51 11.33 20.36
C ASP C 227 14.03 12.12 21.55
N VAL C 228 14.78 11.47 22.46
CA VAL C 228 15.28 12.14 23.66
C VAL C 228 16.73 12.55 23.65
N MET C 229 17.00 13.78 24.11
CA MET C 229 18.38 14.28 24.10
C MET C 229 18.77 15.16 25.31
N PRO C 230 19.47 14.60 26.30
CA PRO C 230 19.81 15.52 27.39
C PRO C 230 21.01 16.38 26.93
N ILE C 231 20.74 17.52 26.32
CA ILE C 231 21.79 18.39 25.81
C ILE C 231 22.67 19.17 26.84
N GLY C 232 22.16 19.33 28.06
CA GLY C 232 22.91 20.05 29.08
C GLY C 232 22.19 21.33 29.50
N ASN C 233 22.60 21.92 30.63
CA ASN C 233 21.96 23.15 31.13
C ASN C 233 20.60 22.86 31.76
N GLY C 234 20.42 21.64 32.28
CA GLY C 234 19.14 21.26 32.83
C GLY C 234 18.05 21.36 31.76
N VAL C 235 18.44 21.13 30.51
CA VAL C 235 17.50 21.19 29.40
C VAL C 235 17.39 19.83 28.77
N VAL C 236 16.24 19.52 28.18
CA VAL C 236 16.06 18.22 27.54
C VAL C 236 15.17 18.32 26.32
N LEU C 237 15.69 17.82 25.20
CA LEU C 237 14.96 17.77 23.92
C LEU C 237 14.17 16.48 23.81
N ILE C 238 12.98 16.59 23.22
CA ILE C 238 12.11 15.42 23.04
C ILE C 238 11.17 15.63 21.89
N GLY C 239 11.42 14.91 20.79
CA GLY C 239 10.54 15.00 19.63
C GLY C 239 9.19 14.38 19.95
N MET C 240 8.13 15.00 19.44
CA MET C 240 6.77 14.55 19.68
C MET C 240 5.94 14.40 18.42
N GLY C 241 4.87 13.61 18.56
CA GLY C 241 3.95 13.37 17.47
C GLY C 241 4.18 12.16 16.60
N GLU C 242 5.37 11.56 16.62
CA GLU C 242 5.61 10.38 15.78
C GLU C 242 5.71 9.04 16.57
N ARG C 243 6.78 8.86 17.35
CA ARG C 243 6.96 7.64 18.13
C ARG C 243 6.71 7.97 19.61
N SER C 244 6.86 9.24 19.97
CA SER C 244 6.61 9.66 21.34
C SER C 244 5.37 10.53 21.41
N SER C 245 4.42 10.07 22.20
CA SER C 245 3.15 10.75 22.38
C SER C 245 3.20 11.84 23.45
N ARG C 246 2.26 12.80 23.38
CA ARG C 246 2.23 13.89 24.35
C ARG C 246 1.90 13.37 25.72
N GLN C 247 1.11 12.31 25.79
CA GLN C 247 0.75 11.75 27.10
C GLN C 247 2.00 11.24 27.80
N ALA C 248 2.90 10.63 27.05
CA ALA C 248 4.15 10.11 27.62
C ALA C 248 5.05 11.28 27.94
N ILE C 249 5.26 12.15 26.96
CA ILE C 249 6.16 13.28 27.22
C ILE C 249 5.81 14.13 28.45
N GLY C 250 4.53 14.51 28.60
CA GLY C 250 4.16 15.29 29.77
C GLY C 250 4.43 14.58 31.10
N GLN C 251 4.22 13.28 31.21
CA GLN C 251 4.52 12.62 32.50
C GLN C 251 6.02 12.48 32.69
N VAL C 252 6.78 12.52 31.61
CA VAL C 252 8.24 12.38 31.73
C VAL C 252 8.86 13.70 32.23
N ALA C 253 8.30 14.80 31.75
CA ALA C 253 8.73 16.12 32.13
C ALA C 253 8.41 16.30 33.61
N GLN C 254 7.15 16.02 33.95
CA GLN C 254 6.71 16.16 35.32
C GLN C 254 7.62 15.44 36.31
N SER C 255 8.00 14.22 35.98
CA SER C 255 8.84 13.47 36.87
C SER C 255 10.20 14.18 36.99
N LEU C 256 10.75 14.60 35.85
CA LEU C 256 12.04 15.26 35.89
C LEU C 256 12.01 16.50 36.77
N PHE C 257 11.00 17.35 36.57
CA PHE C 257 10.89 18.59 37.34
C PHE C 257 10.67 18.35 38.83
N ALA C 258 9.91 17.30 39.15
CA ALA C 258 9.61 16.98 40.54
C ALA C 258 10.79 16.44 41.31
N LYS C 259 11.78 15.91 40.59
CA LYS C 259 12.96 15.37 41.22
C LYS C 259 14.14 16.29 40.98
N GLY C 260 13.85 17.48 40.49
CA GLY C 260 14.89 18.44 40.26
C GLY C 260 15.93 18.12 39.22
N ALA C 261 15.69 17.11 38.38
CA ALA C 261 16.63 16.71 37.34
C ALA C 261 16.57 17.51 36.04
N ALA C 262 15.74 18.55 35.97
CA ALA C 262 15.65 19.35 34.75
C ALA C 262 14.88 20.67 34.89
N GLU C 263 15.40 21.69 34.21
CA GLU C 263 14.84 23.03 34.23
C GLU C 263 13.85 23.24 33.11
N ARG C 264 14.14 22.69 31.94
CA ARG C 264 13.26 22.91 30.80
C ARG C 264 13.17 21.77 29.81
N VAL C 265 12.01 21.63 29.20
CA VAL C 265 11.85 20.58 28.23
C VAL C 265 11.40 21.18 26.91
N ILE C 266 12.28 21.09 25.91
CA ILE C 266 11.87 21.63 24.63
C ILE C 266 11.24 20.54 23.79
N VAL C 267 9.92 20.59 23.72
CA VAL C 267 9.25 19.59 22.94
C VAL C 267 9.51 20.01 21.53
N ALA C 268 9.80 19.02 20.72
CA ALA C 268 10.07 19.26 19.32
C ALA C 268 8.89 18.72 18.54
N GLY C 269 7.93 19.58 18.21
CA GLY C 269 6.79 19.11 17.43
C GLY C 269 7.13 18.70 16.00
N LEU C 270 6.96 17.41 15.71
CA LEU C 270 7.27 16.83 14.40
C LEU C 270 6.00 16.64 13.54
N PRO C 271 6.11 16.95 12.24
CA PRO C 271 5.00 16.85 11.25
C PRO C 271 4.58 15.43 10.87
N LYS C 272 3.42 15.32 10.22
CA LYS C 272 2.84 14.05 9.76
C LYS C 272 2.11 13.33 10.90
N ALA C 276 7.30 7.22 9.86
CA ALA C 276 7.67 7.50 11.25
C ALA C 276 9.18 7.70 11.34
N MET C 277 9.59 8.64 12.17
CA MET C 277 10.99 8.96 12.33
C MET C 277 11.24 9.67 13.68
N HIS C 278 12.34 9.30 14.34
CA HIS C 278 12.68 9.91 15.62
C HIS C 278 13.48 11.16 15.35
N LEU C 279 13.65 11.96 16.38
CA LEU C 279 14.38 13.20 16.32
C LEU C 279 15.84 13.09 15.80
N ASP C 280 16.59 12.12 16.31
CA ASP C 280 18.00 11.93 15.90
C ASP C 280 18.17 11.51 14.46
N THR C 281 17.06 11.45 13.72
CA THR C 281 17.13 11.07 12.32
C THR C 281 17.12 12.30 11.42
N VAL C 282 16.69 13.44 11.93
CA VAL C 282 16.63 14.63 11.08
C VAL C 282 17.40 15.72 11.80
N PHE C 283 17.90 15.37 12.98
CA PHE C 283 18.73 16.29 13.77
C PHE C 283 19.70 15.61 14.73
N SER C 284 20.96 16.01 14.68
CA SER C 284 21.89 15.43 15.60
C SER C 284 23.19 16.16 15.66
N PHE C 285 23.67 16.28 16.90
CA PHE C 285 24.93 16.92 17.28
C PHE C 285 26.17 16.21 16.84
N CYS C 286 27.13 17.01 16.39
CA CYS C 286 28.44 16.55 15.94
C CYS C 286 29.53 17.20 16.83
N ASP C 287 29.26 18.40 17.36
CA ASP C 287 30.20 19.11 18.22
C ASP C 287 29.48 20.07 19.14
N ARG C 288 30.24 20.72 20.01
CA ARG C 288 29.71 21.69 20.96
C ARG C 288 28.60 22.58 20.36
N ASP C 289 28.86 23.23 19.24
CA ASP C 289 27.85 24.07 18.60
C ASP C 289 27.61 23.62 17.16
N LEU C 290 27.60 22.32 16.92
CA LEU C 290 27.44 21.87 15.55
C LEU C 290 26.50 20.69 15.40
N VAL C 291 25.59 20.81 14.45
CA VAL C 291 24.64 19.73 14.18
C VAL C 291 24.47 19.36 12.71
N THR C 292 23.92 18.17 12.46
CA THR C 292 23.60 17.75 11.09
C THR C 292 22.09 17.93 11.09
N VAL C 293 21.55 18.25 9.92
CA VAL C 293 20.11 18.48 9.82
C VAL C 293 19.52 18.04 8.47
N PHE C 294 18.24 17.70 8.48
CA PHE C 294 17.57 17.33 7.26
C PHE C 294 16.59 18.50 7.10
N PRO C 295 17.02 19.58 6.41
CA PRO C 295 16.28 20.81 6.15
C PRO C 295 14.76 20.69 6.06
N GLU C 296 14.30 19.98 5.03
CA GLU C 296 12.88 19.76 4.78
C GLU C 296 12.07 19.44 6.01
N VAL C 297 12.63 18.66 6.96
CA VAL C 297 11.86 18.35 8.18
C VAL C 297 12.10 19.29 9.38
N VAL C 298 13.35 19.60 9.66
CA VAL C 298 13.68 20.47 10.77
C VAL C 298 13.05 21.86 10.62
N LYS C 299 13.05 22.40 9.41
CA LYS C 299 12.45 23.73 9.21
C LYS C 299 10.97 23.75 9.57
N GLU C 300 10.34 22.58 9.66
CA GLU C 300 8.93 22.50 9.98
C GLU C 300 8.65 22.14 11.43
N ILE C 301 9.70 21.87 12.19
CA ILE C 301 9.53 21.49 13.59
C ILE C 301 8.94 22.65 14.41
N VAL C 302 7.81 22.42 15.08
CA VAL C 302 7.22 23.46 15.92
C VAL C 302 7.70 23.23 17.33
N PRO C 303 8.47 24.16 17.88
CA PRO C 303 8.92 23.90 19.26
C PRO C 303 8.06 24.51 20.36
N PHE C 304 7.99 23.78 21.47
CA PHE C 304 7.21 24.21 22.61
C PHE C 304 8.10 24.09 23.82
N SER C 305 8.20 25.16 24.61
CA SER C 305 9.01 25.13 25.83
C SER C 305 8.12 24.79 27.02
N LEU C 306 8.58 23.84 27.81
CA LEU C 306 7.91 23.27 28.94
C LEU C 306 8.76 23.52 30.18
N ARG C 307 8.26 24.31 31.12
CA ARG C 307 9.02 24.62 32.33
C ARG C 307 8.17 24.44 33.60
N PRO C 308 8.82 24.40 34.77
CA PRO C 308 8.12 24.24 36.05
C PRO C 308 7.28 25.48 36.35
N ASP C 309 6.24 25.30 37.14
CA ASP C 309 5.37 26.43 37.44
C ASP C 309 4.34 26.11 38.52
N PRO C 310 4.51 26.70 39.71
CA PRO C 310 3.64 26.53 40.87
C PRO C 310 2.18 26.90 40.55
N SER C 311 2.00 27.78 39.56
CA SER C 311 0.67 28.21 39.08
C SER C 311 -0.21 27.01 38.68
N SER C 312 0.30 26.19 37.77
CA SER C 312 -0.43 25.04 37.24
C SER C 312 -0.74 23.86 38.15
N PRO C 313 -2.00 23.36 38.07
CA PRO C 313 -2.51 22.23 38.85
C PRO C 313 -1.76 20.95 38.46
N TYR C 314 -1.07 20.98 37.30
CA TYR C 314 -0.22 19.86 36.90
C TYR C 314 1.22 20.37 36.95
N GLY C 315 1.32 21.54 37.59
CA GLY C 315 2.57 22.24 37.84
C GLY C 315 3.56 22.47 36.72
N MET C 316 3.05 22.67 35.50
CA MET C 316 3.92 22.88 34.34
C MET C 316 3.33 23.87 33.34
N ASN C 317 4.22 24.62 32.69
CA ASN C 317 3.81 25.59 31.70
C ASN C 317 4.36 25.27 30.31
N ILE C 318 3.51 25.50 29.32
CA ILE C 318 3.91 25.30 27.97
C ILE C 318 3.74 26.60 27.16
N ARG C 319 4.78 27.01 26.48
CA ARG C 319 4.73 28.20 25.63
C ARG C 319 5.24 27.73 24.27
N ARG C 320 4.54 28.11 23.20
CA ARG C 320 4.97 27.72 21.88
C ARG C 320 6.02 28.71 21.45
N GLU C 321 7.24 28.23 21.22
CA GLU C 321 8.34 29.08 20.78
C GLU C 321 8.07 29.69 19.39
N GLU C 322 8.28 31.00 19.28
CA GLU C 322 8.07 31.68 18.01
C GLU C 322 9.21 31.43 17.04
N LYS C 323 10.45 31.43 17.55
CA LYS C 323 11.61 31.21 16.70
C LYS C 323 11.71 29.74 16.24
N THR C 324 12.69 29.47 15.34
CA THR C 324 12.87 28.09 14.81
C THR C 324 13.49 27.14 15.84
N PHE C 325 13.41 25.85 15.58
CA PHE C 325 13.95 24.84 16.47
C PHE C 325 15.44 25.02 16.67
N LEU C 326 16.15 25.27 15.56
CA LEU C 326 17.59 25.49 15.61
C LEU C 326 17.98 26.69 16.52
N GLU C 327 17.17 27.73 16.54
CA GLU C 327 17.47 28.88 17.37
C GLU C 327 17.21 28.60 18.84
N VAL C 328 16.02 28.11 19.13
CA VAL C 328 15.62 27.77 20.48
C VAL C 328 16.66 26.85 21.11
N VAL C 329 17.15 25.88 20.34
CA VAL C 329 18.16 24.97 20.83
C VAL C 329 19.40 25.80 21.13
N ALA C 330 19.79 26.60 20.13
CA ALA C 330 20.97 27.45 20.28
C ALA C 330 20.90 28.21 21.59
N GLU C 331 19.91 29.10 21.69
CA GLU C 331 19.70 29.92 22.87
C GLU C 331 19.72 29.10 24.17
N SER C 332 19.05 27.95 24.16
CA SER C 332 19.05 27.13 25.37
C SER C 332 20.43 26.71 25.87
N LEU C 333 21.42 26.73 24.99
CA LEU C 333 22.78 26.33 25.37
C LEU C 333 23.72 27.53 25.45
N GLY C 334 23.19 28.73 25.30
CA GLY C 334 24.02 29.91 25.42
C GLY C 334 24.70 30.29 24.15
N LEU C 335 24.41 29.54 23.10
CA LEU C 335 25.02 29.79 21.81
C LEU C 335 24.17 30.73 21.02
N LYS C 336 24.85 31.68 20.37
CA LYS C 336 24.17 32.67 19.56
C LYS C 336 23.54 32.00 18.35
N LYS C 337 24.24 31.01 17.83
CA LYS C 337 23.84 30.29 16.65
C LYS C 337 24.54 28.93 16.58
N LEU C 338 23.83 27.95 16.04
CA LEU C 338 24.40 26.61 15.88
C LEU C 338 24.88 26.52 14.42
N ARG C 339 26.03 25.90 14.24
CA ARG C 339 26.62 25.66 12.93
C ARG C 339 25.88 24.40 12.42
N VAL C 340 25.38 24.52 11.20
CA VAL C 340 24.56 23.47 10.60
C VAL C 340 25.02 22.85 9.31
N VAL C 341 25.09 21.52 9.29
CA VAL C 341 25.42 20.77 8.08
C VAL C 341 24.11 20.14 7.61
N GLU C 342 23.69 20.46 6.39
CA GLU C 342 22.48 19.89 5.83
C GLU C 342 22.66 18.56 5.10
N THR C 343 21.61 17.75 5.10
CA THR C 343 21.65 16.47 4.42
C THR C 343 20.44 16.42 3.47
N GLY C 344 20.35 17.43 2.60
CA GLY C 344 19.26 17.46 1.64
C GLY C 344 18.29 18.62 1.78
N ARG C 352 25.82 18.31 -5.14
CA ARG C 352 26.45 17.09 -4.63
C ARG C 352 26.28 15.95 -5.61
N GLU C 353 27.04 14.89 -5.40
CA GLU C 353 26.94 13.77 -6.31
C GLU C 353 25.63 13.01 -6.17
N GLN C 354 25.26 12.62 -4.96
CA GLN C 354 24.02 11.90 -4.81
C GLN C 354 23.29 12.27 -3.55
N TRP C 355 22.12 11.68 -3.38
CA TRP C 355 21.31 11.94 -2.21
C TRP C 355 22.03 11.28 -1.05
N ASP C 356 21.98 11.87 0.13
CA ASP C 356 22.57 11.15 1.22
C ASP C 356 21.99 11.54 2.54
N ASP C 357 21.80 10.56 3.41
CA ASP C 357 21.27 10.86 4.71
C ASP C 357 22.34 10.59 5.75
N GLY C 358 23.07 11.62 6.14
CA GLY C 358 24.14 11.45 7.11
C GLY C 358 23.91 12.03 8.50
N ASN C 359 22.66 12.03 8.87
CA ASN C 359 22.28 12.43 10.18
C ASN C 359 22.46 11.17 10.98
N ASN C 360 22.36 11.20 12.30
CA ASN C 360 22.45 9.99 13.12
C ASN C 360 23.85 9.44 13.42
N VAL C 361 24.84 10.32 13.39
CA VAL C 361 26.19 9.91 13.74
C VAL C 361 26.14 9.96 15.28
N VAL C 362 27.11 9.37 15.94
CA VAL C 362 27.15 9.46 17.38
C VAL C 362 28.49 10.12 17.76
N CYS C 363 28.48 11.08 18.71
CA CYS C 363 29.75 11.71 19.14
C CYS C 363 30.44 10.81 20.15
N LEU C 364 31.75 10.69 20.08
CA LEU C 364 32.45 9.88 21.09
C LEU C 364 32.99 10.82 22.14
N GLU C 365 33.04 12.10 21.76
CA GLU C 365 33.52 13.21 22.58
C GLU C 365 33.40 14.47 21.69
N PRO C 366 33.81 15.66 22.18
CA PRO C 366 33.65 16.80 21.27
C PRO C 366 34.66 16.73 20.14
N GLY C 367 34.16 16.82 18.90
CA GLY C 367 35.02 16.71 17.75
C GLY C 367 35.24 15.26 17.24
N VAL C 368 34.68 14.25 17.91
CA VAL C 368 34.84 12.89 17.42
C VAL C 368 33.47 12.22 17.21
N VAL C 369 33.25 11.70 16.00
CA VAL C 369 31.96 11.12 15.63
C VAL C 369 32.11 9.81 14.83
N VAL C 370 31.13 8.93 14.95
CA VAL C 370 31.18 7.67 14.22
C VAL C 370 29.92 7.70 13.41
N GLY C 371 30.06 7.38 12.13
CA GLY C 371 28.95 7.34 11.22
C GLY C 371 29.17 6.31 10.11
N TYR C 372 28.46 6.50 9.00
CA TYR C 372 28.57 5.53 7.89
C TYR C 372 29.47 5.95 6.71
N ASP C 373 30.09 4.93 6.12
CA ASP C 373 30.99 5.11 5.00
C ASP C 373 30.34 5.71 3.80
N ARG C 374 29.09 5.37 3.58
CA ARG C 374 28.35 5.83 2.42
C ARG C 374 28.07 7.32 2.28
N ASN C 375 27.92 8.01 3.41
CA ASN C 375 27.60 9.43 3.35
C ASN C 375 28.81 10.29 3.22
N THR C 376 29.51 10.08 2.11
CA THR C 376 30.73 10.81 1.84
C THR C 376 30.63 12.33 1.79
N TYR C 377 29.54 12.86 1.24
CA TYR C 377 29.36 14.29 1.12
C TYR C 377 29.18 14.98 2.46
N THR C 378 28.41 14.35 3.36
CA THR C 378 28.19 14.95 4.66
C THR C 378 29.39 14.72 5.50
N ASN C 379 30.02 13.55 5.34
CA ASN C 379 31.22 13.26 6.10
C ASN C 379 32.34 14.25 5.75
N THR C 380 32.48 14.59 4.47
CA THR C 380 33.54 15.55 4.14
C THR C 380 33.21 16.95 4.68
N LEU C 381 31.96 17.40 4.56
CA LEU C 381 31.58 18.73 5.13
C LEU C 381 31.79 18.73 6.66
N LEU C 382 31.55 17.60 7.32
CA LEU C 382 31.76 17.53 8.77
C LEU C 382 33.23 17.68 9.05
N ARG C 383 34.05 17.08 8.19
CA ARG C 383 35.49 17.14 8.34
C ARG C 383 35.96 18.58 8.24
N LYS C 384 35.34 19.32 7.32
CA LYS C 384 35.66 20.74 7.16
C LYS C 384 35.25 21.50 8.44
N ALA C 385 34.16 21.08 9.08
CA ALA C 385 33.72 21.76 10.30
C ALA C 385 34.66 21.39 11.47
N GLY C 386 35.71 20.63 11.15
CA GLY C 386 36.68 20.26 12.15
C GLY C 386 36.35 19.03 12.96
N VAL C 387 35.50 18.14 12.44
CA VAL C 387 35.15 16.93 13.19
C VAL C 387 35.82 15.67 12.62
N GLU C 388 36.48 14.91 13.49
CA GLU C 388 37.11 13.64 13.12
C GLU C 388 35.94 12.67 12.97
N VAL C 389 35.74 12.17 11.76
CA VAL C 389 34.64 11.29 11.42
C VAL C 389 34.96 9.82 11.18
N ILE C 390 34.90 9.02 12.22
CA ILE C 390 35.13 7.58 12.08
C ILE C 390 33.84 6.99 11.43
N THR C 391 34.07 6.15 10.43
CA THR C 391 33.01 5.52 9.68
C THR C 391 33.02 4.01 9.80
N ILE C 392 31.81 3.43 9.72
CA ILE C 392 31.61 1.97 9.71
C ILE C 392 30.73 1.65 8.49
N SER C 393 30.59 0.36 8.18
CA SER C 393 29.80 -0.09 7.04
C SER C 393 28.29 -0.09 7.33
N ALA C 394 27.54 0.46 6.38
CA ALA C 394 26.09 0.53 6.47
C ALA C 394 25.34 -0.54 5.65
N SER C 395 26.08 -1.20 4.75
CA SER C 395 25.54 -2.25 3.85
C SER C 395 24.56 -3.25 4.48
N GLU C 396 24.78 -3.56 5.75
CA GLU C 396 23.83 -4.44 6.42
C GLU C 396 23.13 -3.81 7.61
N LEU C 397 23.91 -3.13 8.45
CA LEU C 397 23.41 -2.50 9.68
C LEU C 397 22.38 -1.41 9.37
N GLY C 398 22.61 -0.71 8.24
CA GLY C 398 21.70 0.38 7.85
C GLY C 398 20.38 -0.04 7.22
N ARG C 399 20.22 -1.33 6.96
CA ARG C 399 18.98 -1.81 6.40
C ARG C 399 17.93 -1.92 7.52
N GLY C 400 18.37 -1.60 8.74
CA GLY C 400 17.48 -1.59 9.89
C GLY C 400 17.03 -0.15 10.12
N ARG C 401 17.48 0.75 9.26
CA ARG C 401 17.08 2.13 9.33
C ARG C 401 17.65 2.83 10.54
N GLY C 402 18.93 2.59 10.81
CA GLY C 402 19.53 3.25 11.95
C GLY C 402 21.02 3.36 11.88
N GLY C 403 21.54 4.52 12.28
CA GLY C 403 22.97 4.77 12.27
C GLY C 403 23.61 4.54 13.64
N GLY C 404 24.77 5.18 13.85
CA GLY C 404 25.53 5.07 15.08
C GLY C 404 24.73 5.56 16.27
N HIS C 405 24.10 6.73 16.12
CA HIS C 405 23.32 7.32 17.21
C HIS C 405 22.21 6.37 17.63
N ALA C 406 21.55 5.75 16.65
CA ALA C 406 20.48 4.80 16.94
C ALA C 406 20.99 3.51 17.58
N MET C 407 22.20 3.11 17.22
CA MET C 407 22.75 1.87 17.78
C MET C 407 23.55 2.08 19.08
N THR C 408 23.36 3.23 19.74
CA THR C 408 24.07 3.51 20.98
C THR C 408 23.14 4.06 22.02
N CYS C 409 23.38 3.62 23.23
CA CYS C 409 22.59 4.05 24.36
C CYS C 409 23.61 4.47 25.40
N PRO C 410 23.96 5.77 25.39
CA PRO C 410 24.93 6.30 26.35
C PRO C 410 24.40 6.07 27.77
N ILE C 411 25.30 5.62 28.65
CA ILE C 411 25.02 5.37 30.04
C ILE C 411 25.76 6.42 30.85
N VAL C 412 27.04 6.65 30.56
CA VAL C 412 27.82 7.70 31.25
C VAL C 412 28.37 8.68 30.21
N ARG C 413 28.09 9.97 30.31
CA ARG C 413 28.64 10.91 29.33
C ARG C 413 28.69 12.25 30.02
N ASP C 414 29.89 12.79 30.09
CA ASP C 414 30.14 14.05 30.77
C ASP C 414 29.41 15.23 30.14
N PRO C 415 29.31 16.34 30.88
CA PRO C 415 28.67 17.54 30.35
C PRO C 415 29.78 18.34 29.64
N ILE C 416 29.54 19.60 29.34
CA ILE C 416 30.54 20.46 28.69
C ILE C 416 30.67 21.70 29.57
N ASP C 417 29.99 22.76 29.14
CA ASP C 417 29.92 24.03 29.85
C ASP C 417 28.50 24.63 29.71
N THR D 6 33.16 -16.91 -34.97
CA THR D 6 31.72 -17.26 -34.83
C THR D 6 30.82 -16.07 -35.20
N LYS D 7 29.52 -16.30 -35.05
CA LYS D 7 28.53 -15.28 -35.36
C LYS D 7 27.84 -14.84 -34.07
N LEU D 8 27.29 -13.65 -34.07
CA LEU D 8 26.59 -13.22 -32.87
C LEU D 8 25.45 -14.26 -32.63
N GLY D 9 25.22 -14.63 -31.38
CA GLY D 9 24.17 -15.61 -31.11
C GLY D 9 24.36 -16.34 -29.80
N VAL D 10 23.28 -16.47 -29.04
CA VAL D 10 23.31 -17.15 -27.73
C VAL D 10 22.65 -18.50 -27.96
N HIS D 11 23.41 -19.57 -27.77
CA HIS D 11 22.91 -20.92 -28.02
C HIS D 11 22.70 -21.81 -26.81
N SER D 12 22.67 -21.23 -25.61
CA SER D 12 22.45 -21.96 -24.35
C SER D 12 22.51 -21.03 -23.12
N GLU D 13 22.44 -21.58 -21.92
CA GLU D 13 22.51 -20.75 -20.72
C GLU D 13 23.79 -21.06 -19.95
N ALA D 14 24.33 -22.23 -20.24
CA ALA D 14 25.50 -22.73 -19.60
C ALA D 14 26.78 -22.69 -20.39
N GLY D 15 26.68 -22.66 -21.70
CA GLY D 15 27.86 -22.64 -22.54
C GLY D 15 28.75 -21.41 -22.44
N LYS D 16 30.01 -21.62 -22.80
CA LYS D 16 31.06 -20.62 -22.78
C LYS D 16 30.65 -19.22 -23.24
N LEU D 17 30.66 -18.28 -22.30
CA LEU D 17 30.30 -16.90 -22.60
C LEU D 17 31.43 -16.18 -23.39
N ARG D 18 31.13 -15.65 -24.57
CA ARG D 18 32.19 -14.98 -25.31
C ARG D 18 32.01 -13.47 -25.41
N LYS D 19 30.75 -13.02 -25.41
CA LYS D 19 30.52 -11.61 -25.56
C LYS D 19 29.26 -11.16 -24.77
N VAL D 20 29.47 -10.31 -23.76
CA VAL D 20 28.37 -9.80 -22.94
C VAL D 20 28.30 -8.29 -22.96
N MET D 21 27.09 -7.77 -22.85
CA MET D 21 26.93 -6.33 -22.75
C MET D 21 26.52 -6.14 -21.30
N VAL D 22 26.92 -5.01 -20.73
CA VAL D 22 26.59 -4.62 -19.38
C VAL D 22 26.43 -3.10 -19.41
N CYS D 23 25.85 -2.56 -18.34
CA CYS D 23 25.65 -1.13 -18.25
C CYS D 23 25.99 -0.83 -16.83
N SER D 24 26.87 0.14 -16.69
CA SER D 24 27.34 0.53 -15.38
C SER D 24 26.39 1.48 -14.70
N PRO D 25 26.34 1.44 -13.36
CA PRO D 25 25.47 2.37 -12.62
C PRO D 25 26.00 3.78 -13.03
N GLY D 26 25.18 4.83 -12.99
CA GLY D 26 25.68 6.16 -13.37
C GLY D 26 24.84 7.34 -12.87
N LEU D 27 24.69 8.34 -13.74
CA LEU D 27 23.88 9.52 -13.41
C LEU D 27 22.47 9.12 -13.02
N ALA D 28 21.89 8.18 -13.75
CA ALA D 28 20.54 7.74 -13.46
C ALA D 28 20.42 7.39 -11.98
N HIS D 29 21.46 6.77 -11.44
CA HIS D 29 21.44 6.36 -10.04
C HIS D 29 21.68 7.47 -9.05
N GLN D 30 22.52 8.43 -9.42
CA GLN D 30 22.76 9.55 -8.54
C GLN D 30 21.44 10.33 -8.42
N ARG D 31 20.50 10.06 -9.34
CA ARG D 31 19.21 10.73 -9.31
C ARG D 31 18.23 10.05 -8.37
N LEU D 32 18.59 8.89 -7.83
CA LEU D 32 17.65 8.23 -6.92
C LEU D 32 17.36 9.01 -5.64
N THR D 33 16.11 8.87 -5.15
CA THR D 33 15.68 9.52 -3.91
C THR D 33 14.68 8.63 -3.17
N PRO D 34 14.55 8.83 -1.85
CA PRO D 34 13.62 8.02 -1.07
C PRO D 34 12.19 8.04 -1.65
N SER D 35 11.85 9.15 -2.30
CA SER D 35 10.53 9.33 -2.83
C SER D 35 10.32 8.87 -4.26
N ASN D 36 11.40 8.61 -4.98
CA ASN D 36 11.25 8.16 -6.35
C ASN D 36 11.74 6.74 -6.61
N CYS D 37 12.55 6.24 -5.70
CA CYS D 37 13.13 4.93 -5.90
C CYS D 37 12.17 3.72 -6.12
N ASP D 38 11.00 3.70 -5.50
CA ASP D 38 10.09 2.56 -5.72
C ASP D 38 9.44 2.60 -7.10
N GLU D 39 9.17 3.80 -7.61
CA GLU D 39 8.61 3.82 -8.95
C GLU D 39 9.72 3.53 -9.96
N LEU D 40 10.97 3.78 -9.57
CA LEU D 40 12.12 3.52 -10.44
C LEU D 40 12.62 2.11 -10.27
N LEU D 41 11.85 1.30 -9.56
CA LEU D 41 12.17 -0.13 -9.38
C LEU D 41 13.42 -0.47 -8.58
N PHE D 42 13.83 0.41 -7.68
CA PHE D 42 14.97 0.23 -6.77
C PHE D 42 14.43 0.18 -5.30
N ASP D 43 15.04 -0.65 -4.44
CA ASP D 43 14.62 -0.77 -3.02
C ASP D 43 14.93 0.48 -2.21
N ASP D 44 16.01 1.14 -2.56
CA ASP D 44 16.37 2.30 -1.81
C ASP D 44 17.45 3.01 -2.60
N VAL D 45 17.91 4.12 -2.07
CA VAL D 45 18.99 4.88 -2.66
C VAL D 45 20.29 4.08 -2.56
N ILE D 46 21.19 4.26 -3.52
CA ILE D 46 22.44 3.52 -3.42
C ILE D 46 23.69 4.44 -3.45
N TRP D 47 24.78 3.93 -2.87
CA TRP D 47 26.06 4.62 -2.85
C TRP D 47 26.68 4.28 -4.23
N VAL D 48 26.46 5.18 -5.19
CA VAL D 48 26.89 5.01 -6.58
C VAL D 48 28.38 4.82 -6.82
N ASN D 49 29.24 5.56 -6.13
CA ASN D 49 30.68 5.40 -6.35
C ASN D 49 31.11 4.03 -5.97
N GLN D 50 30.52 3.52 -4.89
CA GLN D 50 30.78 2.16 -4.48
C GLN D 50 30.10 1.22 -5.47
N ALA D 51 28.92 1.58 -6.02
CA ALA D 51 28.25 0.71 -6.98
C ALA D 51 29.11 0.49 -8.18
N LYS D 52 29.68 1.61 -8.65
CA LYS D 52 30.56 1.64 -9.78
C LYS D 52 31.76 0.76 -9.50
N ARG D 53 32.24 0.79 -8.27
CA ARG D 53 33.42 -0.03 -8.04
C ARG D 53 33.03 -1.50 -8.18
N ASP D 54 31.97 -1.88 -7.47
CA ASP D 54 31.46 -3.23 -7.48
C ASP D 54 31.08 -3.73 -8.86
N HIS D 55 30.55 -2.86 -9.69
CA HIS D 55 30.20 -3.29 -11.01
C HIS D 55 31.48 -3.55 -11.78
N PHE D 56 32.47 -2.68 -11.63
CA PHE D 56 33.71 -2.87 -12.40
C PHE D 56 34.50 -4.06 -11.91
N ASP D 57 34.27 -4.46 -10.66
CA ASP D 57 34.97 -5.63 -10.14
C ASP D 57 34.43 -6.79 -10.96
N PHE D 58 33.10 -6.79 -11.13
CA PHE D 58 32.30 -7.75 -11.89
C PHE D 58 32.82 -7.82 -13.34
N VAL D 59 32.95 -6.67 -13.97
CA VAL D 59 33.45 -6.62 -15.33
C VAL D 59 34.82 -7.28 -15.38
N THR D 60 35.70 -6.78 -14.52
CA THR D 60 37.05 -7.29 -14.40
C THR D 60 37.04 -8.82 -14.20
N LYS D 61 36.23 -9.33 -13.29
CA LYS D 61 36.30 -10.76 -13.12
C LYS D 61 35.86 -11.48 -14.38
N MET D 62 35.13 -10.81 -15.26
CA MET D 62 34.74 -11.51 -16.47
C MET D 62 35.82 -11.34 -17.54
N ARG D 63 36.42 -10.17 -17.56
CA ARG D 63 37.47 -9.85 -18.51
C ARG D 63 38.71 -10.77 -18.31
N GLU D 64 39.12 -11.03 -17.06
CA GLU D 64 40.31 -11.86 -16.82
C GLU D 64 40.12 -13.33 -17.22
N ARG D 65 38.93 -13.66 -17.70
CA ARG D 65 38.64 -14.99 -18.17
C ARG D 65 38.49 -15.03 -19.71
N GLY D 66 38.90 -13.97 -20.39
CA GLY D 66 38.78 -14.00 -21.82
C GLY D 66 37.44 -13.50 -22.38
N ILE D 67 36.42 -13.40 -21.54
CA ILE D 67 35.13 -12.90 -22.02
C ILE D 67 35.22 -11.43 -22.44
N ASP D 68 34.63 -11.12 -23.59
CA ASP D 68 34.64 -9.77 -24.13
C ASP D 68 33.41 -9.10 -23.53
N VAL D 69 33.67 -8.16 -22.66
CA VAL D 69 32.64 -7.43 -21.94
C VAL D 69 32.43 -6.05 -22.52
N LEU D 70 31.24 -5.82 -23.10
CA LEU D 70 30.87 -4.56 -23.71
C LEU D 70 30.05 -3.82 -22.66
N GLU D 71 30.20 -2.50 -22.55
CA GLU D 71 29.46 -1.74 -21.55
C GLU D 71 28.63 -0.73 -22.30
N MET D 72 27.34 -0.71 -21.98
CA MET D 72 26.40 0.15 -22.66
C MET D 72 26.78 1.63 -22.82
N HIS D 73 27.28 2.27 -21.77
CA HIS D 73 27.62 3.67 -21.87
C HIS D 73 28.64 3.83 -22.97
N ASN D 74 29.59 2.89 -22.99
CA ASN D 74 30.64 2.91 -23.98
C ASN D 74 29.98 2.91 -25.37
N LEU D 75 29.24 1.84 -25.64
CA LEU D 75 28.56 1.64 -26.88
C LEU D 75 27.71 2.82 -27.28
N LEU D 76 26.98 3.36 -26.32
CA LEU D 76 26.10 4.48 -26.63
C LEU D 76 26.99 5.61 -27.10
N THR D 77 27.99 5.96 -26.31
CA THR D 77 28.91 7.03 -26.66
C THR D 77 29.50 6.87 -28.09
N GLU D 78 30.09 5.72 -28.41
CA GLU D 78 30.65 5.53 -29.76
C GLU D 78 29.54 5.74 -30.78
N THR D 79 28.45 4.99 -30.62
CA THR D 79 27.28 5.13 -31.49
C THR D 79 26.93 6.61 -31.71
N ILE D 80 26.91 7.38 -30.62
CA ILE D 80 26.59 8.79 -30.68
C ILE D 80 27.54 9.55 -31.60
N GLN D 81 28.77 9.06 -31.78
CA GLN D 81 29.76 9.74 -32.63
C GLN D 81 29.33 9.86 -34.08
N ASN D 82 28.62 8.85 -34.59
CA ASN D 82 28.12 8.90 -35.96
C ASN D 82 26.87 9.79 -35.92
N PRO D 83 26.93 10.96 -36.58
CA PRO D 83 25.85 11.94 -36.64
C PRO D 83 24.50 11.33 -37.01
N GLU D 84 24.54 10.31 -37.86
CA GLU D 84 23.36 9.63 -38.30
C GLU D 84 22.69 8.88 -37.13
N ALA D 85 23.49 8.15 -36.34
CA ALA D 85 22.95 7.46 -35.18
C ALA D 85 22.33 8.49 -34.18
N LEU D 86 23.02 9.62 -33.97
CA LEU D 86 22.56 10.65 -33.02
C LEU D 86 21.32 11.35 -33.57
N LYS D 87 21.20 11.37 -34.89
CA LYS D 87 20.07 12.05 -35.47
C LYS D 87 18.84 11.19 -35.27
N TRP D 88 19.02 9.91 -35.56
CA TRP D 88 17.97 8.92 -35.46
C TRP D 88 17.42 8.81 -34.05
N ILE D 89 18.30 8.88 -33.05
CA ILE D 89 17.90 8.79 -31.64
C ILE D 89 17.16 10.02 -31.13
N LEU D 90 17.76 11.21 -31.24
CA LEU D 90 17.13 12.44 -30.78
C LEU D 90 15.83 12.67 -31.50
N ASP D 91 15.82 12.29 -32.78
CA ASP D 91 14.64 12.41 -33.62
C ASP D 91 13.46 11.67 -33.01
N ARG D 92 13.76 10.66 -32.20
CA ARG D 92 12.74 9.85 -31.59
C ARG D 92 12.53 10.08 -30.10
N LYS D 93 13.55 10.56 -29.42
CA LYS D 93 13.45 10.76 -27.99
C LYS D 93 12.83 12.10 -27.66
N ILE D 94 12.98 13.06 -28.57
CA ILE D 94 12.48 14.39 -28.31
C ILE D 94 11.35 14.81 -29.21
N THR D 95 10.15 14.79 -28.64
CA THR D 95 8.96 15.19 -29.39
C THR D 95 8.10 16.09 -28.50
N ALA D 96 7.06 16.69 -29.07
CA ALA D 96 6.18 17.52 -28.26
C ALA D 96 5.40 16.54 -27.36
N ASP D 97 5.43 15.26 -27.68
CA ASP D 97 4.71 14.27 -26.88
C ASP D 97 5.51 13.62 -25.78
N SER D 98 6.76 13.99 -25.68
CA SER D 98 7.62 13.39 -24.69
C SER D 98 8.22 14.47 -23.81
N VAL D 99 8.57 15.56 -24.46
CA VAL D 99 9.20 16.68 -23.83
C VAL D 99 8.41 17.96 -23.77
N GLY D 100 7.53 18.18 -24.74
CA GLY D 100 6.74 19.39 -24.70
C GLY D 100 7.17 20.50 -25.65
N LEU D 101 6.20 20.92 -26.46
CA LEU D 101 6.35 21.98 -27.44
C LEU D 101 7.33 23.07 -27.10
N GLY D 102 7.33 23.53 -25.86
CA GLY D 102 8.24 24.62 -25.52
C GLY D 102 9.66 24.29 -25.00
N LEU D 103 10.13 23.05 -25.10
CA LEU D 103 11.47 22.72 -24.59
C LEU D 103 12.25 21.83 -25.56
N THR D 104 11.59 21.43 -26.64
CA THR D 104 12.22 20.56 -27.63
C THR D 104 13.46 21.14 -28.30
N SER D 105 13.39 22.41 -28.70
CA SER D 105 14.55 23.03 -29.34
C SER D 105 15.68 23.26 -28.35
N GLU D 106 15.33 23.79 -27.17
CA GLU D 106 16.29 24.06 -26.09
C GLU D 106 17.10 22.81 -25.78
N LEU D 107 16.38 21.73 -25.47
CA LEU D 107 16.97 20.45 -25.10
C LEU D 107 17.91 19.87 -26.13
N ARG D 108 17.38 19.58 -27.32
CA ARG D 108 18.18 18.98 -28.39
C ARG D 108 19.43 19.81 -28.71
N SER D 109 19.28 21.13 -28.84
CA SER D 109 20.42 21.98 -29.14
C SER D 109 21.48 21.82 -28.07
N TRP D 110 21.03 21.84 -26.82
CA TRP D 110 21.91 21.68 -25.68
C TRP D 110 22.65 20.35 -25.77
N LEU D 111 21.89 19.28 -25.94
CA LEU D 111 22.45 17.94 -26.01
C LEU D 111 23.47 17.79 -27.12
N GLU D 112 23.26 18.53 -28.19
CA GLU D 112 24.16 18.48 -29.31
C GLU D 112 25.47 19.20 -28.98
N SER D 113 25.41 20.06 -27.98
CA SER D 113 26.57 20.79 -27.54
C SER D 113 27.49 19.98 -26.64
N LEU D 114 27.00 18.82 -26.20
CA LEU D 114 27.77 17.98 -25.30
C LEU D 114 28.69 17.05 -26.03
N GLU D 115 29.76 16.67 -25.37
CA GLU D 115 30.69 15.77 -25.99
C GLU D 115 30.02 14.39 -25.92
N PRO D 116 30.32 13.52 -26.89
CA PRO D 116 29.72 12.19 -26.87
C PRO D 116 29.54 11.46 -25.54
N ARG D 117 30.62 11.21 -24.79
CA ARG D 117 30.46 10.44 -23.55
C ARG D 117 29.60 11.11 -22.50
N LYS D 118 29.50 12.44 -22.53
CA LYS D 118 28.65 13.12 -21.55
C LYS D 118 27.17 13.03 -21.92
N LEU D 119 26.89 13.26 -23.20
CA LEU D 119 25.54 13.21 -23.74
C LEU D 119 25.02 11.80 -23.56
N ALA D 120 25.90 10.83 -23.72
CA ALA D 120 25.51 9.43 -23.53
C ALA D 120 24.99 9.31 -22.11
N GLU D 121 25.79 9.80 -21.17
CA GLU D 121 25.44 9.75 -19.76
C GLU D 121 24.13 10.47 -19.47
N TYR D 122 23.79 11.47 -20.28
CA TYR D 122 22.55 12.18 -20.07
C TYR D 122 21.34 11.41 -20.63
N LEU D 123 21.52 10.71 -21.75
CA LEU D 123 20.40 9.98 -22.32
C LEU D 123 19.97 8.82 -21.39
N ILE D 124 20.96 8.22 -20.71
CA ILE D 124 20.72 7.11 -19.78
C ILE D 124 20.28 7.67 -18.44
N GLY D 125 20.98 8.69 -17.99
CA GLY D 125 20.66 9.26 -16.70
C GLY D 125 19.57 10.29 -16.65
N GLY D 126 18.99 10.64 -17.79
CA GLY D 126 17.93 11.63 -17.73
C GLY D 126 18.44 13.07 -17.63
N VAL D 127 17.53 14.00 -17.89
CA VAL D 127 17.81 15.43 -17.88
C VAL D 127 16.76 16.20 -17.08
N ALA D 128 17.20 16.86 -16.03
CA ALA D 128 16.28 17.65 -15.18
C ALA D 128 16.18 19.05 -15.78
N ALA D 129 15.34 19.89 -15.21
CA ALA D 129 15.16 21.25 -15.75
C ALA D 129 16.41 22.14 -15.63
N ASP D 130 16.96 22.22 -14.42
CA ASP D 130 18.13 23.05 -14.16
C ASP D 130 19.42 22.54 -14.76
N ASP D 131 19.37 21.38 -15.42
CA ASP D 131 20.55 20.86 -16.08
C ASP D 131 20.80 21.72 -17.31
N LEU D 132 19.73 22.39 -17.71
CA LEU D 132 19.71 23.22 -18.90
C LEU D 132 20.21 24.63 -18.68
N PRO D 133 20.63 25.29 -19.77
CA PRO D 133 21.09 26.66 -19.58
C PRO D 133 19.83 27.39 -19.09
N ALA D 134 19.96 28.57 -18.53
CA ALA D 134 18.77 29.28 -18.07
C ALA D 134 17.92 29.76 -19.22
N SER D 135 16.61 29.83 -18.97
CA SER D 135 15.60 30.27 -19.93
C SER D 135 14.20 30.25 -19.31
N GLU D 136 13.28 30.91 -20.00
CA GLU D 136 11.90 30.96 -19.54
C GLU D 136 11.37 29.54 -19.47
N GLY D 137 11.58 28.78 -20.54
CA GLY D 137 11.11 27.41 -20.59
C GLY D 137 11.49 26.60 -19.37
N ALA D 138 12.80 26.53 -19.10
CA ALA D 138 13.30 25.79 -17.96
C ALA D 138 12.68 26.32 -16.69
N ASN D 139 12.47 27.62 -16.63
CA ASN D 139 11.91 28.20 -15.43
C ASN D 139 10.45 27.85 -15.19
N ILE D 140 9.61 27.98 -16.22
CA ILE D 140 8.19 27.69 -16.01
C ILE D 140 8.06 26.27 -15.63
N LEU D 141 9.03 25.50 -16.10
CA LEU D 141 9.14 24.08 -15.86
C LEU D 141 9.56 23.88 -14.42
N LYS D 142 10.51 24.71 -14.00
CA LYS D 142 11.06 24.68 -12.67
C LYS D 142 10.07 25.08 -11.58
N MET D 143 9.13 25.97 -11.92
CA MET D 143 8.10 26.43 -10.97
C MET D 143 7.07 25.33 -10.74
N TYR D 144 6.65 24.70 -11.83
CA TYR D 144 5.67 23.62 -11.75
C TYR D 144 6.10 22.62 -10.68
N ARG D 145 7.41 22.54 -10.45
CA ARG D 145 7.95 21.61 -9.48
C ARG D 145 8.11 22.20 -8.09
N GLU D 146 8.55 23.44 -8.01
CA GLU D 146 8.78 24.16 -6.74
C GLU D 146 7.51 24.70 -6.10
N TYR D 147 6.43 24.75 -6.85
CA TYR D 147 5.16 25.20 -6.29
C TYR D 147 4.22 24.01 -6.21
N LEU D 148 4.15 23.25 -7.30
CA LEU D 148 3.22 22.13 -7.39
C LEU D 148 3.76 20.73 -7.20
N GLY D 149 5.08 20.58 -7.13
CA GLY D 149 5.66 19.26 -6.97
C GLY D 149 5.52 18.35 -8.18
N HIS D 150 5.57 18.88 -9.41
CA HIS D 150 5.49 18.04 -10.61
C HIS D 150 6.93 17.69 -11.00
N SER D 151 7.12 16.66 -11.82
CA SER D 151 8.44 16.24 -12.28
C SER D 151 9.10 17.21 -13.25
N SER D 152 10.35 17.57 -12.96
CA SER D 152 11.12 18.48 -13.80
C SER D 152 11.87 17.70 -14.89
N PHE D 153 11.79 16.38 -14.86
CA PHE D 153 12.52 15.58 -15.84
C PHE D 153 12.07 15.70 -17.28
N LEU D 154 12.92 16.30 -18.10
CA LEU D 154 12.73 16.43 -19.55
C LEU D 154 12.94 15.00 -20.08
N LEU D 155 14.11 14.42 -19.76
CA LEU D 155 14.41 13.07 -20.13
C LEU D 155 14.37 12.36 -18.77
N PRO D 156 13.77 11.17 -18.71
CA PRO D 156 13.70 10.43 -17.45
C PRO D 156 14.91 9.59 -17.19
N PRO D 157 15.36 9.53 -15.94
CA PRO D 157 16.54 8.71 -15.66
C PRO D 157 16.11 7.28 -15.92
N LEU D 158 17.07 6.43 -16.28
CA LEU D 158 16.78 5.01 -16.55
C LEU D 158 17.76 4.08 -15.85
N PRO D 159 17.77 4.09 -14.52
CA PRO D 159 18.69 3.25 -13.74
C PRO D 159 18.65 1.74 -14.00
N ASN D 160 17.55 1.24 -14.54
CA ASN D 160 17.50 -0.19 -14.78
C ASN D 160 18.27 -0.61 -16.05
N THR D 161 18.83 0.36 -16.77
CA THR D 161 19.65 0.05 -17.94
C THR D 161 20.76 -0.82 -17.41
N GLN D 162 20.97 -0.74 -16.11
CA GLN D 162 21.95 -1.57 -15.43
C GLN D 162 21.64 -3.04 -15.66
N PHE D 163 20.38 -3.35 -15.93
CA PHE D 163 20.00 -4.72 -16.15
C PHE D 163 19.79 -4.96 -17.62
N THR D 164 20.94 -5.15 -18.25
CA THR D 164 21.11 -5.41 -19.66
C THR D 164 20.31 -6.57 -20.16
N ARG D 165 20.13 -7.56 -19.29
CA ARG D 165 19.38 -8.76 -19.62
C ARG D 165 17.94 -8.55 -20.17
N ASP D 166 17.17 -7.73 -19.49
CA ASP D 166 15.79 -7.52 -19.86
C ASP D 166 15.49 -6.67 -21.12
N THR D 167 16.18 -5.54 -21.25
CA THR D 167 15.98 -4.63 -22.38
C THR D 167 15.97 -5.31 -23.74
N THR D 168 16.88 -6.25 -23.94
CA THR D 168 16.94 -6.98 -25.19
C THR D 168 17.50 -8.36 -24.90
N CYS D 169 17.37 -9.28 -25.84
CA CYS D 169 17.96 -10.59 -25.60
C CYS D 169 18.22 -11.29 -26.92
N TRP D 170 19.25 -12.13 -26.88
CA TRP D 170 19.70 -12.87 -28.02
C TRP D 170 19.22 -14.30 -27.90
N ILE D 171 18.49 -14.71 -28.94
CA ILE D 171 17.95 -16.05 -29.00
C ILE D 171 18.55 -16.74 -30.23
N TYR D 172 19.54 -17.58 -29.96
CA TYR D 172 20.27 -18.22 -31.00
C TYR D 172 20.82 -17.11 -31.89
N GLY D 173 20.69 -17.24 -33.20
CA GLY D 173 21.28 -16.22 -34.05
C GLY D 173 20.43 -15.01 -34.32
N GLY D 174 19.90 -14.38 -33.28
CA GLY D 174 19.07 -13.19 -33.46
C GLY D 174 18.69 -12.48 -32.17
N VAL D 175 18.28 -11.21 -32.30
CA VAL D 175 17.90 -10.43 -31.13
C VAL D 175 16.42 -9.95 -31.08
N THR D 176 15.94 -9.58 -29.87
CA THR D 176 14.59 -9.04 -29.71
C THR D 176 14.72 -7.69 -29.04
N LEU D 177 14.00 -6.71 -29.53
CA LEU D 177 14.04 -5.36 -28.97
C LEU D 177 12.80 -5.34 -28.09
N ASN D 178 12.96 -5.61 -26.82
CA ASN D 178 11.81 -5.77 -25.91
C ASN D 178 10.97 -4.55 -25.56
N PRO D 179 9.63 -4.70 -25.62
CA PRO D 179 8.76 -3.58 -25.26
C PRO D 179 8.50 -3.82 -23.78
N MET D 180 9.19 -3.03 -22.99
CA MET D 180 9.19 -3.18 -21.54
C MET D 180 7.85 -3.12 -20.84
N TYR D 181 7.76 -3.86 -19.75
CA TYR D 181 6.55 -3.92 -18.96
C TYR D 181 6.20 -2.59 -18.31
N TRP D 182 7.07 -2.14 -17.41
CA TRP D 182 6.88 -0.90 -16.64
C TRP D 182 7.32 0.36 -17.39
N PRO D 183 6.42 1.35 -17.47
CA PRO D 183 6.67 2.64 -18.13
C PRO D 183 8.09 3.13 -17.85
N ALA D 184 8.51 2.97 -16.60
CA ALA D 184 9.81 3.38 -16.15
C ALA D 184 10.98 2.72 -16.90
N ARG D 185 10.70 1.73 -17.74
CA ARG D 185 11.78 1.11 -18.47
C ARG D 185 11.56 1.17 -19.98
N ARG D 186 10.36 1.48 -20.42
CA ARG D 186 10.11 1.47 -21.85
C ARG D 186 11.05 2.29 -22.71
N GLN D 187 11.53 3.42 -22.22
CA GLN D 187 12.46 4.24 -23.03
C GLN D 187 13.87 3.65 -23.20
N GLU D 188 14.18 2.61 -22.41
CA GLU D 188 15.46 1.92 -22.51
C GLU D 188 15.69 1.32 -23.92
N THR D 189 14.64 0.76 -24.50
CA THR D 189 14.80 0.06 -25.78
C THR D 189 15.32 0.86 -26.96
N LEU D 190 14.91 2.12 -27.06
CA LEU D 190 15.36 2.98 -28.13
C LEU D 190 16.91 3.05 -28.14
N LEU D 191 17.49 3.21 -26.94
CA LEU D 191 18.94 3.30 -26.73
C LEU D 191 19.78 2.10 -27.18
N THR D 192 19.33 0.90 -26.86
CA THR D 192 20.05 -0.29 -27.27
C THR D 192 19.85 -0.56 -28.79
N THR D 193 18.61 -0.40 -29.24
CA THR D 193 18.32 -0.61 -30.63
C THR D 193 19.26 0.26 -31.45
N ALA D 194 19.51 1.49 -31.00
CA ALA D 194 20.40 2.39 -31.76
C ALA D 194 21.77 1.81 -31.88
N ILE D 195 22.20 1.11 -30.85
CA ILE D 195 23.51 0.54 -30.87
C ILE D 195 23.56 -0.62 -31.82
N TYR D 196 22.52 -1.47 -31.80
CA TYR D 196 22.55 -2.66 -32.65
C TYR D 196 22.44 -2.27 -34.10
N LYS D 197 22.00 -1.05 -34.31
CA LYS D 197 21.77 -0.55 -35.64
C LYS D 197 23.02 0.07 -36.19
N PHE D 198 23.63 0.95 -35.40
CA PHE D 198 24.76 1.75 -35.86
C PHE D 198 26.18 1.35 -35.36
N HIS D 199 26.31 0.92 -34.11
CA HIS D 199 27.63 0.58 -33.60
C HIS D 199 28.28 -0.43 -34.49
N PRO D 200 29.60 -0.31 -34.70
CA PRO D 200 30.35 -1.23 -35.56
C PRO D 200 30.29 -2.71 -35.23
N GLU D 201 30.30 -3.06 -33.95
CA GLU D 201 30.26 -4.47 -33.64
C GLU D 201 28.94 -5.10 -34.09
N PHE D 202 27.94 -4.27 -34.38
CA PHE D 202 26.62 -4.78 -34.76
C PHE D 202 26.19 -4.47 -36.19
N ALA D 203 26.35 -3.20 -36.59
CA ALA D 203 25.95 -2.68 -37.90
C ALA D 203 26.31 -3.51 -39.11
N ASN D 204 27.36 -4.29 -39.02
CA ASN D 204 27.72 -5.11 -40.16
C ASN D 204 27.58 -6.58 -39.83
N ALA D 205 27.65 -6.93 -38.55
CA ALA D 205 27.54 -8.33 -38.17
C ALA D 205 26.27 -9.03 -38.67
N GLU D 206 26.29 -10.36 -38.75
CA GLU D 206 25.09 -11.08 -39.18
C GLU D 206 24.27 -11.68 -38.04
N PHE D 207 23.03 -11.24 -37.97
CA PHE D 207 22.06 -11.73 -36.99
C PHE D 207 20.69 -11.31 -37.45
N GLU D 208 19.68 -11.93 -36.84
CA GLU D 208 18.31 -11.63 -37.20
C GLU D 208 17.60 -10.87 -36.07
N ILE D 209 16.71 -9.95 -36.43
CA ILE D 209 15.93 -9.28 -35.39
C ILE D 209 14.57 -9.96 -35.32
N TRP D 210 14.46 -10.97 -34.47
CA TRP D 210 13.26 -11.79 -34.40
C TRP D 210 11.97 -11.01 -34.08
N TYR D 211 12.03 -10.14 -33.07
CA TYR D 211 10.84 -9.43 -32.64
C TYR D 211 11.16 -8.08 -31.96
N GLY D 212 10.31 -7.07 -32.17
CA GLY D 212 10.56 -5.78 -31.50
C GLY D 212 10.70 -4.61 -32.44
N ASP D 213 10.57 -3.35 -31.90
CA ASP D 213 10.65 -2.05 -32.61
C ASP D 213 10.22 -0.78 -31.77
N PRO D 214 11.20 0.09 -31.35
CA PRO D 214 10.83 1.22 -30.48
C PRO D 214 9.85 2.14 -31.06
N ASP D 215 9.66 1.91 -32.30
CA ASP D 215 8.95 2.95 -33.05
C ASP D 215 7.49 2.57 -33.15
N LYS D 216 7.16 1.41 -32.59
CA LYS D 216 5.81 0.87 -32.61
C LYS D 216 5.22 0.92 -31.19
N ASP D 217 3.89 0.78 -31.11
CA ASP D 217 3.16 0.82 -29.86
C ASP D 217 3.19 -0.51 -29.09
N HIS D 218 2.98 -1.61 -29.78
CA HIS D 218 2.97 -2.93 -29.13
C HIS D 218 1.84 -3.15 -28.14
N GLY D 219 1.32 -2.07 -27.54
CA GLY D 219 0.21 -2.20 -26.61
C GLY D 219 0.38 -3.30 -25.57
N SER D 220 -0.58 -4.23 -25.51
CA SER D 220 -0.54 -5.32 -24.53
C SER D 220 0.61 -6.34 -24.66
N SER D 221 1.41 -6.18 -25.71
CA SER D 221 2.55 -7.06 -25.94
C SER D 221 3.76 -6.51 -25.18
N THR D 222 4.20 -7.25 -24.18
CA THR D 222 5.38 -6.85 -23.40
C THR D 222 6.24 -8.09 -23.26
N LEU D 223 7.55 -7.87 -23.45
CA LEU D 223 8.52 -8.94 -23.38
C LEU D 223 9.74 -8.45 -22.63
N GLU D 224 10.33 -9.34 -21.84
CA GLU D 224 11.53 -8.97 -21.07
C GLU D 224 12.57 -10.10 -21.03
N GLY D 225 13.79 -9.76 -21.42
CA GLY D 225 14.89 -10.71 -21.45
C GLY D 225 14.98 -11.69 -20.28
N GLY D 226 14.89 -11.18 -19.04
CA GLY D 226 14.95 -12.07 -17.88
C GLY D 226 14.01 -13.26 -17.92
N ASP D 227 13.01 -13.21 -18.79
CA ASP D 227 12.03 -14.28 -18.98
C ASP D 227 12.29 -15.06 -20.26
N VAL D 228 13.52 -15.02 -20.77
CA VAL D 228 13.87 -15.74 -21.98
C VAL D 228 15.14 -16.56 -21.80
N MET D 229 15.08 -17.84 -22.16
CA MET D 229 16.21 -18.74 -22.05
C MET D 229 16.32 -19.67 -23.28
N PRO D 230 17.35 -19.38 -24.09
CA PRO D 230 17.64 -20.25 -25.22
C PRO D 230 18.58 -21.31 -24.67
N ILE D 231 18.01 -22.18 -23.85
CA ILE D 231 18.72 -23.26 -23.19
C ILE D 231 19.47 -24.19 -24.12
N GLY D 232 19.17 -24.09 -25.42
CA GLY D 232 19.83 -24.93 -26.43
C GLY D 232 18.94 -26.02 -27.03
N ASN D 233 19.57 -26.96 -27.74
CA ASN D 233 18.85 -28.09 -28.33
C ASN D 233 17.64 -27.62 -29.17
N GLY D 234 17.76 -26.44 -29.78
CA GLY D 234 16.59 -25.90 -30.54
C GLY D 234 15.34 -25.43 -29.79
N VAL D 235 15.47 -25.19 -28.49
CA VAL D 235 14.35 -24.80 -27.66
C VAL D 235 14.58 -23.48 -26.96
N VAL D 236 13.49 -22.82 -26.59
CA VAL D 236 13.55 -21.56 -25.88
C VAL D 236 12.52 -21.57 -24.74
N LEU D 237 12.95 -21.28 -23.52
CA LEU D 237 12.03 -21.22 -22.36
C LEU D 237 11.62 -19.75 -22.20
N ILE D 238 10.33 -19.50 -22.11
CA ILE D 238 9.89 -18.13 -21.89
C ILE D 238 8.82 -18.04 -20.81
N GLY D 239 9.13 -17.29 -19.75
CA GLY D 239 8.20 -17.12 -18.65
C GLY D 239 7.04 -16.20 -19.04
N MET D 240 5.81 -16.63 -18.70
CA MET D 240 4.62 -15.85 -19.03
C MET D 240 3.67 -15.50 -17.89
N GLY D 241 3.05 -14.33 -18.01
CA GLY D 241 2.10 -13.90 -17.01
C GLY D 241 2.49 -12.66 -16.22
N GLU D 242 3.80 -12.47 -15.98
CA GLU D 242 4.31 -11.32 -15.22
C GLU D 242 4.78 -10.16 -16.13
N ARG D 243 6.08 -10.10 -16.45
CA ARG D 243 6.60 -9.01 -17.31
C ARG D 243 6.33 -9.30 -18.80
N SER D 244 6.24 -10.57 -19.16
CA SER D 244 6.02 -10.95 -20.57
C SER D 244 4.64 -11.55 -20.86
N SER D 245 3.96 -10.97 -21.85
CA SER D 245 2.60 -11.38 -22.20
C SER D 245 2.51 -12.36 -23.38
N ARG D 246 1.43 -13.15 -23.41
CA ARG D 246 1.21 -14.13 -24.47
C ARG D 246 1.16 -13.37 -25.80
N GLN D 247 0.46 -12.24 -25.83
CA GLN D 247 0.38 -11.41 -27.05
C GLN D 247 1.76 -11.20 -27.70
N ALA D 248 2.80 -11.07 -26.88
CA ALA D 248 4.18 -10.88 -27.37
C ALA D 248 4.87 -12.21 -27.73
N ILE D 249 4.80 -13.17 -26.80
CA ILE D 249 5.41 -14.47 -26.96
C ILE D 249 4.93 -15.16 -28.23
N GLY D 250 3.63 -15.03 -28.51
CA GLY D 250 3.08 -15.66 -29.69
C GLY D 250 3.87 -15.21 -30.88
N GLN D 251 3.94 -13.90 -31.03
CA GLN D 251 4.68 -13.32 -32.14
C GLN D 251 6.14 -13.74 -32.13
N VAL D 252 6.74 -13.84 -30.94
CA VAL D 252 8.13 -14.26 -30.85
C VAL D 252 8.25 -15.71 -31.38
N ALA D 253 7.43 -16.59 -30.82
CA ALA D 253 7.43 -17.97 -31.24
C ALA D 253 7.09 -18.07 -32.74
N GLN D 254 6.24 -17.17 -33.23
CA GLN D 254 5.86 -17.24 -34.64
C GLN D 254 7.04 -16.91 -35.52
N SER D 255 7.79 -15.88 -35.16
CA SER D 255 8.96 -15.48 -35.93
C SER D 255 10.09 -16.51 -35.86
N LEU D 256 10.36 -17.04 -34.68
CA LEU D 256 11.46 -18.01 -34.51
C LEU D 256 11.22 -19.27 -35.31
N PHE D 257 9.96 -19.61 -35.54
CA PHE D 257 9.64 -20.83 -36.26
C PHE D 257 9.75 -20.64 -37.77
N ALA D 258 9.27 -19.50 -38.25
CA ALA D 258 9.29 -19.15 -39.67
C ALA D 258 10.67 -19.29 -40.23
N LYS D 259 11.63 -18.78 -39.49
CA LYS D 259 13.04 -18.80 -39.86
C LYS D 259 13.85 -19.92 -39.19
N GLY D 260 13.16 -20.93 -38.68
CA GLY D 260 13.84 -22.10 -38.17
C GLY D 260 14.97 -21.76 -37.21
N ALA D 261 14.65 -21.01 -36.15
CA ALA D 261 15.63 -20.65 -35.14
C ALA D 261 15.36 -21.51 -33.91
N ALA D 262 14.13 -22.02 -33.80
CA ALA D 262 13.74 -22.87 -32.68
C ALA D 262 12.72 -23.88 -33.13
N GLU D 263 12.68 -25.03 -32.44
CA GLU D 263 11.74 -26.10 -32.78
C GLU D 263 10.60 -26.21 -31.77
N ARG D 264 10.71 -25.48 -30.67
CA ARG D 264 9.70 -25.54 -29.64
C ARG D 264 9.96 -24.52 -28.56
N VAL D 265 8.88 -23.99 -28.01
CA VAL D 265 9.03 -23.01 -26.94
C VAL D 265 8.30 -23.46 -25.71
N ILE D 266 9.02 -23.63 -24.60
CA ILE D 266 8.39 -24.04 -23.36
C ILE D 266 7.94 -22.76 -22.66
N VAL D 267 6.66 -22.44 -22.74
CA VAL D 267 6.15 -21.24 -22.10
C VAL D 267 5.97 -21.51 -20.62
N ALA D 268 6.76 -20.87 -19.76
CA ALA D 268 6.58 -21.11 -18.32
C ALA D 268 5.48 -20.20 -17.72
N GLY D 269 4.35 -20.83 -17.40
CA GLY D 269 3.22 -20.12 -16.84
C GLY D 269 3.54 -19.75 -15.43
N LEU D 270 3.79 -18.47 -15.19
CA LEU D 270 4.14 -17.99 -13.85
C LEU D 270 2.98 -17.45 -13.01
N PRO D 271 2.92 -17.89 -11.77
CA PRO D 271 1.82 -17.42 -10.91
C PRO D 271 1.79 -15.91 -10.83
N LYS D 272 0.60 -15.34 -10.87
CA LYS D 272 0.47 -13.88 -10.82
C LYS D 272 0.88 -13.23 -9.50
N SER D 273 1.29 -11.97 -9.61
CA SER D 273 1.75 -11.15 -8.49
C SER D 273 2.18 -9.81 -9.07
N ARG D 274 1.39 -8.77 -8.83
CA ARG D 274 1.69 -7.44 -9.36
C ARG D 274 3.07 -7.00 -8.94
N ALA D 275 3.58 -7.68 -7.91
CA ALA D 275 4.92 -7.46 -7.37
C ALA D 275 5.99 -7.89 -8.41
N ALA D 276 5.67 -7.78 -9.70
CA ALA D 276 6.55 -8.13 -10.84
C ALA D 276 7.08 -9.58 -10.79
N MET D 277 8.39 -9.68 -11.05
CA MET D 277 9.24 -10.89 -10.91
C MET D 277 9.35 -11.84 -12.09
N HIS D 278 10.56 -11.75 -12.65
CA HIS D 278 11.04 -12.47 -13.84
C HIS D 278 11.36 -13.92 -13.57
N LEU D 279 11.41 -14.69 -14.64
CA LEU D 279 11.67 -16.11 -14.57
C LEU D 279 13.09 -16.40 -14.05
N ASP D 280 14.03 -15.56 -14.40
CA ASP D 280 15.38 -15.81 -13.96
C ASP D 280 15.61 -15.45 -12.52
N THR D 281 14.55 -15.01 -11.82
CA THR D 281 14.72 -14.66 -10.42
C THR D 281 14.36 -15.85 -9.55
N VAL D 282 13.57 -16.78 -10.09
CA VAL D 282 13.14 -17.95 -9.31
C VAL D 282 13.68 -19.27 -9.84
N PHE D 283 14.20 -19.22 -11.06
CA PHE D 283 14.76 -20.38 -11.75
C PHE D 283 16.08 -20.02 -12.45
N SER D 284 17.16 -20.75 -12.21
CA SER D 284 18.41 -20.39 -12.90
C SER D 284 19.41 -21.49 -13.18
N PHE D 285 19.89 -21.53 -14.42
CA PHE D 285 20.89 -22.53 -14.79
C PHE D 285 22.21 -22.16 -14.17
N CYS D 286 22.87 -23.17 -13.63
CA CYS D 286 24.15 -22.98 -13.01
C CYS D 286 25.11 -23.84 -13.77
N ASP D 287 24.59 -24.92 -14.34
CA ASP D 287 25.35 -25.94 -15.01
C ASP D 287 24.40 -26.65 -15.98
N ARG D 288 24.96 -27.35 -16.95
CA ARG D 288 24.18 -28.05 -17.95
C ARG D 288 23.03 -28.91 -17.42
N ASP D 289 23.18 -29.48 -16.21
CA ASP D 289 22.12 -30.30 -15.58
C ASP D 289 21.83 -29.81 -14.17
N LEU D 290 22.29 -28.60 -13.84
CA LEU D 290 22.12 -28.02 -12.52
C LEU D 290 21.32 -26.74 -12.64
N VAL D 291 20.45 -26.49 -11.67
CA VAL D 291 19.66 -25.26 -11.69
C VAL D 291 19.30 -24.86 -10.26
N THR D 292 19.23 -23.56 -9.98
CA THR D 292 18.78 -23.15 -8.64
C THR D 292 17.29 -22.89 -8.83
N VAL D 293 16.53 -22.93 -7.74
CA VAL D 293 15.10 -22.75 -7.85
C VAL D 293 14.47 -22.24 -6.57
N PHE D 294 13.52 -21.31 -6.65
CA PHE D 294 12.80 -20.85 -5.47
C PHE D 294 11.54 -21.72 -5.44
N PRO D 295 11.59 -22.87 -4.74
CA PRO D 295 10.46 -23.80 -4.65
C PRO D 295 9.08 -23.14 -4.62
N GLU D 296 8.82 -22.41 -3.54
CA GLU D 296 7.55 -21.76 -3.36
C GLU D 296 6.92 -21.07 -4.59
N VAL D 297 7.72 -20.68 -5.59
CA VAL D 297 7.09 -20.25 -6.89
C VAL D 297 7.22 -21.18 -8.13
N VAL D 298 8.33 -21.91 -8.22
CA VAL D 298 8.54 -22.81 -9.34
C VAL D 298 7.57 -24.01 -9.37
N LYS D 299 7.19 -24.51 -8.19
CA LYS D 299 6.26 -25.66 -8.15
C LYS D 299 4.83 -25.19 -8.30
N GLU D 300 4.68 -23.97 -8.76
CA GLU D 300 3.43 -23.43 -9.28
C GLU D 300 3.43 -23.07 -10.74
N ILE D 301 4.50 -23.45 -11.41
CA ILE D 301 4.59 -23.12 -12.80
C ILE D 301 3.93 -24.15 -13.68
N VAL D 302 3.02 -23.66 -14.51
CA VAL D 302 2.31 -24.50 -15.43
C VAL D 302 3.01 -24.41 -16.77
N PRO D 303 3.61 -25.52 -17.19
CA PRO D 303 4.34 -25.66 -18.45
C PRO D 303 3.44 -25.82 -19.67
N PHE D 304 3.88 -25.29 -20.80
CA PHE D 304 3.13 -25.41 -22.04
C PHE D 304 4.17 -25.47 -23.14
N SER D 305 3.81 -26.05 -24.27
CA SER D 305 4.73 -26.14 -25.39
C SER D 305 4.18 -25.62 -26.70
N LEU D 306 4.89 -24.65 -27.25
CA LEU D 306 4.53 -24.07 -28.52
C LEU D 306 5.43 -24.74 -29.55
N ARG D 307 4.79 -25.43 -30.50
CA ARG D 307 5.51 -26.11 -31.55
C ARG D 307 4.95 -25.58 -32.84
N PRO D 308 5.79 -25.49 -33.87
CA PRO D 308 5.23 -24.99 -35.12
C PRO D 308 4.34 -26.08 -35.70
N ASP D 309 3.17 -25.69 -36.17
CA ASP D 309 2.23 -26.61 -36.77
C ASP D 309 2.00 -26.06 -38.17
N PRO D 310 2.47 -26.78 -39.21
CA PRO D 310 2.32 -26.36 -40.61
C PRO D 310 0.88 -26.18 -41.10
N SER D 311 -0.05 -26.90 -40.47
CA SER D 311 -1.46 -26.89 -40.82
C SER D 311 -2.41 -26.23 -39.82
N SER D 312 -2.14 -24.98 -39.48
CA SER D 312 -2.98 -24.23 -38.55
C SER D 312 -2.96 -22.81 -39.07
N PRO D 313 -4.13 -22.13 -39.09
CA PRO D 313 -4.18 -20.75 -39.57
C PRO D 313 -3.09 -19.85 -38.99
N TYR D 314 -2.76 -20.06 -37.72
CA TYR D 314 -1.72 -19.27 -37.05
C TYR D 314 -0.35 -19.99 -37.12
N GLY D 315 -0.40 -21.28 -37.47
CA GLY D 315 0.82 -22.05 -37.65
C GLY D 315 1.61 -22.52 -36.46
N MET D 316 0.93 -23.09 -35.47
CA MET D 316 1.58 -23.62 -34.28
C MET D 316 0.58 -24.13 -33.25
N ASN D 317 0.92 -25.20 -32.54
CA ASN D 317 0.04 -25.75 -31.52
C ASN D 317 0.58 -25.63 -30.09
N ILE D 318 -0.32 -25.33 -29.18
CA ILE D 318 0.07 -25.19 -27.79
C ILE D 318 -0.44 -26.34 -26.95
N ARG D 319 0.44 -27.28 -26.65
CA ARG D 319 0.01 -28.38 -25.80
C ARG D 319 0.49 -28.11 -24.37
N ARG D 320 -0.42 -28.23 -23.42
CA ARG D 320 -0.08 -28.06 -22.02
C ARG D 320 0.65 -29.32 -21.58
N GLU D 321 1.81 -29.19 -20.95
CA GLU D 321 2.54 -30.38 -20.51
C GLU D 321 1.94 -30.81 -19.18
N GLU D 322 1.92 -32.11 -18.90
CA GLU D 322 1.37 -32.55 -17.62
C GLU D 322 2.41 -32.99 -16.61
N LYS D 323 3.66 -32.63 -16.87
CA LYS D 323 4.78 -32.96 -16.01
C LYS D 323 5.16 -31.63 -15.36
N THR D 324 5.96 -31.65 -14.29
CA THR D 324 6.35 -30.37 -13.68
C THR D 324 7.34 -29.64 -14.59
N PHE D 325 7.35 -28.33 -14.47
CA PHE D 325 8.26 -27.49 -15.24
C PHE D 325 9.71 -28.06 -15.18
N LEU D 326 10.18 -28.45 -13.99
CA LEU D 326 11.54 -29.00 -13.87
C LEU D 326 11.66 -30.32 -14.60
N GLU D 327 10.52 -30.92 -14.96
CA GLU D 327 10.54 -32.18 -15.70
C GLU D 327 10.45 -31.89 -17.19
N VAL D 328 9.71 -30.85 -17.54
CA VAL D 328 9.57 -30.47 -18.94
C VAL D 328 10.88 -29.89 -19.46
N VAL D 329 11.63 -29.25 -18.57
CA VAL D 329 12.91 -28.68 -18.94
C VAL D 329 13.92 -29.80 -19.13
N ALA D 330 14.08 -30.60 -18.08
CA ALA D 330 15.00 -31.74 -18.08
C ALA D 330 14.91 -32.55 -19.36
N GLU D 331 13.71 -33.07 -19.61
CA GLU D 331 13.43 -33.90 -20.78
C GLU D 331 13.65 -33.19 -22.11
N SER D 332 13.64 -31.87 -22.12
CA SER D 332 13.83 -31.18 -23.38
C SER D 332 15.30 -31.06 -23.73
N LEU D 333 16.17 -31.60 -22.89
CA LEU D 333 17.60 -31.56 -23.17
C LEU D 333 18.07 -33.00 -23.05
N GLY D 334 17.20 -33.92 -23.41
CA GLY D 334 17.56 -35.31 -23.31
C GLY D 334 18.02 -35.64 -21.90
N LEU D 335 17.55 -34.88 -20.91
CA LEU D 335 17.98 -35.13 -19.54
C LEU D 335 17.04 -35.91 -18.62
N LYS D 336 17.58 -36.98 -18.05
CA LYS D 336 16.86 -37.84 -17.11
C LYS D 336 16.17 -36.96 -16.08
N LYS D 337 16.98 -36.16 -15.37
CA LYS D 337 16.48 -35.25 -14.34
C LYS D 337 17.47 -34.15 -14.04
N LEU D 338 16.95 -32.95 -13.79
CA LEU D 338 17.78 -31.80 -13.46
C LEU D 338 18.20 -31.93 -12.01
N ARG D 339 19.38 -31.43 -11.66
CA ARG D 339 19.82 -31.45 -10.27
C ARG D 339 19.43 -30.05 -9.83
N VAL D 340 19.03 -29.94 -8.56
CA VAL D 340 18.60 -28.66 -8.04
C VAL D 340 19.15 -28.30 -6.68
N VAL D 341 19.26 -26.99 -6.51
CA VAL D 341 19.73 -26.33 -5.30
C VAL D 341 18.60 -25.36 -4.97
N GLU D 342 17.98 -25.53 -3.81
CA GLU D 342 16.87 -24.68 -3.40
C GLU D 342 17.28 -23.37 -2.76
N THR D 343 16.64 -22.32 -3.20
CA THR D 343 16.90 -20.98 -2.74
C THR D 343 15.76 -20.50 -1.85
N GLY D 344 15.92 -19.35 -1.22
CA GLY D 344 14.87 -18.84 -0.37
C GLY D 344 14.77 -19.73 0.83
N GLY D 345 15.60 -19.45 1.83
CA GLY D 345 15.63 -20.23 3.06
C GLY D 345 14.31 -20.37 3.79
N ARG D 352 20.53 -22.70 5.52
CA ARG D 352 19.66 -23.07 6.62
C ARG D 352 19.89 -22.19 7.86
N GLU D 353 20.79 -21.21 7.74
CA GLU D 353 21.12 -20.31 8.85
C GLU D 353 20.35 -18.98 8.85
N GLN D 354 19.99 -18.50 7.66
CA GLN D 354 19.27 -17.25 7.50
C GLN D 354 18.67 -17.35 6.12
N TRP D 355 17.82 -16.39 5.75
CA TRP D 355 17.16 -16.40 4.43
C TRP D 355 18.17 -16.26 3.31
N ASP D 356 17.94 -16.96 2.20
CA ASP D 356 18.88 -16.96 1.09
C ASP D 356 18.23 -16.74 -0.27
N ASP D 357 18.74 -15.81 -1.05
CA ASP D 357 18.13 -15.57 -2.33
C ASP D 357 19.11 -15.77 -3.50
N GLY D 358 19.76 -16.93 -3.46
CA GLY D 358 20.75 -17.31 -4.44
C GLY D 358 20.42 -17.55 -5.91
N ASN D 359 19.21 -17.22 -6.37
CA ASN D 359 18.95 -17.39 -7.78
C ASN D 359 19.60 -16.24 -8.51
N ASN D 360 19.66 -16.33 -9.85
CA ASN D 360 19.99 -15.15 -10.71
C ASN D 360 21.50 -15.13 -10.91
N VAL D 361 22.19 -16.24 -10.70
CA VAL D 361 23.63 -16.20 -10.95
C VAL D 361 23.79 -16.22 -12.48
N VAL D 362 25.02 -16.08 -12.99
CA VAL D 362 25.24 -16.10 -14.44
C VAL D 362 26.46 -16.97 -14.82
N CYS D 363 26.23 -17.88 -15.75
CA CYS D 363 27.28 -18.78 -16.17
C CYS D 363 28.25 -18.14 -17.13
N LEU D 364 29.54 -18.37 -16.85
CA LEU D 364 30.58 -17.84 -17.71
C LEU D 364 30.98 -18.94 -18.68
N GLU D 365 30.91 -20.18 -18.20
CA GLU D 365 31.27 -21.38 -18.93
C GLU D 365 30.76 -22.55 -18.10
N PRO D 366 30.41 -23.68 -18.73
CA PRO D 366 29.88 -24.83 -17.97
C PRO D 366 30.68 -25.06 -16.70
N GLY D 367 30.05 -24.89 -15.54
CA GLY D 367 30.77 -25.08 -14.29
C GLY D 367 31.32 -23.82 -13.63
N VAL D 368 31.08 -22.66 -14.20
CA VAL D 368 31.61 -21.44 -13.62
C VAL D 368 30.56 -20.34 -13.67
N VAL D 369 30.09 -19.98 -12.48
CA VAL D 369 29.07 -18.93 -12.31
C VAL D 369 29.60 -17.74 -11.52
N VAL D 370 28.77 -16.73 -11.45
CA VAL D 370 29.11 -15.56 -10.69
C VAL D 370 27.84 -15.19 -10.00
N GLY D 371 27.96 -14.99 -8.70
CA GLY D 371 26.81 -14.64 -7.90
C GLY D 371 27.20 -13.66 -6.81
N TYR D 372 26.28 -13.42 -5.88
CA TYR D 372 26.53 -12.50 -4.80
C TYR D 372 27.16 -13.22 -3.62
N ASP D 373 28.04 -12.48 -2.95
CA ASP D 373 28.79 -12.96 -1.80
C ASP D 373 27.89 -13.36 -0.64
N ARG D 374 26.88 -12.56 -0.37
CA ARG D 374 25.96 -12.84 0.73
C ARG D 374 25.21 -14.16 0.77
N ASN D 375 24.92 -14.75 -0.39
CA ASN D 375 24.19 -16.02 -0.38
C ASN D 375 25.11 -17.20 -0.15
N THR D 376 25.64 -17.26 1.06
CA THR D 376 26.60 -18.29 1.38
C THR D 376 26.11 -19.70 1.39
N TYR D 377 24.82 -19.88 1.61
CA TYR D 377 24.24 -21.20 1.64
C TYR D 377 24.27 -21.76 0.23
N THR D 378 23.46 -21.14 -0.63
CA THR D 378 23.23 -21.48 -1.99
C THR D 378 24.61 -21.75 -2.57
N ASN D 379 25.52 -20.79 -2.37
CA ASN D 379 26.88 -20.91 -2.89
C ASN D 379 27.66 -22.10 -2.39
N THR D 380 27.63 -22.33 -1.10
CA THR D 380 28.30 -23.51 -0.61
C THR D 380 27.73 -24.80 -1.29
N LEU D 381 26.45 -24.78 -1.68
CA LEU D 381 25.84 -25.95 -2.32
C LEU D 381 26.17 -26.00 -3.81
N LEU D 382 26.27 -24.85 -4.45
CA LEU D 382 26.64 -24.85 -5.84
C LEU D 382 28.05 -25.40 -5.89
N ARG D 383 28.87 -25.03 -4.92
CA ARG D 383 30.24 -25.54 -4.88
C ARG D 383 30.23 -27.03 -4.56
N LYS D 384 29.50 -27.46 -3.54
CA LYS D 384 29.48 -28.92 -3.26
C LYS D 384 28.98 -29.70 -4.47
N ALA D 385 28.25 -29.04 -5.36
CA ALA D 385 27.73 -29.70 -6.56
C ALA D 385 28.71 -29.49 -7.69
N GLY D 386 29.96 -29.27 -7.30
CA GLY D 386 31.01 -29.14 -8.30
C GLY D 386 31.11 -27.92 -9.18
N VAL D 387 30.50 -26.81 -8.77
CA VAL D 387 30.58 -25.55 -9.53
C VAL D 387 31.58 -24.62 -8.81
N GLU D 388 32.27 -23.77 -9.57
CA GLU D 388 33.20 -22.79 -9.00
C GLU D 388 32.33 -21.54 -8.98
N VAL D 389 32.15 -20.94 -7.82
CA VAL D 389 31.32 -19.78 -7.77
C VAL D 389 32.13 -18.54 -7.50
N ILE D 390 32.13 -17.58 -8.44
CA ILE D 390 32.86 -16.34 -8.21
C ILE D 390 31.82 -15.37 -7.67
N THR D 391 32.22 -14.51 -6.74
CA THR D 391 31.28 -13.59 -6.15
C THR D 391 31.61 -12.11 -6.22
N ILE D 392 30.54 -11.29 -6.31
CA ILE D 392 30.65 -9.84 -6.35
C ILE D 392 29.80 -9.34 -5.17
N SER D 393 29.88 -8.05 -4.85
CA SER D 393 29.14 -7.53 -3.72
C SER D 393 27.77 -7.01 -4.07
N ALA D 394 26.78 -7.41 -3.27
CA ALA D 394 25.38 -7.04 -3.45
C ALA D 394 24.94 -5.75 -2.80
N SER D 395 25.72 -5.28 -1.82
CA SER D 395 25.42 -4.05 -1.07
C SER D 395 24.79 -2.89 -1.86
N GLU D 396 25.26 -2.63 -3.07
CA GLU D 396 24.62 -1.57 -3.81
C GLU D 396 23.88 -2.13 -5.05
N LEU D 397 24.60 -2.80 -5.94
CA LEU D 397 23.99 -3.34 -7.15
C LEU D 397 22.71 -4.11 -6.87
N GLY D 398 22.63 -4.68 -5.66
CA GLY D 398 21.47 -5.48 -5.28
C GLY D 398 20.25 -4.74 -4.78
N ARG D 399 20.43 -3.49 -4.35
CA ARG D 399 19.29 -2.68 -3.88
C ARG D 399 18.46 -2.34 -5.11
N GLY D 400 18.88 -2.91 -6.22
CA GLY D 400 18.24 -2.73 -7.49
C GLY D 400 17.40 -3.92 -7.91
N ARG D 401 17.33 -4.94 -7.05
CA ARG D 401 16.53 -6.12 -7.36
C ARG D 401 17.07 -6.95 -8.51
N GLY D 402 18.38 -7.20 -8.49
CA GLY D 402 18.95 -7.99 -9.57
C GLY D 402 20.30 -8.60 -9.23
N GLY D 403 20.59 -9.72 -9.89
CA GLY D 403 21.84 -10.44 -9.71
C GLY D 403 22.72 -10.45 -10.98
N GLY D 404 23.73 -11.33 -10.98
CA GLY D 404 24.59 -11.41 -12.16
C GLY D 404 23.82 -11.62 -13.45
N HIS D 405 22.90 -12.57 -13.43
CA HIS D 405 22.11 -12.84 -14.62
C HIS D 405 21.41 -11.57 -15.06
N ALA D 406 20.78 -10.89 -14.10
CA ALA D 406 20.06 -9.69 -14.40
C ALA D 406 20.94 -8.60 -15.00
N MET D 407 22.22 -8.60 -14.63
CA MET D 407 23.11 -7.55 -15.12
C MET D 407 23.91 -7.92 -16.39
N THR D 408 23.53 -9.03 -17.03
CA THR D 408 24.22 -9.46 -18.25
C THR D 408 23.27 -9.73 -19.40
N CYS D 409 23.81 -9.49 -20.60
CA CYS D 409 23.07 -9.70 -21.83
C CYS D 409 24.00 -10.36 -22.83
N PRO D 410 24.07 -11.69 -22.80
CA PRO D 410 24.91 -12.46 -23.72
C PRO D 410 24.58 -12.09 -25.18
N ILE D 411 25.63 -11.96 -25.98
CA ILE D 411 25.52 -11.61 -27.37
C ILE D 411 26.08 -12.82 -28.14
N VAL D 412 27.01 -13.50 -27.48
CA VAL D 412 27.64 -14.69 -28.06
C VAL D 412 28.00 -15.65 -26.94
N ARG D 413 27.31 -16.77 -26.91
CA ARG D 413 27.58 -17.82 -25.93
C ARG D 413 27.46 -19.13 -26.72
N ASP D 414 28.44 -19.99 -26.53
CA ASP D 414 28.51 -21.23 -27.24
C ASP D 414 27.43 -22.28 -26.97
N PRO D 415 27.36 -23.16 -27.96
CA PRO D 415 26.47 -24.30 -27.95
C PRO D 415 26.84 -25.15 -26.81
N ILE D 416 25.96 -25.91 -26.22
CA ILE D 416 26.49 -26.70 -25.13
C ILE D 416 26.94 -28.10 -25.62
N ASP D 417 25.96 -28.99 -25.84
CA ASP D 417 26.11 -30.39 -26.25
C ASP D 417 27.43 -30.97 -25.73
N ARG E . -13.41 6.11 -11.71
CA ARG E . -13.32 7.24 -12.62
C ARG E . -11.87 7.50 -13.03
O ARG E . -11.63 8.15 -14.06
CB ARG E . -13.88 8.55 -11.97
CG ARG E . -13.93 9.74 -12.91
CD ARG E . -14.30 11.09 -12.26
NE ARG E . -14.39 12.16 -13.28
CZ ARG E . -14.46 13.47 -13.04
NH1 ARG E . -14.47 13.92 -11.78
NH2 ARG E . -14.55 14.32 -14.06
OXT ARG E . -10.93 6.99 -12.38
N ARG F . -15.57 -2.49 9.94
CA ARG F . -15.68 -3.60 10.95
C ARG F . -14.32 -4.09 11.42
O ARG F . -14.23 -4.49 12.61
CB ARG F . -16.44 -4.79 10.35
CG ARG F . -16.64 -5.95 11.32
CD ARG F . -17.31 -7.15 10.70
NE ARG F . -17.69 -8.06 11.78
CZ ARG F . -18.20 -9.27 11.64
NH1 ARG F . -18.41 -9.78 10.43
NH2 ARG F . -18.50 -9.98 12.72
OXT ARG F . -13.38 -4.07 10.59
N ARG G . 13.89 -0.21 12.55
CA ARG G . 14.13 0.50 13.83
C ARG G . 12.80 1.09 14.15
O ARG G . 12.57 1.37 15.35
CB ARG G . 15.12 1.67 13.69
CG ARG G . 15.39 2.41 15.03
CD ARG G . 16.04 3.74 14.81
NE ARG G . 16.30 4.48 16.04
CZ ARG G . 16.74 5.77 16.05
NH1 ARG G . 16.94 6.42 14.90
NH2 ARG G . 16.99 6.39 17.20
OXT ARG G . 12.04 1.25 13.19
N ARG H . 14.95 -3.12 -10.71
CA ARG H . 14.83 -3.94 -11.97
C ARG H . 13.39 -3.98 -12.48
O ARG H . 13.21 -4.10 -13.72
CB ARG H . 15.32 -5.38 -11.73
CG ARG H . 15.62 -6.14 -13.02
CD ARG H . 15.75 -7.67 -12.78
NE ARG H . 15.92 -8.40 -14.03
CZ ARG H . 16.06 -9.72 -14.13
NH1 ARG H . 16.05 -10.46 -13.02
NH2 ARG H . 16.21 -10.30 -15.31
OXT ARG H . 12.46 -3.90 -11.66
#